data_4CHE
# 
_entry.id   4CHE 
# 
_audit_conform.dict_name       mmcif_pdbx.dic 
_audit_conform.dict_version    5.391 
_audit_conform.dict_location   http://mmcif.pdb.org/dictionaries/ascii/mmcif_pdbx.dic 
# 
loop_
_database_2.database_id 
_database_2.database_code 
_database_2.pdbx_database_accession 
_database_2.pdbx_DOI 
PDB   4CHE         pdb_00004che 10.2210/pdb4che/pdb 
PDBE  EBI-59131    ?            ?                   
WWPDB D_1290059131 ?            ?                   
# 
loop_
_pdbx_audit_revision_history.ordinal 
_pdbx_audit_revision_history.data_content_type 
_pdbx_audit_revision_history.major_revision 
_pdbx_audit_revision_history.minor_revision 
_pdbx_audit_revision_history.revision_date 
1 'Structure model' 1 0 2014-02-05 
2 'Structure model' 1 1 2019-05-08 
3 'Structure model' 1 2 2024-05-08 
# 
_pdbx_audit_revision_details.ordinal             1 
_pdbx_audit_revision_details.revision_ordinal    1 
_pdbx_audit_revision_details.data_content_type   'Structure model' 
_pdbx_audit_revision_details.provider            repository 
_pdbx_audit_revision_details.type                'Initial release' 
_pdbx_audit_revision_details.description         ? 
_pdbx_audit_revision_details.details             ? 
# 
loop_
_pdbx_audit_revision_group.ordinal 
_pdbx_audit_revision_group.revision_ordinal 
_pdbx_audit_revision_group.data_content_type 
_pdbx_audit_revision_group.group 
1 2 'Structure model' 'Data collection'          
2 2 'Structure model' 'Experimental preparation' 
3 2 'Structure model' Other                      
4 3 'Structure model' 'Data collection'          
5 3 'Structure model' 'Database references'      
6 3 'Structure model' Other                      
# 
loop_
_pdbx_audit_revision_category.ordinal 
_pdbx_audit_revision_category.revision_ordinal 
_pdbx_audit_revision_category.data_content_type 
_pdbx_audit_revision_category.category 
1 2 'Structure model' exptl_crystal_grow   
2 2 'Structure model' pdbx_database_proc   
3 2 'Structure model' pdbx_database_status 
4 3 'Structure model' chem_comp_atom       
5 3 'Structure model' chem_comp_bond       
6 3 'Structure model' database_2           
7 3 'Structure model' pdbx_database_status 
# 
loop_
_pdbx_audit_revision_item.ordinal 
_pdbx_audit_revision_item.revision_ordinal 
_pdbx_audit_revision_item.data_content_type 
_pdbx_audit_revision_item.item 
1 2 'Structure model' '_exptl_crystal_grow.temp'                    
2 2 'Structure model' '_pdbx_database_status.recvd_author_approval' 
3 3 'Structure model' '_database_2.pdbx_DOI'                        
4 3 'Structure model' '_database_2.pdbx_database_accession'         
5 3 'Structure model' '_pdbx_database_status.status_code_sf'        
# 
_pdbx_database_status.status_code                     REL 
_pdbx_database_status.entry_id                        4CHE 
_pdbx_database_status.deposit_site                    PDBE 
_pdbx_database_status.process_site                    PDBE 
_pdbx_database_status.SG_entry                        . 
_pdbx_database_status.recvd_initial_deposition_date   2013-12-01 
_pdbx_database_status.pdb_format_compatible           Y 
_pdbx_database_status.status_code_sf                  REL 
_pdbx_database_status.status_code_mr                  ? 
_pdbx_database_status.status_code_cs                  ? 
_pdbx_database_status.methods_development_category    ? 
_pdbx_database_status.status_code_nmr_data            ? 
# 
loop_
_pdbx_database_related.db_name 
_pdbx_database_related.db_id 
_pdbx_database_related.content_type 
_pdbx_database_related.details 
PDB 4CGS unspecified 'CRYSTAL STRUCTURE OF THE N-TERMINAL DOMAIN OF THE PA SUBUNIT OF DHORI VIRUS POLYMERASE' 
PDB 4CGX unspecified 'CRYSTAL STRUCTURE OF THE N-TERMINAL DOMAIN OF THE PA SUBUNIT OF THOGOTO VIRUS POLYMERASE (FORM 1)' 
PDB 4CHC unspecified 'CRYSTAL STRUCTURE OF THE N-TERMINAL DOMAIN OF THE PA SUBUNIT OF THOGOTO VIRUS POLYMERASE (FORM 2)' 
PDB 4CHD unspecified 
;CRYSTAL STRUCTURE OF THE '627' DOMAIN OF THE PB2 SUBUNIT OF THOGOTO VIRUS POLYMERASE
;
PDB 4CHF unspecified 
'CRYSTAL STRUCTURE OF THE PUTATIVE CAP-BINDING DOMAIN OF THE PB2 SUBUNIT OF THOGOTO VIRUS POLYMERASE (FORM 2)' 
# 
loop_
_audit_author.name 
_audit_author.pdbx_ordinal 
'Guilligay, D.'   1 
'Kadlec, J.'      2 
'Crepin, T.'      3 
'Lunardi, T.'     4 
'Bouvier, D.'     5 
'Kochs, G.'       6 
'Ruigrok, R.W.H.' 7 
'Cusack, S.'      8 
# 
_citation.id                        primary 
_citation.title                     
'Comparative Structural and Functional Analysis of Orthomyxovirus Polymerase CAP-Snatching Domains.' 
_citation.journal_abbrev            'Plos One' 
_citation.journal_volume            9 
_citation.page_first                84973 
_citation.page_last                 ? 
_citation.year                      2014 
_citation.journal_id_ASTM           ? 
_citation.country                   US 
_citation.journal_id_ISSN           1932-6203 
_citation.journal_id_CSD            ? 
_citation.book_publisher            ? 
_citation.pdbx_database_id_PubMed   24454773 
_citation.pdbx_database_id_DOI      10.1371/JOURNAL.PONE.0084973 
# 
loop_
_citation_author.citation_id 
_citation_author.name 
_citation_author.ordinal 
_citation_author.identifier_ORCID 
primary 'Guilligay, D.'   1 ? 
primary 'Kadlec, J.'      2 ? 
primary 'Crepin, T.'      3 ? 
primary 'Lunardi, T.'     4 ? 
primary 'Bouvier, D.'     5 ? 
primary 'Kochs, G.'       6 ? 
primary 'Ruigrok, R.W.H.' 7 ? 
primary 'Cusack, S.'      8 ? 
# 
loop_
_entity.id 
_entity.type 
_entity.src_method 
_entity.pdbx_description 
_entity.formula_weight 
_entity.pdbx_number_of_molecules 
_entity.pdbx_ec 
_entity.pdbx_mutation 
_entity.pdbx_fragment 
_entity.details 
1 polymer man 'POLYMERASE BASIC PROTEIN 2' 19318.199 1   ? ? 'PUTATIVE CAP-BINDING DOMAIN, RESIDUES 323-486' ? 
2 water   nat water                        18.015    188 ? ? ?                                               ? 
# 
_entity_name_com.entity_id   1 
_entity_name_com.name        'RNA-DIRECTED RNA POLYMERASE SUBUNIT P3' 
# 
_entity_poly.entity_id                      1 
_entity_poly.type                           'polypeptide(L)' 
_entity_poly.nstd_linkage                   no 
_entity_poly.nstd_monomer                   no 
_entity_poly.pdbx_seq_one_letter_code       
;GAMASTHHTMKIRSTKFSILNSDHPRIEVKKVFSLSPDVQVTIPYRRFKGKAKVYFQNDQIQGYFSCTDRQIDEIKISAP
KNAPLLEPLLDICYYGSFIEPGFEQTFGFYPAGKREFVDSFFMHHSKDHKAFLIHMGLDKDLSLPLSPELNWKEPALSKV
CRVTELDS
;
_entity_poly.pdbx_seq_one_letter_code_can   
;GAMASTHHTMKIRSTKFSILNSDHPRIEVKKVFSLSPDVQVTIPYRRFKGKAKVYFQNDQIQGYFSCTDRQIDEIKISAP
KNAPLLEPLLDICYYGSFIEPGFEQTFGFYPAGKREFVDSFFMHHSKDHKAFLIHMGLDKDLSLPLSPELNWKEPALSKV
CRVTELDS
;
_entity_poly.pdbx_strand_id                 A 
_entity_poly.pdbx_target_identifier         ? 
# 
_pdbx_entity_nonpoly.entity_id   2 
_pdbx_entity_nonpoly.name        water 
_pdbx_entity_nonpoly.comp_id     HOH 
# 
loop_
_entity_poly_seq.entity_id 
_entity_poly_seq.num 
_entity_poly_seq.mon_id 
_entity_poly_seq.hetero 
1 1   GLY n 
1 2   ALA n 
1 3   MET n 
1 4   ALA n 
1 5   SER n 
1 6   THR n 
1 7   HIS n 
1 8   HIS n 
1 9   THR n 
1 10  MET n 
1 11  LYS n 
1 12  ILE n 
1 13  ARG n 
1 14  SER n 
1 15  THR n 
1 16  LYS n 
1 17  PHE n 
1 18  SER n 
1 19  ILE n 
1 20  LEU n 
1 21  ASN n 
1 22  SER n 
1 23  ASP n 
1 24  HIS n 
1 25  PRO n 
1 26  ARG n 
1 27  ILE n 
1 28  GLU n 
1 29  VAL n 
1 30  LYS n 
1 31  LYS n 
1 32  VAL n 
1 33  PHE n 
1 34  SER n 
1 35  LEU n 
1 36  SER n 
1 37  PRO n 
1 38  ASP n 
1 39  VAL n 
1 40  GLN n 
1 41  VAL n 
1 42  THR n 
1 43  ILE n 
1 44  PRO n 
1 45  TYR n 
1 46  ARG n 
1 47  ARG n 
1 48  PHE n 
1 49  LYS n 
1 50  GLY n 
1 51  LYS n 
1 52  ALA n 
1 53  LYS n 
1 54  VAL n 
1 55  TYR n 
1 56  PHE n 
1 57  GLN n 
1 58  ASN n 
1 59  ASP n 
1 60  GLN n 
1 61  ILE n 
1 62  GLN n 
1 63  GLY n 
1 64  TYR n 
1 65  PHE n 
1 66  SER n 
1 67  CYS n 
1 68  THR n 
1 69  ASP n 
1 70  ARG n 
1 71  GLN n 
1 72  ILE n 
1 73  ASP n 
1 74  GLU n 
1 75  ILE n 
1 76  LYS n 
1 77  ILE n 
1 78  SER n 
1 79  ALA n 
1 80  PRO n 
1 81  LYS n 
1 82  ASN n 
1 83  ALA n 
1 84  PRO n 
1 85  LEU n 
1 86  LEU n 
1 87  GLU n 
1 88  PRO n 
1 89  LEU n 
1 90  LEU n 
1 91  ASP n 
1 92  ILE n 
1 93  CYS n 
1 94  TYR n 
1 95  TYR n 
1 96  GLY n 
1 97  SER n 
1 98  PHE n 
1 99  ILE n 
1 100 GLU n 
1 101 PRO n 
1 102 GLY n 
1 103 PHE n 
1 104 GLU n 
1 105 GLN n 
1 106 THR n 
1 107 PHE n 
1 108 GLY n 
1 109 PHE n 
1 110 TYR n 
1 111 PRO n 
1 112 ALA n 
1 113 GLY n 
1 114 LYS n 
1 115 ARG n 
1 116 GLU n 
1 117 PHE n 
1 118 VAL n 
1 119 ASP n 
1 120 SER n 
1 121 PHE n 
1 122 PHE n 
1 123 MET n 
1 124 HIS n 
1 125 HIS n 
1 126 SER n 
1 127 LYS n 
1 128 ASP n 
1 129 HIS n 
1 130 LYS n 
1 131 ALA n 
1 132 PHE n 
1 133 LEU n 
1 134 ILE n 
1 135 HIS n 
1 136 MET n 
1 137 GLY n 
1 138 LEU n 
1 139 ASP n 
1 140 LYS n 
1 141 ASP n 
1 142 LEU n 
1 143 SER n 
1 144 LEU n 
1 145 PRO n 
1 146 LEU n 
1 147 SER n 
1 148 PRO n 
1 149 GLU n 
1 150 LEU n 
1 151 ASN n 
1 152 TRP n 
1 153 LYS n 
1 154 GLU n 
1 155 PRO n 
1 156 ALA n 
1 157 LEU n 
1 158 SER n 
1 159 LYS n 
1 160 VAL n 
1 161 CYS n 
1 162 ARG n 
1 163 VAL n 
1 164 THR n 
1 165 GLU n 
1 166 LEU n 
1 167 ASP n 
1 168 SER n 
# 
_entity_src_gen.entity_id                          1 
_entity_src_gen.pdbx_src_id                        1 
_entity_src_gen.pdbx_alt_source_flag               sample 
_entity_src_gen.pdbx_seq_type                      ? 
_entity_src_gen.pdbx_beg_seq_num                   ? 
_entity_src_gen.pdbx_end_seq_num                   ? 
_entity_src_gen.gene_src_common_name               ? 
_entity_src_gen.gene_src_genus                     ? 
_entity_src_gen.pdbx_gene_src_gene                 ? 
_entity_src_gen.gene_src_species                   ? 
_entity_src_gen.gene_src_strain                    ? 
_entity_src_gen.gene_src_tissue                    ? 
_entity_src_gen.gene_src_tissue_fraction           ? 
_entity_src_gen.gene_src_details                   ? 
_entity_src_gen.pdbx_gene_src_fragment             ? 
_entity_src_gen.pdbx_gene_src_scientific_name      'THOGOTO VIRUS' 
_entity_src_gen.pdbx_gene_src_ncbi_taxonomy_id     11569 
_entity_src_gen.pdbx_gene_src_variant              ? 
_entity_src_gen.pdbx_gene_src_cell_line            ? 
_entity_src_gen.pdbx_gene_src_atcc                 ? 
_entity_src_gen.pdbx_gene_src_organ                ? 
_entity_src_gen.pdbx_gene_src_organelle            ? 
_entity_src_gen.pdbx_gene_src_cell                 ? 
_entity_src_gen.pdbx_gene_src_cellular_location    ? 
_entity_src_gen.host_org_common_name               ? 
_entity_src_gen.pdbx_host_org_scientific_name      'ESCHERICHIA COLI' 
_entity_src_gen.pdbx_host_org_ncbi_taxonomy_id     469008 
_entity_src_gen.host_org_genus                     ? 
_entity_src_gen.pdbx_host_org_gene                 ? 
_entity_src_gen.pdbx_host_org_organ                ? 
_entity_src_gen.host_org_species                   ? 
_entity_src_gen.pdbx_host_org_tissue               ? 
_entity_src_gen.pdbx_host_org_tissue_fraction      ? 
_entity_src_gen.pdbx_host_org_strain               'BL21(DE3)' 
_entity_src_gen.pdbx_host_org_variant              'CODON PLUS-RIL' 
_entity_src_gen.pdbx_host_org_cell_line            ? 
_entity_src_gen.pdbx_host_org_atcc                 ? 
_entity_src_gen.pdbx_host_org_culture_collection   ? 
_entity_src_gen.pdbx_host_org_cell                 ? 
_entity_src_gen.pdbx_host_org_organelle            ? 
_entity_src_gen.pdbx_host_org_cellular_location    ? 
_entity_src_gen.pdbx_host_org_vector_type          PLASMID 
_entity_src_gen.pdbx_host_org_vector               PPROEXHTB 
_entity_src_gen.host_org_details                   ? 
_entity_src_gen.expression_system_id               ? 
_entity_src_gen.plasmid_name                       ? 
_entity_src_gen.plasmid_details                    ? 
_entity_src_gen.pdbx_description                   ? 
# 
loop_
_chem_comp.id 
_chem_comp.type 
_chem_comp.mon_nstd_flag 
_chem_comp.name 
_chem_comp.pdbx_synonyms 
_chem_comp.formula 
_chem_comp.formula_weight 
ALA 'L-peptide linking' y ALANINE         ? 'C3 H7 N O2'     89.093  
ARG 'L-peptide linking' y ARGININE        ? 'C6 H15 N4 O2 1' 175.209 
ASN 'L-peptide linking' y ASPARAGINE      ? 'C4 H8 N2 O3'    132.118 
ASP 'L-peptide linking' y 'ASPARTIC ACID' ? 'C4 H7 N O4'     133.103 
CYS 'L-peptide linking' y CYSTEINE        ? 'C3 H7 N O2 S'   121.158 
GLN 'L-peptide linking' y GLUTAMINE       ? 'C5 H10 N2 O3'   146.144 
GLU 'L-peptide linking' y 'GLUTAMIC ACID' ? 'C5 H9 N O4'     147.129 
GLY 'peptide linking'   y GLYCINE         ? 'C2 H5 N O2'     75.067  
HIS 'L-peptide linking' y HISTIDINE       ? 'C6 H10 N3 O2 1' 156.162 
HOH non-polymer         . WATER           ? 'H2 O'           18.015  
ILE 'L-peptide linking' y ISOLEUCINE      ? 'C6 H13 N O2'    131.173 
LEU 'L-peptide linking' y LEUCINE         ? 'C6 H13 N O2'    131.173 
LYS 'L-peptide linking' y LYSINE          ? 'C6 H15 N2 O2 1' 147.195 
MET 'L-peptide linking' y METHIONINE      ? 'C5 H11 N O2 S'  149.211 
PHE 'L-peptide linking' y PHENYLALANINE   ? 'C9 H11 N O2'    165.189 
PRO 'L-peptide linking' y PROLINE         ? 'C5 H9 N O2'     115.130 
SER 'L-peptide linking' y SERINE          ? 'C3 H7 N O3'     105.093 
THR 'L-peptide linking' y THREONINE       ? 'C4 H9 N O3'     119.119 
TRP 'L-peptide linking' y TRYPTOPHAN      ? 'C11 H12 N2 O2'  204.225 
TYR 'L-peptide linking' y TYROSINE        ? 'C9 H11 N O3'    181.189 
VAL 'L-peptide linking' y VALINE          ? 'C5 H11 N O2'    117.146 
# 
loop_
_pdbx_poly_seq_scheme.asym_id 
_pdbx_poly_seq_scheme.entity_id 
_pdbx_poly_seq_scheme.seq_id 
_pdbx_poly_seq_scheme.mon_id 
_pdbx_poly_seq_scheme.ndb_seq_num 
_pdbx_poly_seq_scheme.pdb_seq_num 
_pdbx_poly_seq_scheme.auth_seq_num 
_pdbx_poly_seq_scheme.pdb_mon_id 
_pdbx_poly_seq_scheme.auth_mon_id 
_pdbx_poly_seq_scheme.pdb_strand_id 
_pdbx_poly_seq_scheme.pdb_ins_code 
_pdbx_poly_seq_scheme.hetero 
A 1 1   GLY 1   319 ?   ?   ?   A . n 
A 1 2   ALA 2   320 ?   ?   ?   A . n 
A 1 3   MET 3   321 ?   ?   ?   A . n 
A 1 4   ALA 4   322 ?   ?   ?   A . n 
A 1 5   SER 5   323 ?   ?   ?   A . n 
A 1 6   THR 6   324 ?   ?   ?   A . n 
A 1 7   HIS 7   325 ?   ?   ?   A . n 
A 1 8   HIS 8   326 326 HIS HIS A . n 
A 1 9   THR 9   327 327 THR THR A . n 
A 1 10  MET 10  328 328 MET MET A . n 
A 1 11  LYS 11  329 329 LYS LYS A . n 
A 1 12  ILE 12  330 330 ILE ILE A . n 
A 1 13  ARG 13  331 331 ARG ARG A . n 
A 1 14  SER 14  332 332 SER SER A . n 
A 1 15  THR 15  333 333 THR THR A . n 
A 1 16  LYS 16  334 334 LYS LYS A . n 
A 1 17  PHE 17  335 335 PHE PHE A . n 
A 1 18  SER 18  336 336 SER SER A . n 
A 1 19  ILE 19  337 337 ILE ILE A . n 
A 1 20  LEU 20  338 338 LEU LEU A . n 
A 1 21  ASN 21  339 339 ASN ASN A . n 
A 1 22  SER 22  340 340 SER SER A . n 
A 1 23  ASP 23  341 341 ASP ASP A . n 
A 1 24  HIS 24  342 342 HIS HIS A . n 
A 1 25  PRO 25  343 343 PRO PRO A . n 
A 1 26  ARG 26  344 344 ARG ARG A . n 
A 1 27  ILE 27  345 345 ILE ILE A . n 
A 1 28  GLU 28  346 346 GLU GLU A . n 
A 1 29  VAL 29  347 347 VAL VAL A . n 
A 1 30  LYS 30  348 348 LYS LYS A . n 
A 1 31  LYS 31  349 349 LYS LYS A . n 
A 1 32  VAL 32  350 350 VAL VAL A . n 
A 1 33  PHE 33  351 351 PHE PHE A . n 
A 1 34  SER 34  352 352 SER SER A . n 
A 1 35  LEU 35  353 353 LEU LEU A . n 
A 1 36  SER 36  354 354 SER SER A . n 
A 1 37  PRO 37  355 355 PRO PRO A . n 
A 1 38  ASP 38  356 356 ASP ASP A . n 
A 1 39  VAL 39  357 357 VAL VAL A . n 
A 1 40  GLN 40  358 358 GLN GLN A . n 
A 1 41  VAL 41  359 359 VAL VAL A . n 
A 1 42  THR 42  360 360 THR THR A . n 
A 1 43  ILE 43  361 361 ILE ILE A . n 
A 1 44  PRO 44  362 362 PRO PRO A . n 
A 1 45  TYR 45  363 363 TYR TYR A . n 
A 1 46  ARG 46  364 364 ARG ARG A . n 
A 1 47  ARG 47  365 365 ARG ARG A . n 
A 1 48  PHE 48  366 366 PHE PHE A . n 
A 1 49  LYS 49  367 367 LYS LYS A . n 
A 1 50  GLY 50  368 368 GLY GLY A . n 
A 1 51  LYS 51  369 369 LYS LYS A . n 
A 1 52  ALA 52  370 370 ALA ALA A . n 
A 1 53  LYS 53  371 371 LYS LYS A . n 
A 1 54  VAL 54  372 372 VAL VAL A . n 
A 1 55  TYR 55  373 373 TYR TYR A . n 
A 1 56  PHE 56  374 374 PHE PHE A . n 
A 1 57  GLN 57  375 375 GLN GLN A . n 
A 1 58  ASN 58  376 376 ASN ASN A . n 
A 1 59  ASP 59  377 377 ASP ASP A . n 
A 1 60  GLN 60  378 378 GLN GLN A . n 
A 1 61  ILE 61  379 379 ILE ILE A . n 
A 1 62  GLN 62  380 380 GLN GLN A . n 
A 1 63  GLY 63  381 381 GLY GLY A . n 
A 1 64  TYR 64  382 382 TYR TYR A . n 
A 1 65  PHE 65  383 383 PHE PHE A . n 
A 1 66  SER 66  384 384 SER SER A . n 
A 1 67  CYS 67  385 385 CYS CYS A . n 
A 1 68  THR 68  386 386 THR THR A . n 
A 1 69  ASP 69  387 387 ASP ASP A . n 
A 1 70  ARG 70  388 388 ARG ARG A . n 
A 1 71  GLN 71  389 389 GLN GLN A . n 
A 1 72  ILE 72  390 390 ILE ILE A . n 
A 1 73  ASP 73  391 391 ASP ASP A . n 
A 1 74  GLU 74  392 392 GLU GLU A . n 
A 1 75  ILE 75  393 393 ILE ILE A . n 
A 1 76  LYS 76  394 394 LYS LYS A . n 
A 1 77  ILE 77  395 395 ILE ILE A . n 
A 1 78  SER 78  396 396 SER SER A . n 
A 1 79  ALA 79  397 397 ALA ALA A . n 
A 1 80  PRO 80  398 398 PRO PRO A . n 
A 1 81  LYS 81  399 399 LYS LYS A . n 
A 1 82  ASN 82  400 400 ASN ASN A . n 
A 1 83  ALA 83  401 401 ALA ALA A . n 
A 1 84  PRO 84  402 402 PRO PRO A . n 
A 1 85  LEU 85  403 403 LEU LEU A . n 
A 1 86  LEU 86  404 404 LEU LEU A . n 
A 1 87  GLU 87  405 405 GLU GLU A . n 
A 1 88  PRO 88  406 406 PRO PRO A . n 
A 1 89  LEU 89  407 407 LEU LEU A . n 
A 1 90  LEU 90  408 408 LEU LEU A . n 
A 1 91  ASP 91  409 409 ASP ASP A . n 
A 1 92  ILE 92  410 410 ILE ILE A . n 
A 1 93  CYS 93  411 411 CYS CYS A . n 
A 1 94  TYR 94  412 412 TYR TYR A . n 
A 1 95  TYR 95  413 413 TYR TYR A . n 
A 1 96  GLY 96  414 414 GLY GLY A . n 
A 1 97  SER 97  415 415 SER SER A . n 
A 1 98  PHE 98  416 416 PHE PHE A . n 
A 1 99  ILE 99  417 417 ILE ILE A . n 
A 1 100 GLU 100 418 418 GLU GLU A . n 
A 1 101 PRO 101 419 419 PRO PRO A . n 
A 1 102 GLY 102 420 420 GLY GLY A . n 
A 1 103 PHE 103 421 421 PHE PHE A . n 
A 1 104 GLU 104 422 422 GLU GLU A . n 
A 1 105 GLN 105 423 423 GLN GLN A . n 
A 1 106 THR 106 424 424 THR THR A . n 
A 1 107 PHE 107 425 425 PHE PHE A . n 
A 1 108 GLY 108 426 426 GLY GLY A . n 
A 1 109 PHE 109 427 427 PHE PHE A . n 
A 1 110 TYR 110 428 428 TYR TYR A . n 
A 1 111 PRO 111 429 429 PRO PRO A . n 
A 1 112 ALA 112 430 430 ALA ALA A . n 
A 1 113 GLY 113 431 431 GLY GLY A . n 
A 1 114 LYS 114 432 432 LYS LYS A . n 
A 1 115 ARG 115 433 433 ARG ARG A . n 
A 1 116 GLU 116 434 434 GLU GLU A . n 
A 1 117 PHE 117 435 435 PHE PHE A . n 
A 1 118 VAL 118 436 436 VAL VAL A . n 
A 1 119 ASP 119 437 437 ASP ASP A . n 
A 1 120 SER 120 438 438 SER SER A . n 
A 1 121 PHE 121 439 439 PHE PHE A . n 
A 1 122 PHE 122 440 440 PHE PHE A . n 
A 1 123 MET 123 441 441 MET MET A . n 
A 1 124 HIS 124 442 442 HIS HIS A . n 
A 1 125 HIS 125 443 443 HIS HIS A . n 
A 1 126 SER 126 444 444 SER SER A . n 
A 1 127 LYS 127 445 445 LYS LYS A . n 
A 1 128 ASP 128 446 446 ASP ASP A . n 
A 1 129 HIS 129 447 447 HIS HIS A . n 
A 1 130 LYS 130 448 448 LYS LYS A . n 
A 1 131 ALA 131 449 449 ALA ALA A . n 
A 1 132 PHE 132 450 450 PHE PHE A . n 
A 1 133 LEU 133 451 451 LEU LEU A . n 
A 1 134 ILE 134 452 452 ILE ILE A . n 
A 1 135 HIS 135 453 453 HIS HIS A . n 
A 1 136 MET 136 454 454 MET MET A . n 
A 1 137 GLY 137 455 455 GLY GLY A . n 
A 1 138 LEU 138 456 456 LEU LEU A . n 
A 1 139 ASP 139 457 457 ASP ASP A . n 
A 1 140 LYS 140 458 458 LYS LYS A . n 
A 1 141 ASP 141 459 459 ASP ASP A . n 
A 1 142 LEU 142 460 460 LEU LEU A . n 
A 1 143 SER 143 461 461 SER SER A . n 
A 1 144 LEU 144 462 462 LEU LEU A . n 
A 1 145 PRO 145 463 463 PRO PRO A . n 
A 1 146 LEU 146 464 464 LEU LEU A . n 
A 1 147 SER 147 465 465 SER SER A . n 
A 1 148 PRO 148 466 466 PRO PRO A . n 
A 1 149 GLU 149 467 467 GLU GLU A . n 
A 1 150 LEU 150 468 468 LEU LEU A . n 
A 1 151 ASN 151 469 469 ASN ASN A . n 
A 1 152 TRP 152 470 470 TRP TRP A . n 
A 1 153 LYS 153 471 471 LYS LYS A . n 
A 1 154 GLU 154 472 472 GLU GLU A . n 
A 1 155 PRO 155 473 473 PRO PRO A . n 
A 1 156 ALA 156 474 474 ALA ALA A . n 
A 1 157 LEU 157 475 475 LEU LEU A . n 
A 1 158 SER 158 476 476 SER SER A . n 
A 1 159 LYS 159 477 477 LYS LYS A . n 
A 1 160 VAL 160 478 478 VAL VAL A . n 
A 1 161 CYS 161 479 479 CYS CYS A . n 
A 1 162 ARG 162 480 480 ARG ARG A . n 
A 1 163 VAL 163 481 481 VAL VAL A . n 
A 1 164 THR 164 482 482 THR THR A . n 
A 1 165 GLU 165 483 483 GLU GLU A . n 
A 1 166 LEU 166 484 484 LEU LEU A . n 
A 1 167 ASP 167 485 485 ASP ASP A . n 
A 1 168 SER 168 486 486 SER SER A . n 
# 
loop_
_pdbx_nonpoly_scheme.asym_id 
_pdbx_nonpoly_scheme.entity_id 
_pdbx_nonpoly_scheme.mon_id 
_pdbx_nonpoly_scheme.ndb_seq_num 
_pdbx_nonpoly_scheme.pdb_seq_num 
_pdbx_nonpoly_scheme.auth_seq_num 
_pdbx_nonpoly_scheme.pdb_mon_id 
_pdbx_nonpoly_scheme.auth_mon_id 
_pdbx_nonpoly_scheme.pdb_strand_id 
_pdbx_nonpoly_scheme.pdb_ins_code 
B 2 HOH 1   2001 2001 HOH HOH A . 
B 2 HOH 2   2002 2002 HOH HOH A . 
B 2 HOH 3   2003 2003 HOH HOH A . 
B 2 HOH 4   2004 2004 HOH HOH A . 
B 2 HOH 5   2005 2005 HOH HOH A . 
B 2 HOH 6   2006 2006 HOH HOH A . 
B 2 HOH 7   2007 2007 HOH HOH A . 
B 2 HOH 8   2008 2008 HOH HOH A . 
B 2 HOH 9   2009 2009 HOH HOH A . 
B 2 HOH 10  2010 2010 HOH HOH A . 
B 2 HOH 11  2011 2011 HOH HOH A . 
B 2 HOH 12  2012 2012 HOH HOH A . 
B 2 HOH 13  2013 2013 HOH HOH A . 
B 2 HOH 14  2014 2014 HOH HOH A . 
B 2 HOH 15  2015 2015 HOH HOH A . 
B 2 HOH 16  2016 2016 HOH HOH A . 
B 2 HOH 17  2017 2017 HOH HOH A . 
B 2 HOH 18  2018 2018 HOH HOH A . 
B 2 HOH 19  2019 2019 HOH HOH A . 
B 2 HOH 20  2020 2020 HOH HOH A . 
B 2 HOH 21  2021 2021 HOH HOH A . 
B 2 HOH 22  2022 2022 HOH HOH A . 
B 2 HOH 23  2023 2023 HOH HOH A . 
B 2 HOH 24  2024 2024 HOH HOH A . 
B 2 HOH 25  2025 2025 HOH HOH A . 
B 2 HOH 26  2026 2026 HOH HOH A . 
B 2 HOH 27  2027 2027 HOH HOH A . 
B 2 HOH 28  2028 2028 HOH HOH A . 
B 2 HOH 29  2029 2029 HOH HOH A . 
B 2 HOH 30  2030 2030 HOH HOH A . 
B 2 HOH 31  2031 2031 HOH HOH A . 
B 2 HOH 32  2032 2032 HOH HOH A . 
B 2 HOH 33  2033 2033 HOH HOH A . 
B 2 HOH 34  2034 2034 HOH HOH A . 
B 2 HOH 35  2035 2035 HOH HOH A . 
B 2 HOH 36  2036 2036 HOH HOH A . 
B 2 HOH 37  2037 2037 HOH HOH A . 
B 2 HOH 38  2038 2038 HOH HOH A . 
B 2 HOH 39  2039 2039 HOH HOH A . 
B 2 HOH 40  2040 2040 HOH HOH A . 
B 2 HOH 41  2041 2041 HOH HOH A . 
B 2 HOH 42  2042 2042 HOH HOH A . 
B 2 HOH 43  2043 2043 HOH HOH A . 
B 2 HOH 44  2044 2044 HOH HOH A . 
B 2 HOH 45  2045 2045 HOH HOH A . 
B 2 HOH 46  2046 2046 HOH HOH A . 
B 2 HOH 47  2047 2047 HOH HOH A . 
B 2 HOH 48  2048 2048 HOH HOH A . 
B 2 HOH 49  2049 2049 HOH HOH A . 
B 2 HOH 50  2050 2050 HOH HOH A . 
B 2 HOH 51  2051 2051 HOH HOH A . 
B 2 HOH 52  2052 2052 HOH HOH A . 
B 2 HOH 53  2053 2053 HOH HOH A . 
B 2 HOH 54  2054 2054 HOH HOH A . 
B 2 HOH 55  2055 2055 HOH HOH A . 
B 2 HOH 56  2056 2056 HOH HOH A . 
B 2 HOH 57  2057 2057 HOH HOH A . 
B 2 HOH 58  2058 2058 HOH HOH A . 
B 2 HOH 59  2059 2059 HOH HOH A . 
B 2 HOH 60  2060 2060 HOH HOH A . 
B 2 HOH 61  2061 2061 HOH HOH A . 
B 2 HOH 62  2062 2062 HOH HOH A . 
B 2 HOH 63  2063 2063 HOH HOH A . 
B 2 HOH 64  2064 2064 HOH HOH A . 
B 2 HOH 65  2065 2065 HOH HOH A . 
B 2 HOH 66  2066 2066 HOH HOH A . 
B 2 HOH 67  2067 2067 HOH HOH A . 
B 2 HOH 68  2068 2068 HOH HOH A . 
B 2 HOH 69  2069 2069 HOH HOH A . 
B 2 HOH 70  2070 2070 HOH HOH A . 
B 2 HOH 71  2071 2071 HOH HOH A . 
B 2 HOH 72  2072 2072 HOH HOH A . 
B 2 HOH 73  2073 2073 HOH HOH A . 
B 2 HOH 74  2074 2074 HOH HOH A . 
B 2 HOH 75  2075 2075 HOH HOH A . 
B 2 HOH 76  2076 2076 HOH HOH A . 
B 2 HOH 77  2077 2077 HOH HOH A . 
B 2 HOH 78  2078 2078 HOH HOH A . 
B 2 HOH 79  2079 2079 HOH HOH A . 
B 2 HOH 80  2080 2080 HOH HOH A . 
B 2 HOH 81  2081 2081 HOH HOH A . 
B 2 HOH 82  2082 2082 HOH HOH A . 
B 2 HOH 83  2083 2083 HOH HOH A . 
B 2 HOH 84  2084 2084 HOH HOH A . 
B 2 HOH 85  2085 2085 HOH HOH A . 
B 2 HOH 86  2086 2086 HOH HOH A . 
B 2 HOH 87  2087 2087 HOH HOH A . 
B 2 HOH 88  2088 2088 HOH HOH A . 
B 2 HOH 89  2089 2089 HOH HOH A . 
B 2 HOH 90  2090 2090 HOH HOH A . 
B 2 HOH 91  2091 2091 HOH HOH A . 
B 2 HOH 92  2092 2092 HOH HOH A . 
B 2 HOH 93  2093 2093 HOH HOH A . 
B 2 HOH 94  2094 2094 HOH HOH A . 
B 2 HOH 95  2095 2095 HOH HOH A . 
B 2 HOH 96  2096 2096 HOH HOH A . 
B 2 HOH 97  2097 2097 HOH HOH A . 
B 2 HOH 98  2098 2098 HOH HOH A . 
B 2 HOH 99  2099 2099 HOH HOH A . 
B 2 HOH 100 2100 2100 HOH HOH A . 
B 2 HOH 101 2101 2101 HOH HOH A . 
B 2 HOH 102 2102 2102 HOH HOH A . 
B 2 HOH 103 2103 2103 HOH HOH A . 
B 2 HOH 104 2104 2104 HOH HOH A . 
B 2 HOH 105 2105 2105 HOH HOH A . 
B 2 HOH 106 2106 2106 HOH HOH A . 
B 2 HOH 107 2107 2107 HOH HOH A . 
B 2 HOH 108 2108 2108 HOH HOH A . 
B 2 HOH 109 2109 2109 HOH HOH A . 
B 2 HOH 110 2110 2110 HOH HOH A . 
B 2 HOH 111 2111 2111 HOH HOH A . 
B 2 HOH 112 2112 2112 HOH HOH A . 
B 2 HOH 113 2113 2113 HOH HOH A . 
B 2 HOH 114 2114 2114 HOH HOH A . 
B 2 HOH 115 2115 2115 HOH HOH A . 
B 2 HOH 116 2116 2116 HOH HOH A . 
B 2 HOH 117 2117 2117 HOH HOH A . 
B 2 HOH 118 2118 2118 HOH HOH A . 
B 2 HOH 119 2119 2119 HOH HOH A . 
B 2 HOH 120 2120 2120 HOH HOH A . 
B 2 HOH 121 2121 2121 HOH HOH A . 
B 2 HOH 122 2122 2122 HOH HOH A . 
B 2 HOH 123 2123 2123 HOH HOH A . 
B 2 HOH 124 2124 2124 HOH HOH A . 
B 2 HOH 125 2125 2125 HOH HOH A . 
B 2 HOH 126 2126 2126 HOH HOH A . 
B 2 HOH 127 2127 2127 HOH HOH A . 
B 2 HOH 128 2128 2128 HOH HOH A . 
B 2 HOH 129 2129 2129 HOH HOH A . 
B 2 HOH 130 2130 2130 HOH HOH A . 
B 2 HOH 131 2131 2131 HOH HOH A . 
B 2 HOH 132 2132 2132 HOH HOH A . 
B 2 HOH 133 2133 2133 HOH HOH A . 
B 2 HOH 134 2134 2134 HOH HOH A . 
B 2 HOH 135 2135 2135 HOH HOH A . 
B 2 HOH 136 2136 2136 HOH HOH A . 
B 2 HOH 137 2137 2137 HOH HOH A . 
B 2 HOH 138 2138 2138 HOH HOH A . 
B 2 HOH 139 2139 2139 HOH HOH A . 
B 2 HOH 140 2140 2140 HOH HOH A . 
B 2 HOH 141 2141 2141 HOH HOH A . 
B 2 HOH 142 2142 2142 HOH HOH A . 
B 2 HOH 143 2143 2143 HOH HOH A . 
B 2 HOH 144 2144 2144 HOH HOH A . 
B 2 HOH 145 2145 2145 HOH HOH A . 
B 2 HOH 146 2146 2146 HOH HOH A . 
B 2 HOH 147 2147 2147 HOH HOH A . 
B 2 HOH 148 2148 2148 HOH HOH A . 
B 2 HOH 149 2149 2149 HOH HOH A . 
B 2 HOH 150 2150 2150 HOH HOH A . 
B 2 HOH 151 2151 2151 HOH HOH A . 
B 2 HOH 152 2152 2152 HOH HOH A . 
B 2 HOH 153 2153 2153 HOH HOH A . 
B 2 HOH 154 2154 2154 HOH HOH A . 
B 2 HOH 155 2155 2155 HOH HOH A . 
B 2 HOH 156 2156 2156 HOH HOH A . 
B 2 HOH 157 2157 2157 HOH HOH A . 
B 2 HOH 158 2158 2158 HOH HOH A . 
B 2 HOH 159 2159 2159 HOH HOH A . 
B 2 HOH 160 2160 2160 HOH HOH A . 
B 2 HOH 161 2161 2161 HOH HOH A . 
B 2 HOH 162 2162 2162 HOH HOH A . 
B 2 HOH 163 2163 2163 HOH HOH A . 
B 2 HOH 164 2164 2164 HOH HOH A . 
B 2 HOH 165 2165 2165 HOH HOH A . 
B 2 HOH 166 2166 2166 HOH HOH A . 
B 2 HOH 167 2167 2167 HOH HOH A . 
B 2 HOH 168 2168 2168 HOH HOH A . 
B 2 HOH 169 2169 2169 HOH HOH A . 
B 2 HOH 170 2170 2170 HOH HOH A . 
B 2 HOH 171 2171 2171 HOH HOH A . 
B 2 HOH 172 2172 2172 HOH HOH A . 
B 2 HOH 173 2173 2173 HOH HOH A . 
B 2 HOH 174 2174 2174 HOH HOH A . 
B 2 HOH 175 2175 2175 HOH HOH A . 
B 2 HOH 176 2176 2176 HOH HOH A . 
B 2 HOH 177 2177 2177 HOH HOH A . 
B 2 HOH 178 2178 2178 HOH HOH A . 
B 2 HOH 179 2179 2179 HOH HOH A . 
B 2 HOH 180 2180 2180 HOH HOH A . 
B 2 HOH 181 2181 2181 HOH HOH A . 
B 2 HOH 182 2182 2182 HOH HOH A . 
B 2 HOH 183 2183 2183 HOH HOH A . 
B 2 HOH 184 2184 2184 HOH HOH A . 
B 2 HOH 185 2185 2185 HOH HOH A . 
B 2 HOH 186 2186 2186 HOH HOH A . 
B 2 HOH 187 2187 2187 HOH HOH A . 
B 2 HOH 188 2188 2188 HOH HOH A . 
# 
loop_
_pdbx_unobs_or_zero_occ_atoms.id 
_pdbx_unobs_or_zero_occ_atoms.PDB_model_num 
_pdbx_unobs_or_zero_occ_atoms.polymer_flag 
_pdbx_unobs_or_zero_occ_atoms.occupancy_flag 
_pdbx_unobs_or_zero_occ_atoms.auth_asym_id 
_pdbx_unobs_or_zero_occ_atoms.auth_comp_id 
_pdbx_unobs_or_zero_occ_atoms.auth_seq_id 
_pdbx_unobs_or_zero_occ_atoms.PDB_ins_code 
_pdbx_unobs_or_zero_occ_atoms.auth_atom_id 
_pdbx_unobs_or_zero_occ_atoms.label_alt_id 
_pdbx_unobs_or_zero_occ_atoms.label_asym_id 
_pdbx_unobs_or_zero_occ_atoms.label_comp_id 
_pdbx_unobs_or_zero_occ_atoms.label_seq_id 
_pdbx_unobs_or_zero_occ_atoms.label_atom_id 
1  1 Y 1 A HIS 326 ? CG  ? A HIS 8   CG  
2  1 Y 1 A HIS 326 ? ND1 ? A HIS 8   ND1 
3  1 Y 1 A HIS 326 ? CD2 ? A HIS 8   CD2 
4  1 Y 1 A HIS 326 ? CE1 ? A HIS 8   CE1 
5  1 Y 1 A HIS 326 ? NE2 ? A HIS 8   NE2 
6  1 Y 1 A SER 486 ? CA  ? A SER 168 CA  
7  1 Y 1 A SER 486 ? C   ? A SER 168 C   
8  1 Y 1 A SER 486 ? O   ? A SER 168 O   
9  1 Y 1 A SER 486 ? CB  ? A SER 168 CB  
10 1 Y 1 A SER 486 ? OG  ? A SER 168 OG  
# 
loop_
_software.name 
_software.classification 
_software.version 
_software.citation_id 
_software.pdbx_ordinal 
REFMAC    refinement       5.6.0116 ? 1 
XDS       'data reduction' .        ? 2 
XSCALE    'data scaling'   .        ? 3 
autoSHARP phasing          .        ? 4 
# 
_cell.entry_id           4CHE 
_cell.length_a           109.620 
_cell.length_b           109.620 
_cell.length_c           39.060 
_cell.angle_alpha        90.00 
_cell.angle_beta         90.00 
_cell.angle_gamma        90.00 
_cell.Z_PDB              8 
_cell.pdbx_unique_axis   ? 
# 
_symmetry.entry_id                         4CHE 
_symmetry.space_group_name_H-M             'I 4' 
_symmetry.pdbx_full_space_group_name_H-M   ? 
_symmetry.cell_setting                     ? 
_symmetry.Int_Tables_number                79 
# 
_exptl.entry_id          4CHE 
_exptl.method            'X-RAY DIFFRACTION' 
_exptl.crystals_number   1 
# 
_exptl_crystal.id                    1 
_exptl_crystal.density_meas          ? 
_exptl_crystal.density_Matthews      3.1 
_exptl_crystal.density_percent_sol   60.4 
_exptl_crystal.description           'SELENOMETHIONINE SAD' 
# 
_exptl_crystal_grow.crystal_id      1 
_exptl_crystal_grow.method          ? 
_exptl_crystal_grow.temp            293 
_exptl_crystal_grow.temp_details    ? 
_exptl_crystal_grow.pH              6 
_exptl_crystal_grow.pdbx_pH_range   ? 
_exptl_crystal_grow.pdbx_details    
;THE PROTEIN WAS CONCENTRATED TO 9 MG/ML IN A BUFFER CONTAINING 20 MM TRIS PH 7.0, 200 MM NACL AND 5 MM BETA-MERCAPTOETHANOL. THE BEST-DIFFRACTING CRYSTALS GREW WITHIN 2 DAYS AT 20 C IN A SOLUTION CONTAINING 100 MM BIS-TRIS PH 6.0, 100 MM MGCL2 AND 22 % PEG3350.
;
# 
_diffrn.id                     1 
_diffrn.ambient_temp           100 
_diffrn.ambient_temp_details   ? 
_diffrn.crystal_id             1 
# 
_diffrn_detector.diffrn_id              1 
_diffrn_detector.detector               CCD 
_diffrn_detector.type                   'MARMOSAIC 225 mm CCD' 
_diffrn_detector.pdbx_collection_date   2008-02-20 
_diffrn_detector.details                ? 
# 
_diffrn_radiation.diffrn_id                        1 
_diffrn_radiation.wavelength_id                    1 
_diffrn_radiation.pdbx_monochromatic_or_laue_m_l   M 
_diffrn_radiation.monochromator                    ? 
_diffrn_radiation.pdbx_diffrn_protocol             'SINGLE WAVELENGTH' 
_diffrn_radiation.pdbx_scattering_type             x-ray 
# 
_diffrn_radiation_wavelength.id           1 
_diffrn_radiation_wavelength.wavelength   0.8726 
_diffrn_radiation_wavelength.wt           1.0 
# 
_diffrn_source.diffrn_id                   1 
_diffrn_source.source                      SYNCHROTRON 
_diffrn_source.type                        'ESRF BEAMLINE ID23-2' 
_diffrn_source.pdbx_synchrotron_site       ESRF 
_diffrn_source.pdbx_synchrotron_beamline   ID23-2 
_diffrn_source.pdbx_wavelength             0.8726 
_diffrn_source.pdbx_wavelength_list        ? 
# 
_reflns.pdbx_diffrn_id               1 
_reflns.pdbx_ordinal                 1 
_reflns.entry_id                     4CHE 
_reflns.observed_criterion_sigma_I   0.0 
_reflns.observed_criterion_sigma_F   ? 
_reflns.d_resolution_low             50.00 
_reflns.d_resolution_high            1.80 
_reflns.number_obs                   21746 
_reflns.number_all                   ? 
_reflns.percent_possible_obs         99.7 
_reflns.pdbx_Rmerge_I_obs            0.06 
_reflns.pdbx_Rsym_value              ? 
_reflns.pdbx_netI_over_sigmaI        16.50 
_reflns.B_iso_Wilson_estimate        ? 
_reflns.pdbx_redundancy              5.2 
# 
_reflns_shell.pdbx_diffrn_id         1 
_reflns_shell.pdbx_ordinal           1 
_reflns_shell.d_res_high             1.80 
_reflns_shell.d_res_low              1.85 
_reflns_shell.percent_possible_all   99.6 
_reflns_shell.Rmerge_I_obs           0.64 
_reflns_shell.pdbx_Rsym_value        ? 
_reflns_shell.meanI_over_sigI_obs    2.40 
_reflns_shell.pdbx_redundancy        3.7 
# 
_refine.pdbx_refine_id                           'X-RAY DIFFRACTION' 
_refine.entry_id                                 4CHE 
_refine.pdbx_diffrn_id                           1 
_refine.pdbx_TLS_residual_ADP_flag               ? 
_refine.ls_number_reflns_obs                     20631 
_refine.ls_number_reflns_all                     ? 
_refine.pdbx_ls_sigma_I                          ? 
_refine.pdbx_ls_sigma_F                          . 
_refine.pdbx_data_cutoff_high_absF               ? 
_refine.pdbx_data_cutoff_low_absF                ? 
_refine.pdbx_data_cutoff_high_rms_absF           ? 
_refine.ls_d_res_low                             77.62 
_refine.ls_d_res_high                            1.80 
_refine.ls_percent_reflns_obs                    99.67 
_refine.ls_R_factor_obs                          0.17268 
_refine.ls_R_factor_all                          ? 
_refine.ls_R_factor_R_work                       0.17161 
_refine.ls_R_factor_R_free                       0.19215 
_refine.ls_R_factor_R_free_error                 ? 
_refine.ls_R_factor_R_free_error_details         ? 
_refine.ls_percent_reflns_R_free                 5.1 
_refine.ls_number_reflns_R_free                  1115 
_refine.ls_number_parameters                     ? 
_refine.ls_number_restraints                     ? 
_refine.occupancy_min                            ? 
_refine.occupancy_max                            ? 
_refine.correlation_coeff_Fo_to_Fc               0.966 
_refine.correlation_coeff_Fo_to_Fc_free          0.961 
_refine.B_iso_mean                               25.115 
_refine.aniso_B[1][1]                            -0.65 
_refine.aniso_B[2][2]                            -0.65 
_refine.aniso_B[3][3]                            1.29 
_refine.aniso_B[1][2]                            0.00 
_refine.aniso_B[1][3]                            0.00 
_refine.aniso_B[2][3]                            0.00 
_refine.solvent_model_details                    MASK 
_refine.solvent_model_param_ksol                 ? 
_refine.solvent_model_param_bsol                 ? 
_refine.pdbx_solvent_vdw_probe_radii             1.20 
_refine.pdbx_solvent_ion_probe_radii             0.80 
_refine.pdbx_solvent_shrinkage_radii             0.80 
_refine.pdbx_ls_cross_valid_method               THROUGHOUT 
_refine.details                                  'HYDROGENS HAVE BEEN ADDED IN THE RIDING POSITIONS. U VALUES REFINED INDIVIDUALLY' 
_refine.pdbx_starting_model                      NONE 
_refine.pdbx_method_to_determine_struct          SAD 
_refine.pdbx_isotropic_thermal_model             ? 
_refine.pdbx_stereochemistry_target_values       'MAXIMUM LIKELIHOOD' 
_refine.pdbx_stereochem_target_val_spec_case     ? 
_refine.pdbx_R_Free_selection_details            RANDOM 
_refine.pdbx_overall_ESU_R                       0.101 
_refine.pdbx_overall_ESU_R_Free                  0.095 
_refine.overall_SU_ML                            0.064 
_refine.pdbx_overall_phase_error                 ? 
_refine.overall_SU_B                             2.049 
_refine.overall_SU_R_Cruickshank_DPI             ? 
_refine.pdbx_overall_SU_R_free_Cruickshank_DPI   ? 
_refine.pdbx_overall_SU_R_Blow_DPI               ? 
_refine.pdbx_overall_SU_R_free_Blow_DPI          ? 
# 
_refine_hist.pdbx_refine_id                   'X-RAY DIFFRACTION' 
_refine_hist.cycle_id                         LAST 
_refine_hist.pdbx_number_atoms_protein        1305 
_refine_hist.pdbx_number_atoms_nucleic_acid   0 
_refine_hist.pdbx_number_atoms_ligand         0 
_refine_hist.number_atoms_solvent             188 
_refine_hist.number_atoms_total               1493 
_refine_hist.d_res_high                       1.80 
_refine_hist.d_res_low                        77.62 
# 
loop_
_refine_ls_restr.type 
_refine_ls_restr.dev_ideal 
_refine_ls_restr.dev_ideal_target 
_refine_ls_restr.weight 
_refine_ls_restr.number 
_refine_ls_restr.pdbx_refine_id 
_refine_ls_restr.pdbx_restraint_function 
r_bond_refined_d             0.007  0.020  ? 1346 'X-RAY DIFFRACTION' ? 
r_bond_other_d               0.001  0.020  ? 960  'X-RAY DIFFRACTION' ? 
r_angle_refined_deg          1.204  1.967  ? 1818 'X-RAY DIFFRACTION' ? 
r_angle_other_deg            0.803  3.000  ? 2337 'X-RAY DIFFRACTION' ? 
r_dihedral_angle_1_deg       5.861  5.000  ? 160  'X-RAY DIFFRACTION' ? 
r_dihedral_angle_2_deg       29.395 23.548 ? 62   'X-RAY DIFFRACTION' ? 
r_dihedral_angle_3_deg       10.836 15.000 ? 240  'X-RAY DIFFRACTION' ? 
r_dihedral_angle_4_deg       16.232 15.000 ? 7    'X-RAY DIFFRACTION' ? 
r_chiral_restr               0.081  0.200  ? 192  'X-RAY DIFFRACTION' ? 
r_gen_planes_refined         0.006  0.021  ? 1469 'X-RAY DIFFRACTION' ? 
r_gen_planes_other           0.001  0.020  ? 286  'X-RAY DIFFRACTION' ? 
r_nbd_refined                ?      ?      ? ?    'X-RAY DIFFRACTION' ? 
r_nbd_other                  ?      ?      ? ?    'X-RAY DIFFRACTION' ? 
r_nbtor_refined              ?      ?      ? ?    'X-RAY DIFFRACTION' ? 
r_nbtor_other                ?      ?      ? ?    'X-RAY DIFFRACTION' ? 
r_xyhbond_nbd_refined        ?      ?      ? ?    'X-RAY DIFFRACTION' ? 
r_xyhbond_nbd_other          ?      ?      ? ?    'X-RAY DIFFRACTION' ? 
r_metal_ion_refined          ?      ?      ? ?    'X-RAY DIFFRACTION' ? 
r_metal_ion_other            ?      ?      ? ?    'X-RAY DIFFRACTION' ? 
r_symmetry_vdw_refined       ?      ?      ? ?    'X-RAY DIFFRACTION' ? 
r_symmetry_vdw_other         ?      ?      ? ?    'X-RAY DIFFRACTION' ? 
r_symmetry_hbond_refined     ?      ?      ? ?    'X-RAY DIFFRACTION' ? 
r_symmetry_hbond_other       ?      ?      ? ?    'X-RAY DIFFRACTION' ? 
r_symmetry_metal_ion_refined ?      ?      ? ?    'X-RAY DIFFRACTION' ? 
r_symmetry_metal_ion_other   ?      ?      ? ?    'X-RAY DIFFRACTION' ? 
r_mcbond_it                  ?      ?      ? ?    'X-RAY DIFFRACTION' ? 
r_mcbond_other               ?      ?      ? ?    'X-RAY DIFFRACTION' ? 
r_mcangle_it                 ?      ?      ? ?    'X-RAY DIFFRACTION' ? 
r_mcangle_other              ?      ?      ? ?    'X-RAY DIFFRACTION' ? 
r_scbond_it                  ?      ?      ? ?    'X-RAY DIFFRACTION' ? 
r_scbond_other               ?      ?      ? ?    'X-RAY DIFFRACTION' ? 
r_scangle_it                 ?      ?      ? ?    'X-RAY DIFFRACTION' ? 
r_scangle_other              ?      ?      ? ?    'X-RAY DIFFRACTION' ? 
r_long_range_B_refined       ?      ?      ? ?    'X-RAY DIFFRACTION' ? 
r_long_range_B_other         ?      ?      ? ?    'X-RAY DIFFRACTION' ? 
r_rigid_bond_restr           ?      ?      ? ?    'X-RAY DIFFRACTION' ? 
r_sphericity_free            ?      ?      ? ?    'X-RAY DIFFRACTION' ? 
r_sphericity_bonded          ?      ?      ? ?    'X-RAY DIFFRACTION' ? 
# 
_refine_ls_shell.pdbx_refine_id                   'X-RAY DIFFRACTION' 
_refine_ls_shell.pdbx_total_number_of_bins_used   20 
_refine_ls_shell.d_res_high                       1.800 
_refine_ls_shell.d_res_low                        1.847 
_refine_ls_shell.number_reflns_R_work             1451 
_refine_ls_shell.R_factor_R_work                  0.256 
_refine_ls_shell.percent_reflns_obs               99.48 
_refine_ls_shell.R_factor_R_free                  0.332 
_refine_ls_shell.R_factor_R_free_error            ? 
_refine_ls_shell.percent_reflns_R_free            ? 
_refine_ls_shell.number_reflns_R_free             68 
_refine_ls_shell.number_reflns_all                ? 
_refine_ls_shell.R_factor_all                     ? 
# 
_struct.entry_id                  4CHE 
_struct.title                     
'Crystal structure of the putative cap-binding domain of the PB2 subunit of Thogoto virus polymerase' 
_struct.pdbx_model_details        ? 
_struct.pdbx_CASP_flag            ? 
_struct.pdbx_model_type_details   ? 
# 
_struct_keywords.entry_id        4CHE 
_struct_keywords.pdbx_keywords   'VIRAL PROTEIN' 
_struct_keywords.text            'VIRAL PROTEIN' 
# 
loop_
_struct_asym.id 
_struct_asym.pdbx_blank_PDB_chainid_flag 
_struct_asym.pdbx_modified 
_struct_asym.entity_id 
_struct_asym.details 
A N N 1 ? 
B N N 2 ? 
# 
_struct_ref.id                         1 
_struct_ref.db_name                    UNP 
_struct_ref.db_code                    PB2_THOGV 
_struct_ref.entity_id                  1 
_struct_ref.pdbx_seq_one_letter_code   ? 
_struct_ref.pdbx_align_begin           ? 
_struct_ref.pdbx_db_accession          Q9YNA4 
_struct_ref.pdbx_db_isoform            ? 
# 
_struct_ref_seq.align_id                      1 
_struct_ref_seq.ref_id                        1 
_struct_ref_seq.pdbx_PDB_id_code              4CHE 
_struct_ref_seq.pdbx_strand_id                A 
_struct_ref_seq.seq_align_beg                 5 
_struct_ref_seq.pdbx_seq_align_beg_ins_code   ? 
_struct_ref_seq.seq_align_end                 168 
_struct_ref_seq.pdbx_seq_align_end_ins_code   ? 
_struct_ref_seq.pdbx_db_accession             Q9YNA4 
_struct_ref_seq.db_align_beg                  323 
_struct_ref_seq.pdbx_db_align_beg_ins_code    ? 
_struct_ref_seq.db_align_end                  486 
_struct_ref_seq.pdbx_db_align_end_ins_code    ? 
_struct_ref_seq.pdbx_auth_seq_align_beg       323 
_struct_ref_seq.pdbx_auth_seq_align_end       486 
# 
loop_
_struct_ref_seq_dif.align_id 
_struct_ref_seq_dif.pdbx_pdb_id_code 
_struct_ref_seq_dif.mon_id 
_struct_ref_seq_dif.pdbx_pdb_strand_id 
_struct_ref_seq_dif.seq_num 
_struct_ref_seq_dif.pdbx_pdb_ins_code 
_struct_ref_seq_dif.pdbx_seq_db_name 
_struct_ref_seq_dif.pdbx_seq_db_accession_code 
_struct_ref_seq_dif.db_mon_id 
_struct_ref_seq_dif.pdbx_seq_db_seq_num 
_struct_ref_seq_dif.details 
_struct_ref_seq_dif.pdbx_auth_seq_num 
_struct_ref_seq_dif.pdbx_ordinal 
1 4CHE GLY A 1 ? UNP Q9YNA4 ? ? 'expression tag' 319 1 
1 4CHE ALA A 2 ? UNP Q9YNA4 ? ? 'expression tag' 320 2 
1 4CHE MET A 3 ? UNP Q9YNA4 ? ? 'expression tag' 321 3 
1 4CHE ALA A 4 ? UNP Q9YNA4 ? ? 'expression tag' 322 4 
# 
_pdbx_struct_assembly.id                   1 
_pdbx_struct_assembly.details              software_defined_assembly 
_pdbx_struct_assembly.method_details       PISA 
_pdbx_struct_assembly.oligomeric_details   monomeric 
_pdbx_struct_assembly.oligomeric_count     1 
# 
_pdbx_struct_assembly_gen.assembly_id       1 
_pdbx_struct_assembly_gen.oper_expression   1 
_pdbx_struct_assembly_gen.asym_id_list      A,B 
# 
_pdbx_struct_oper_list.id                   1 
_pdbx_struct_oper_list.type                 'identity operation' 
_pdbx_struct_oper_list.name                 1_555 
_pdbx_struct_oper_list.symmetry_operation   x,y,z 
_pdbx_struct_oper_list.matrix[1][1]         1.0000000000 
_pdbx_struct_oper_list.matrix[1][2]         0.0000000000 
_pdbx_struct_oper_list.matrix[1][3]         0.0000000000 
_pdbx_struct_oper_list.vector[1]            0.0000000000 
_pdbx_struct_oper_list.matrix[2][1]         0.0000000000 
_pdbx_struct_oper_list.matrix[2][2]         1.0000000000 
_pdbx_struct_oper_list.matrix[2][3]         0.0000000000 
_pdbx_struct_oper_list.vector[2]            0.0000000000 
_pdbx_struct_oper_list.matrix[3][1]         0.0000000000 
_pdbx_struct_oper_list.matrix[3][2]         0.0000000000 
_pdbx_struct_oper_list.matrix[3][3]         1.0000000000 
_pdbx_struct_oper_list.vector[3]            0.0000000000 
# 
_struct_biol.id   1 
# 
loop_
_struct_conf.conf_type_id 
_struct_conf.id 
_struct_conf.pdbx_PDB_helix_id 
_struct_conf.beg_label_comp_id 
_struct_conf.beg_label_asym_id 
_struct_conf.beg_label_seq_id 
_struct_conf.pdbx_beg_PDB_ins_code 
_struct_conf.end_label_comp_id 
_struct_conf.end_label_asym_id 
_struct_conf.end_label_seq_id 
_struct_conf.pdbx_end_PDB_ins_code 
_struct_conf.beg_auth_comp_id 
_struct_conf.beg_auth_asym_id 
_struct_conf.beg_auth_seq_id 
_struct_conf.end_auth_comp_id 
_struct_conf.end_auth_asym_id 
_struct_conf.end_auth_seq_id 
_struct_conf.pdbx_PDB_helix_class 
_struct_conf.details 
_struct_conf.pdbx_PDB_helix_length 
HELX_P HELX_P1 1 LEU A 85  ? SER A 97  ? LEU A 403 SER A 415 1 ? 13 
HELX_P HELX_P2 2 GLY A 113 ? ASP A 128 ? GLY A 431 ASP A 446 1 ? 16 
HELX_P HELX_P3 3 HIS A 129 ? GLY A 137 ? HIS A 447 GLY A 455 1 ? 9  
# 
_struct_conf_type.id          HELX_P 
_struct_conf_type.criteria    ? 
_struct_conf_type.reference   ? 
# 
_struct_mon_prot_cis.pdbx_id                1 
_struct_mon_prot_cis.label_comp_id          GLU 
_struct_mon_prot_cis.label_seq_id           100 
_struct_mon_prot_cis.label_asym_id          A 
_struct_mon_prot_cis.label_alt_id           . 
_struct_mon_prot_cis.pdbx_PDB_ins_code      ? 
_struct_mon_prot_cis.auth_comp_id           GLU 
_struct_mon_prot_cis.auth_seq_id            418 
_struct_mon_prot_cis.auth_asym_id           A 
_struct_mon_prot_cis.pdbx_label_comp_id_2   PRO 
_struct_mon_prot_cis.pdbx_label_seq_id_2    101 
_struct_mon_prot_cis.pdbx_label_asym_id_2   A 
_struct_mon_prot_cis.pdbx_PDB_ins_code_2    ? 
_struct_mon_prot_cis.pdbx_auth_comp_id_2    PRO 
_struct_mon_prot_cis.pdbx_auth_seq_id_2     419 
_struct_mon_prot_cis.pdbx_auth_asym_id_2    A 
_struct_mon_prot_cis.pdbx_PDB_model_num     1 
_struct_mon_prot_cis.pdbx_omega_angle       1.11 
# 
loop_
_struct_sheet.id 
_struct_sheet.type 
_struct_sheet.number_strands 
_struct_sheet.details 
AA ? 6 ? 
AB ? 2 ? 
AC ? 2 ? 
# 
loop_
_struct_sheet_order.sheet_id 
_struct_sheet_order.range_id_1 
_struct_sheet_order.range_id_2 
_struct_sheet_order.offset 
_struct_sheet_order.sense 
AA 1 2 ? anti-parallel 
AA 2 3 ? anti-parallel 
AA 3 4 ? anti-parallel 
AA 4 5 ? anti-parallel 
AA 5 6 ? parallel      
AB 1 2 ? anti-parallel 
AC 1 2 ? anti-parallel 
# 
loop_
_struct_sheet_range.sheet_id 
_struct_sheet_range.id 
_struct_sheet_range.beg_label_comp_id 
_struct_sheet_range.beg_label_asym_id 
_struct_sheet_range.beg_label_seq_id 
_struct_sheet_range.pdbx_beg_PDB_ins_code 
_struct_sheet_range.end_label_comp_id 
_struct_sheet_range.end_label_asym_id 
_struct_sheet_range.end_label_seq_id 
_struct_sheet_range.pdbx_end_PDB_ins_code 
_struct_sheet_range.beg_auth_comp_id 
_struct_sheet_range.beg_auth_asym_id 
_struct_sheet_range.beg_auth_seq_id 
_struct_sheet_range.end_auth_comp_id 
_struct_sheet_range.end_auth_asym_id 
_struct_sheet_range.end_auth_seq_id 
AA 1 MET A 10  ? ILE A 12  ? MET A 328 ILE A 330 
AA 2 THR A 15  ? SER A 22  ? THR A 333 SER A 340 
AA 3 LYS A 51  ? ASN A 58  ? LYS A 369 ASN A 376 
AA 4 ILE A 61  ? THR A 68  ? ILE A 379 THR A 386 
AA 5 GLN A 71  ? SER A 78  ? GLN A 389 SER A 396 
AA 6 VAL A 163 ? GLU A 165 ? VAL A 481 GLU A 483 
AB 1 ILE A 27  ? SER A 36  ? ILE A 345 SER A 354 
AB 2 VAL A 39  ? ARG A 47  ? VAL A 357 ARG A 365 
AC 1 LEU A 138 ? ASP A 139 ? LEU A 456 ASP A 457 
AC 2 LYS A 159 ? VAL A 160 ? LYS A 477 VAL A 478 
# 
loop_
_pdbx_struct_sheet_hbond.sheet_id 
_pdbx_struct_sheet_hbond.range_id_1 
_pdbx_struct_sheet_hbond.range_id_2 
_pdbx_struct_sheet_hbond.range_1_label_atom_id 
_pdbx_struct_sheet_hbond.range_1_label_comp_id 
_pdbx_struct_sheet_hbond.range_1_label_asym_id 
_pdbx_struct_sheet_hbond.range_1_label_seq_id 
_pdbx_struct_sheet_hbond.range_1_PDB_ins_code 
_pdbx_struct_sheet_hbond.range_1_auth_atom_id 
_pdbx_struct_sheet_hbond.range_1_auth_comp_id 
_pdbx_struct_sheet_hbond.range_1_auth_asym_id 
_pdbx_struct_sheet_hbond.range_1_auth_seq_id 
_pdbx_struct_sheet_hbond.range_2_label_atom_id 
_pdbx_struct_sheet_hbond.range_2_label_comp_id 
_pdbx_struct_sheet_hbond.range_2_label_asym_id 
_pdbx_struct_sheet_hbond.range_2_label_seq_id 
_pdbx_struct_sheet_hbond.range_2_PDB_ins_code 
_pdbx_struct_sheet_hbond.range_2_auth_atom_id 
_pdbx_struct_sheet_hbond.range_2_auth_comp_id 
_pdbx_struct_sheet_hbond.range_2_auth_asym_id 
_pdbx_struct_sheet_hbond.range_2_auth_seq_id 
AA 1 2 N ILE A 12  ? N ILE A 330 O THR A 15  ? O THR A 333 
AA 2 3 N LEU A 20  ? N LEU A 338 O LYS A 53  ? O LYS A 371 
AA 3 4 N ASN A 58  ? N ASN A 376 O ILE A 61  ? O ILE A 379 
AA 4 5 N THR A 68  ? N THR A 386 O GLN A 71  ? O GLN A 389 
AA 5 6 N ILE A 77  ? N ILE A 395 O THR A 164 ? O THR A 482 
AB 1 2 N LEU A 35  ? N LEU A 353 O VAL A 39  ? O VAL A 357 
AC 1 2 N ASP A 139 ? N ASP A 457 O LYS A 159 ? O LYS A 477 
# 
_pdbx_validate_symm_contact.id                1 
_pdbx_validate_symm_contact.PDB_model_num     1 
_pdbx_validate_symm_contact.auth_atom_id_1    O 
_pdbx_validate_symm_contact.auth_asym_id_1    A 
_pdbx_validate_symm_contact.auth_comp_id_1    GLN 
_pdbx_validate_symm_contact.auth_seq_id_1     358 
_pdbx_validate_symm_contact.PDB_ins_code_1    ? 
_pdbx_validate_symm_contact.label_alt_id_1    ? 
_pdbx_validate_symm_contact.site_symmetry_1   1_555 
_pdbx_validate_symm_contact.auth_atom_id_2    NZ 
_pdbx_validate_symm_contact.auth_asym_id_2    A 
_pdbx_validate_symm_contact.auth_comp_id_2    LYS 
_pdbx_validate_symm_contact.auth_seq_id_2     448 
_pdbx_validate_symm_contact.PDB_ins_code_2    ? 
_pdbx_validate_symm_contact.label_alt_id_2    ? 
_pdbx_validate_symm_contact.site_symmetry_2   6_555 
_pdbx_validate_symm_contact.dist              2.14 
# 
loop_
_pdbx_validate_torsion.id 
_pdbx_validate_torsion.PDB_model_num 
_pdbx_validate_torsion.auth_comp_id 
_pdbx_validate_torsion.auth_asym_id 
_pdbx_validate_torsion.auth_seq_id 
_pdbx_validate_torsion.PDB_ins_code 
_pdbx_validate_torsion.label_alt_id 
_pdbx_validate_torsion.phi 
_pdbx_validate_torsion.psi 
1 1 ARG A 331 ? ? 50.60   -122.74 
2 1 ARG A 331 ? ? 50.65   -122.74 
3 1 ASP A 377 ? ? 52.77   -108.33 
4 1 ASP A 387 ? ? 52.34   -123.69 
5 1 PHE A 421 ? ? -133.64 -72.60  
# 
_pdbx_entry_details.entry_id                 4CHE 
_pdbx_entry_details.compound_details         ? 
_pdbx_entry_details.source_details           ? 
_pdbx_entry_details.nonpolymer_details       ? 
_pdbx_entry_details.sequence_details         'EXTRA GAMA AT N-TERMINUS AFTER HIS-TAG CLEAVAGE' 
_pdbx_entry_details.has_ligand_of_interest   ? 
# 
_pdbx_distant_solvent_atoms.id                                1 
_pdbx_distant_solvent_atoms.PDB_model_num                     1 
_pdbx_distant_solvent_atoms.auth_atom_id                      O 
_pdbx_distant_solvent_atoms.label_alt_id                      ? 
_pdbx_distant_solvent_atoms.auth_asym_id                      A 
_pdbx_distant_solvent_atoms.auth_comp_id                      HOH 
_pdbx_distant_solvent_atoms.auth_seq_id                       2001 
_pdbx_distant_solvent_atoms.PDB_ins_code                      ? 
_pdbx_distant_solvent_atoms.neighbor_macromolecule_distance   6.09 
_pdbx_distant_solvent_atoms.neighbor_ligand_distance          . 
# 
loop_
_pdbx_unobs_or_zero_occ_residues.id 
_pdbx_unobs_or_zero_occ_residues.PDB_model_num 
_pdbx_unobs_or_zero_occ_residues.polymer_flag 
_pdbx_unobs_or_zero_occ_residues.occupancy_flag 
_pdbx_unobs_or_zero_occ_residues.auth_asym_id 
_pdbx_unobs_or_zero_occ_residues.auth_comp_id 
_pdbx_unobs_or_zero_occ_residues.auth_seq_id 
_pdbx_unobs_or_zero_occ_residues.PDB_ins_code 
_pdbx_unobs_or_zero_occ_residues.label_asym_id 
_pdbx_unobs_or_zero_occ_residues.label_comp_id 
_pdbx_unobs_or_zero_occ_residues.label_seq_id 
1 1 Y 1 A GLY 319 ? A GLY 1 
2 1 Y 1 A ALA 320 ? A ALA 2 
3 1 Y 1 A MET 321 ? A MET 3 
4 1 Y 1 A ALA 322 ? A ALA 4 
5 1 Y 1 A SER 323 ? A SER 5 
6 1 Y 1 A THR 324 ? A THR 6 
7 1 Y 1 A HIS 325 ? A HIS 7 
# 
loop_
_chem_comp_atom.comp_id 
_chem_comp_atom.atom_id 
_chem_comp_atom.type_symbol 
_chem_comp_atom.pdbx_aromatic_flag 
_chem_comp_atom.pdbx_stereo_config 
_chem_comp_atom.pdbx_ordinal 
ALA N    N N N 1   
ALA CA   C N S 2   
ALA C    C N N 3   
ALA O    O N N 4   
ALA CB   C N N 5   
ALA OXT  O N N 6   
ALA H    H N N 7   
ALA H2   H N N 8   
ALA HA   H N N 9   
ALA HB1  H N N 10  
ALA HB2  H N N 11  
ALA HB3  H N N 12  
ALA HXT  H N N 13  
ARG N    N N N 14  
ARG CA   C N S 15  
ARG C    C N N 16  
ARG O    O N N 17  
ARG CB   C N N 18  
ARG CG   C N N 19  
ARG CD   C N N 20  
ARG NE   N N N 21  
ARG CZ   C N N 22  
ARG NH1  N N N 23  
ARG NH2  N N N 24  
ARG OXT  O N N 25  
ARG H    H N N 26  
ARG H2   H N N 27  
ARG HA   H N N 28  
ARG HB2  H N N 29  
ARG HB3  H N N 30  
ARG HG2  H N N 31  
ARG HG3  H N N 32  
ARG HD2  H N N 33  
ARG HD3  H N N 34  
ARG HE   H N N 35  
ARG HH11 H N N 36  
ARG HH12 H N N 37  
ARG HH21 H N N 38  
ARG HH22 H N N 39  
ARG HXT  H N N 40  
ASN N    N N N 41  
ASN CA   C N S 42  
ASN C    C N N 43  
ASN O    O N N 44  
ASN CB   C N N 45  
ASN CG   C N N 46  
ASN OD1  O N N 47  
ASN ND2  N N N 48  
ASN OXT  O N N 49  
ASN H    H N N 50  
ASN H2   H N N 51  
ASN HA   H N N 52  
ASN HB2  H N N 53  
ASN HB3  H N N 54  
ASN HD21 H N N 55  
ASN HD22 H N N 56  
ASN HXT  H N N 57  
ASP N    N N N 58  
ASP CA   C N S 59  
ASP C    C N N 60  
ASP O    O N N 61  
ASP CB   C N N 62  
ASP CG   C N N 63  
ASP OD1  O N N 64  
ASP OD2  O N N 65  
ASP OXT  O N N 66  
ASP H    H N N 67  
ASP H2   H N N 68  
ASP HA   H N N 69  
ASP HB2  H N N 70  
ASP HB3  H N N 71  
ASP HD2  H N N 72  
ASP HXT  H N N 73  
CYS N    N N N 74  
CYS CA   C N R 75  
CYS C    C N N 76  
CYS O    O N N 77  
CYS CB   C N N 78  
CYS SG   S N N 79  
CYS OXT  O N N 80  
CYS H    H N N 81  
CYS H2   H N N 82  
CYS HA   H N N 83  
CYS HB2  H N N 84  
CYS HB3  H N N 85  
CYS HG   H N N 86  
CYS HXT  H N N 87  
GLN N    N N N 88  
GLN CA   C N S 89  
GLN C    C N N 90  
GLN O    O N N 91  
GLN CB   C N N 92  
GLN CG   C N N 93  
GLN CD   C N N 94  
GLN OE1  O N N 95  
GLN NE2  N N N 96  
GLN OXT  O N N 97  
GLN H    H N N 98  
GLN H2   H N N 99  
GLN HA   H N N 100 
GLN HB2  H N N 101 
GLN HB3  H N N 102 
GLN HG2  H N N 103 
GLN HG3  H N N 104 
GLN HE21 H N N 105 
GLN HE22 H N N 106 
GLN HXT  H N N 107 
GLU N    N N N 108 
GLU CA   C N S 109 
GLU C    C N N 110 
GLU O    O N N 111 
GLU CB   C N N 112 
GLU CG   C N N 113 
GLU CD   C N N 114 
GLU OE1  O N N 115 
GLU OE2  O N N 116 
GLU OXT  O N N 117 
GLU H    H N N 118 
GLU H2   H N N 119 
GLU HA   H N N 120 
GLU HB2  H N N 121 
GLU HB3  H N N 122 
GLU HG2  H N N 123 
GLU HG3  H N N 124 
GLU HE2  H N N 125 
GLU HXT  H N N 126 
GLY N    N N N 127 
GLY CA   C N N 128 
GLY C    C N N 129 
GLY O    O N N 130 
GLY OXT  O N N 131 
GLY H    H N N 132 
GLY H2   H N N 133 
GLY HA2  H N N 134 
GLY HA3  H N N 135 
GLY HXT  H N N 136 
HIS N    N N N 137 
HIS CA   C N S 138 
HIS C    C N N 139 
HIS O    O N N 140 
HIS CB   C N N 141 
HIS CG   C Y N 142 
HIS ND1  N Y N 143 
HIS CD2  C Y N 144 
HIS CE1  C Y N 145 
HIS NE2  N Y N 146 
HIS OXT  O N N 147 
HIS H    H N N 148 
HIS H2   H N N 149 
HIS HA   H N N 150 
HIS HB2  H N N 151 
HIS HB3  H N N 152 
HIS HD1  H N N 153 
HIS HD2  H N N 154 
HIS HE1  H N N 155 
HIS HE2  H N N 156 
HIS HXT  H N N 157 
HOH O    O N N 158 
HOH H1   H N N 159 
HOH H2   H N N 160 
ILE N    N N N 161 
ILE CA   C N S 162 
ILE C    C N N 163 
ILE O    O N N 164 
ILE CB   C N S 165 
ILE CG1  C N N 166 
ILE CG2  C N N 167 
ILE CD1  C N N 168 
ILE OXT  O N N 169 
ILE H    H N N 170 
ILE H2   H N N 171 
ILE HA   H N N 172 
ILE HB   H N N 173 
ILE HG12 H N N 174 
ILE HG13 H N N 175 
ILE HG21 H N N 176 
ILE HG22 H N N 177 
ILE HG23 H N N 178 
ILE HD11 H N N 179 
ILE HD12 H N N 180 
ILE HD13 H N N 181 
ILE HXT  H N N 182 
LEU N    N N N 183 
LEU CA   C N S 184 
LEU C    C N N 185 
LEU O    O N N 186 
LEU CB   C N N 187 
LEU CG   C N N 188 
LEU CD1  C N N 189 
LEU CD2  C N N 190 
LEU OXT  O N N 191 
LEU H    H N N 192 
LEU H2   H N N 193 
LEU HA   H N N 194 
LEU HB2  H N N 195 
LEU HB3  H N N 196 
LEU HG   H N N 197 
LEU HD11 H N N 198 
LEU HD12 H N N 199 
LEU HD13 H N N 200 
LEU HD21 H N N 201 
LEU HD22 H N N 202 
LEU HD23 H N N 203 
LEU HXT  H N N 204 
LYS N    N N N 205 
LYS CA   C N S 206 
LYS C    C N N 207 
LYS O    O N N 208 
LYS CB   C N N 209 
LYS CG   C N N 210 
LYS CD   C N N 211 
LYS CE   C N N 212 
LYS NZ   N N N 213 
LYS OXT  O N N 214 
LYS H    H N N 215 
LYS H2   H N N 216 
LYS HA   H N N 217 
LYS HB2  H N N 218 
LYS HB3  H N N 219 
LYS HG2  H N N 220 
LYS HG3  H N N 221 
LYS HD2  H N N 222 
LYS HD3  H N N 223 
LYS HE2  H N N 224 
LYS HE3  H N N 225 
LYS HZ1  H N N 226 
LYS HZ2  H N N 227 
LYS HZ3  H N N 228 
LYS HXT  H N N 229 
MET N    N N N 230 
MET CA   C N S 231 
MET C    C N N 232 
MET O    O N N 233 
MET CB   C N N 234 
MET CG   C N N 235 
MET SD   S N N 236 
MET CE   C N N 237 
MET OXT  O N N 238 
MET H    H N N 239 
MET H2   H N N 240 
MET HA   H N N 241 
MET HB2  H N N 242 
MET HB3  H N N 243 
MET HG2  H N N 244 
MET HG3  H N N 245 
MET HE1  H N N 246 
MET HE2  H N N 247 
MET HE3  H N N 248 
MET HXT  H N N 249 
PHE N    N N N 250 
PHE CA   C N S 251 
PHE C    C N N 252 
PHE O    O N N 253 
PHE CB   C N N 254 
PHE CG   C Y N 255 
PHE CD1  C Y N 256 
PHE CD2  C Y N 257 
PHE CE1  C Y N 258 
PHE CE2  C Y N 259 
PHE CZ   C Y N 260 
PHE OXT  O N N 261 
PHE H    H N N 262 
PHE H2   H N N 263 
PHE HA   H N N 264 
PHE HB2  H N N 265 
PHE HB3  H N N 266 
PHE HD1  H N N 267 
PHE HD2  H N N 268 
PHE HE1  H N N 269 
PHE HE2  H N N 270 
PHE HZ   H N N 271 
PHE HXT  H N N 272 
PRO N    N N N 273 
PRO CA   C N S 274 
PRO C    C N N 275 
PRO O    O N N 276 
PRO CB   C N N 277 
PRO CG   C N N 278 
PRO CD   C N N 279 
PRO OXT  O N N 280 
PRO H    H N N 281 
PRO HA   H N N 282 
PRO HB2  H N N 283 
PRO HB3  H N N 284 
PRO HG2  H N N 285 
PRO HG3  H N N 286 
PRO HD2  H N N 287 
PRO HD3  H N N 288 
PRO HXT  H N N 289 
SER N    N N N 290 
SER CA   C N S 291 
SER C    C N N 292 
SER O    O N N 293 
SER CB   C N N 294 
SER OG   O N N 295 
SER OXT  O N N 296 
SER H    H N N 297 
SER H2   H N N 298 
SER HA   H N N 299 
SER HB2  H N N 300 
SER HB3  H N N 301 
SER HG   H N N 302 
SER HXT  H N N 303 
THR N    N N N 304 
THR CA   C N S 305 
THR C    C N N 306 
THR O    O N N 307 
THR CB   C N R 308 
THR OG1  O N N 309 
THR CG2  C N N 310 
THR OXT  O N N 311 
THR H    H N N 312 
THR H2   H N N 313 
THR HA   H N N 314 
THR HB   H N N 315 
THR HG1  H N N 316 
THR HG21 H N N 317 
THR HG22 H N N 318 
THR HG23 H N N 319 
THR HXT  H N N 320 
TRP N    N N N 321 
TRP CA   C N S 322 
TRP C    C N N 323 
TRP O    O N N 324 
TRP CB   C N N 325 
TRP CG   C Y N 326 
TRP CD1  C Y N 327 
TRP CD2  C Y N 328 
TRP NE1  N Y N 329 
TRP CE2  C Y N 330 
TRP CE3  C Y N 331 
TRP CZ2  C Y N 332 
TRP CZ3  C Y N 333 
TRP CH2  C Y N 334 
TRP OXT  O N N 335 
TRP H    H N N 336 
TRP H2   H N N 337 
TRP HA   H N N 338 
TRP HB2  H N N 339 
TRP HB3  H N N 340 
TRP HD1  H N N 341 
TRP HE1  H N N 342 
TRP HE3  H N N 343 
TRP HZ2  H N N 344 
TRP HZ3  H N N 345 
TRP HH2  H N N 346 
TRP HXT  H N N 347 
TYR N    N N N 348 
TYR CA   C N S 349 
TYR C    C N N 350 
TYR O    O N N 351 
TYR CB   C N N 352 
TYR CG   C Y N 353 
TYR CD1  C Y N 354 
TYR CD2  C Y N 355 
TYR CE1  C Y N 356 
TYR CE2  C Y N 357 
TYR CZ   C Y N 358 
TYR OH   O N N 359 
TYR OXT  O N N 360 
TYR H    H N N 361 
TYR H2   H N N 362 
TYR HA   H N N 363 
TYR HB2  H N N 364 
TYR HB3  H N N 365 
TYR HD1  H N N 366 
TYR HD2  H N N 367 
TYR HE1  H N N 368 
TYR HE2  H N N 369 
TYR HH   H N N 370 
TYR HXT  H N N 371 
VAL N    N N N 372 
VAL CA   C N S 373 
VAL C    C N N 374 
VAL O    O N N 375 
VAL CB   C N N 376 
VAL CG1  C N N 377 
VAL CG2  C N N 378 
VAL OXT  O N N 379 
VAL H    H N N 380 
VAL H2   H N N 381 
VAL HA   H N N 382 
VAL HB   H N N 383 
VAL HG11 H N N 384 
VAL HG12 H N N 385 
VAL HG13 H N N 386 
VAL HG21 H N N 387 
VAL HG22 H N N 388 
VAL HG23 H N N 389 
VAL HXT  H N N 390 
# 
loop_
_chem_comp_bond.comp_id 
_chem_comp_bond.atom_id_1 
_chem_comp_bond.atom_id_2 
_chem_comp_bond.value_order 
_chem_comp_bond.pdbx_aromatic_flag 
_chem_comp_bond.pdbx_stereo_config 
_chem_comp_bond.pdbx_ordinal 
ALA N   CA   sing N N 1   
ALA N   H    sing N N 2   
ALA N   H2   sing N N 3   
ALA CA  C    sing N N 4   
ALA CA  CB   sing N N 5   
ALA CA  HA   sing N N 6   
ALA C   O    doub N N 7   
ALA C   OXT  sing N N 8   
ALA CB  HB1  sing N N 9   
ALA CB  HB2  sing N N 10  
ALA CB  HB3  sing N N 11  
ALA OXT HXT  sing N N 12  
ARG N   CA   sing N N 13  
ARG N   H    sing N N 14  
ARG N   H2   sing N N 15  
ARG CA  C    sing N N 16  
ARG CA  CB   sing N N 17  
ARG CA  HA   sing N N 18  
ARG C   O    doub N N 19  
ARG C   OXT  sing N N 20  
ARG CB  CG   sing N N 21  
ARG CB  HB2  sing N N 22  
ARG CB  HB3  sing N N 23  
ARG CG  CD   sing N N 24  
ARG CG  HG2  sing N N 25  
ARG CG  HG3  sing N N 26  
ARG CD  NE   sing N N 27  
ARG CD  HD2  sing N N 28  
ARG CD  HD3  sing N N 29  
ARG NE  CZ   sing N N 30  
ARG NE  HE   sing N N 31  
ARG CZ  NH1  sing N N 32  
ARG CZ  NH2  doub N N 33  
ARG NH1 HH11 sing N N 34  
ARG NH1 HH12 sing N N 35  
ARG NH2 HH21 sing N N 36  
ARG NH2 HH22 sing N N 37  
ARG OXT HXT  sing N N 38  
ASN N   CA   sing N N 39  
ASN N   H    sing N N 40  
ASN N   H2   sing N N 41  
ASN CA  C    sing N N 42  
ASN CA  CB   sing N N 43  
ASN CA  HA   sing N N 44  
ASN C   O    doub N N 45  
ASN C   OXT  sing N N 46  
ASN CB  CG   sing N N 47  
ASN CB  HB2  sing N N 48  
ASN CB  HB3  sing N N 49  
ASN CG  OD1  doub N N 50  
ASN CG  ND2  sing N N 51  
ASN ND2 HD21 sing N N 52  
ASN ND2 HD22 sing N N 53  
ASN OXT HXT  sing N N 54  
ASP N   CA   sing N N 55  
ASP N   H    sing N N 56  
ASP N   H2   sing N N 57  
ASP CA  C    sing N N 58  
ASP CA  CB   sing N N 59  
ASP CA  HA   sing N N 60  
ASP C   O    doub N N 61  
ASP C   OXT  sing N N 62  
ASP CB  CG   sing N N 63  
ASP CB  HB2  sing N N 64  
ASP CB  HB3  sing N N 65  
ASP CG  OD1  doub N N 66  
ASP CG  OD2  sing N N 67  
ASP OD2 HD2  sing N N 68  
ASP OXT HXT  sing N N 69  
CYS N   CA   sing N N 70  
CYS N   H    sing N N 71  
CYS N   H2   sing N N 72  
CYS CA  C    sing N N 73  
CYS CA  CB   sing N N 74  
CYS CA  HA   sing N N 75  
CYS C   O    doub N N 76  
CYS C   OXT  sing N N 77  
CYS CB  SG   sing N N 78  
CYS CB  HB2  sing N N 79  
CYS CB  HB3  sing N N 80  
CYS SG  HG   sing N N 81  
CYS OXT HXT  sing N N 82  
GLN N   CA   sing N N 83  
GLN N   H    sing N N 84  
GLN N   H2   sing N N 85  
GLN CA  C    sing N N 86  
GLN CA  CB   sing N N 87  
GLN CA  HA   sing N N 88  
GLN C   O    doub N N 89  
GLN C   OXT  sing N N 90  
GLN CB  CG   sing N N 91  
GLN CB  HB2  sing N N 92  
GLN CB  HB3  sing N N 93  
GLN CG  CD   sing N N 94  
GLN CG  HG2  sing N N 95  
GLN CG  HG3  sing N N 96  
GLN CD  OE1  doub N N 97  
GLN CD  NE2  sing N N 98  
GLN NE2 HE21 sing N N 99  
GLN NE2 HE22 sing N N 100 
GLN OXT HXT  sing N N 101 
GLU N   CA   sing N N 102 
GLU N   H    sing N N 103 
GLU N   H2   sing N N 104 
GLU CA  C    sing N N 105 
GLU CA  CB   sing N N 106 
GLU CA  HA   sing N N 107 
GLU C   O    doub N N 108 
GLU C   OXT  sing N N 109 
GLU CB  CG   sing N N 110 
GLU CB  HB2  sing N N 111 
GLU CB  HB3  sing N N 112 
GLU CG  CD   sing N N 113 
GLU CG  HG2  sing N N 114 
GLU CG  HG3  sing N N 115 
GLU CD  OE1  doub N N 116 
GLU CD  OE2  sing N N 117 
GLU OE2 HE2  sing N N 118 
GLU OXT HXT  sing N N 119 
GLY N   CA   sing N N 120 
GLY N   H    sing N N 121 
GLY N   H2   sing N N 122 
GLY CA  C    sing N N 123 
GLY CA  HA2  sing N N 124 
GLY CA  HA3  sing N N 125 
GLY C   O    doub N N 126 
GLY C   OXT  sing N N 127 
GLY OXT HXT  sing N N 128 
HIS N   CA   sing N N 129 
HIS N   H    sing N N 130 
HIS N   H2   sing N N 131 
HIS CA  C    sing N N 132 
HIS CA  CB   sing N N 133 
HIS CA  HA   sing N N 134 
HIS C   O    doub N N 135 
HIS C   OXT  sing N N 136 
HIS CB  CG   sing N N 137 
HIS CB  HB2  sing N N 138 
HIS CB  HB3  sing N N 139 
HIS CG  ND1  sing Y N 140 
HIS CG  CD2  doub Y N 141 
HIS ND1 CE1  doub Y N 142 
HIS ND1 HD1  sing N N 143 
HIS CD2 NE2  sing Y N 144 
HIS CD2 HD2  sing N N 145 
HIS CE1 NE2  sing Y N 146 
HIS CE1 HE1  sing N N 147 
HIS NE2 HE2  sing N N 148 
HIS OXT HXT  sing N N 149 
HOH O   H1   sing N N 150 
HOH O   H2   sing N N 151 
ILE N   CA   sing N N 152 
ILE N   H    sing N N 153 
ILE N   H2   sing N N 154 
ILE CA  C    sing N N 155 
ILE CA  CB   sing N N 156 
ILE CA  HA   sing N N 157 
ILE C   O    doub N N 158 
ILE C   OXT  sing N N 159 
ILE CB  CG1  sing N N 160 
ILE CB  CG2  sing N N 161 
ILE CB  HB   sing N N 162 
ILE CG1 CD1  sing N N 163 
ILE CG1 HG12 sing N N 164 
ILE CG1 HG13 sing N N 165 
ILE CG2 HG21 sing N N 166 
ILE CG2 HG22 sing N N 167 
ILE CG2 HG23 sing N N 168 
ILE CD1 HD11 sing N N 169 
ILE CD1 HD12 sing N N 170 
ILE CD1 HD13 sing N N 171 
ILE OXT HXT  sing N N 172 
LEU N   CA   sing N N 173 
LEU N   H    sing N N 174 
LEU N   H2   sing N N 175 
LEU CA  C    sing N N 176 
LEU CA  CB   sing N N 177 
LEU CA  HA   sing N N 178 
LEU C   O    doub N N 179 
LEU C   OXT  sing N N 180 
LEU CB  CG   sing N N 181 
LEU CB  HB2  sing N N 182 
LEU CB  HB3  sing N N 183 
LEU CG  CD1  sing N N 184 
LEU CG  CD2  sing N N 185 
LEU CG  HG   sing N N 186 
LEU CD1 HD11 sing N N 187 
LEU CD1 HD12 sing N N 188 
LEU CD1 HD13 sing N N 189 
LEU CD2 HD21 sing N N 190 
LEU CD2 HD22 sing N N 191 
LEU CD2 HD23 sing N N 192 
LEU OXT HXT  sing N N 193 
LYS N   CA   sing N N 194 
LYS N   H    sing N N 195 
LYS N   H2   sing N N 196 
LYS CA  C    sing N N 197 
LYS CA  CB   sing N N 198 
LYS CA  HA   sing N N 199 
LYS C   O    doub N N 200 
LYS C   OXT  sing N N 201 
LYS CB  CG   sing N N 202 
LYS CB  HB2  sing N N 203 
LYS CB  HB3  sing N N 204 
LYS CG  CD   sing N N 205 
LYS CG  HG2  sing N N 206 
LYS CG  HG3  sing N N 207 
LYS CD  CE   sing N N 208 
LYS CD  HD2  sing N N 209 
LYS CD  HD3  sing N N 210 
LYS CE  NZ   sing N N 211 
LYS CE  HE2  sing N N 212 
LYS CE  HE3  sing N N 213 
LYS NZ  HZ1  sing N N 214 
LYS NZ  HZ2  sing N N 215 
LYS NZ  HZ3  sing N N 216 
LYS OXT HXT  sing N N 217 
MET N   CA   sing N N 218 
MET N   H    sing N N 219 
MET N   H2   sing N N 220 
MET CA  C    sing N N 221 
MET CA  CB   sing N N 222 
MET CA  HA   sing N N 223 
MET C   O    doub N N 224 
MET C   OXT  sing N N 225 
MET CB  CG   sing N N 226 
MET CB  HB2  sing N N 227 
MET CB  HB3  sing N N 228 
MET CG  SD   sing N N 229 
MET CG  HG2  sing N N 230 
MET CG  HG3  sing N N 231 
MET SD  CE   sing N N 232 
MET CE  HE1  sing N N 233 
MET CE  HE2  sing N N 234 
MET CE  HE3  sing N N 235 
MET OXT HXT  sing N N 236 
PHE N   CA   sing N N 237 
PHE N   H    sing N N 238 
PHE N   H2   sing N N 239 
PHE CA  C    sing N N 240 
PHE CA  CB   sing N N 241 
PHE CA  HA   sing N N 242 
PHE C   O    doub N N 243 
PHE C   OXT  sing N N 244 
PHE CB  CG   sing N N 245 
PHE CB  HB2  sing N N 246 
PHE CB  HB3  sing N N 247 
PHE CG  CD1  doub Y N 248 
PHE CG  CD2  sing Y N 249 
PHE CD1 CE1  sing Y N 250 
PHE CD1 HD1  sing N N 251 
PHE CD2 CE2  doub Y N 252 
PHE CD2 HD2  sing N N 253 
PHE CE1 CZ   doub Y N 254 
PHE CE1 HE1  sing N N 255 
PHE CE2 CZ   sing Y N 256 
PHE CE2 HE2  sing N N 257 
PHE CZ  HZ   sing N N 258 
PHE OXT HXT  sing N N 259 
PRO N   CA   sing N N 260 
PRO N   CD   sing N N 261 
PRO N   H    sing N N 262 
PRO CA  C    sing N N 263 
PRO CA  CB   sing N N 264 
PRO CA  HA   sing N N 265 
PRO C   O    doub N N 266 
PRO C   OXT  sing N N 267 
PRO CB  CG   sing N N 268 
PRO CB  HB2  sing N N 269 
PRO CB  HB3  sing N N 270 
PRO CG  CD   sing N N 271 
PRO CG  HG2  sing N N 272 
PRO CG  HG3  sing N N 273 
PRO CD  HD2  sing N N 274 
PRO CD  HD3  sing N N 275 
PRO OXT HXT  sing N N 276 
SER N   CA   sing N N 277 
SER N   H    sing N N 278 
SER N   H2   sing N N 279 
SER CA  C    sing N N 280 
SER CA  CB   sing N N 281 
SER CA  HA   sing N N 282 
SER C   O    doub N N 283 
SER C   OXT  sing N N 284 
SER CB  OG   sing N N 285 
SER CB  HB2  sing N N 286 
SER CB  HB3  sing N N 287 
SER OG  HG   sing N N 288 
SER OXT HXT  sing N N 289 
THR N   CA   sing N N 290 
THR N   H    sing N N 291 
THR N   H2   sing N N 292 
THR CA  C    sing N N 293 
THR CA  CB   sing N N 294 
THR CA  HA   sing N N 295 
THR C   O    doub N N 296 
THR C   OXT  sing N N 297 
THR CB  OG1  sing N N 298 
THR CB  CG2  sing N N 299 
THR CB  HB   sing N N 300 
THR OG1 HG1  sing N N 301 
THR CG2 HG21 sing N N 302 
THR CG2 HG22 sing N N 303 
THR CG2 HG23 sing N N 304 
THR OXT HXT  sing N N 305 
TRP N   CA   sing N N 306 
TRP N   H    sing N N 307 
TRP N   H2   sing N N 308 
TRP CA  C    sing N N 309 
TRP CA  CB   sing N N 310 
TRP CA  HA   sing N N 311 
TRP C   O    doub N N 312 
TRP C   OXT  sing N N 313 
TRP CB  CG   sing N N 314 
TRP CB  HB2  sing N N 315 
TRP CB  HB3  sing N N 316 
TRP CG  CD1  doub Y N 317 
TRP CG  CD2  sing Y N 318 
TRP CD1 NE1  sing Y N 319 
TRP CD1 HD1  sing N N 320 
TRP CD2 CE2  doub Y N 321 
TRP CD2 CE3  sing Y N 322 
TRP NE1 CE2  sing Y N 323 
TRP NE1 HE1  sing N N 324 
TRP CE2 CZ2  sing Y N 325 
TRP CE3 CZ3  doub Y N 326 
TRP CE3 HE3  sing N N 327 
TRP CZ2 CH2  doub Y N 328 
TRP CZ2 HZ2  sing N N 329 
TRP CZ3 CH2  sing Y N 330 
TRP CZ3 HZ3  sing N N 331 
TRP CH2 HH2  sing N N 332 
TRP OXT HXT  sing N N 333 
TYR N   CA   sing N N 334 
TYR N   H    sing N N 335 
TYR N   H2   sing N N 336 
TYR CA  C    sing N N 337 
TYR CA  CB   sing N N 338 
TYR CA  HA   sing N N 339 
TYR C   O    doub N N 340 
TYR C   OXT  sing N N 341 
TYR CB  CG   sing N N 342 
TYR CB  HB2  sing N N 343 
TYR CB  HB3  sing N N 344 
TYR CG  CD1  doub Y N 345 
TYR CG  CD2  sing Y N 346 
TYR CD1 CE1  sing Y N 347 
TYR CD1 HD1  sing N N 348 
TYR CD2 CE2  doub Y N 349 
TYR CD2 HD2  sing N N 350 
TYR CE1 CZ   doub Y N 351 
TYR CE1 HE1  sing N N 352 
TYR CE2 CZ   sing Y N 353 
TYR CE2 HE2  sing N N 354 
TYR CZ  OH   sing N N 355 
TYR OH  HH   sing N N 356 
TYR OXT HXT  sing N N 357 
VAL N   CA   sing N N 358 
VAL N   H    sing N N 359 
VAL N   H2   sing N N 360 
VAL CA  C    sing N N 361 
VAL CA  CB   sing N N 362 
VAL CA  HA   sing N N 363 
VAL C   O    doub N N 364 
VAL C   OXT  sing N N 365 
VAL CB  CG1  sing N N 366 
VAL CB  CG2  sing N N 367 
VAL CB  HB   sing N N 368 
VAL CG1 HG11 sing N N 369 
VAL CG1 HG12 sing N N 370 
VAL CG1 HG13 sing N N 371 
VAL CG2 HG21 sing N N 372 
VAL CG2 HG22 sing N N 373 
VAL CG2 HG23 sing N N 374 
VAL OXT HXT  sing N N 375 
# 
_atom_sites.entry_id                    4CHE 
_atom_sites.fract_transf_matrix[1][1]   0.00452704 
_atom_sites.fract_transf_matrix[1][2]   0.00526453 
_atom_sites.fract_transf_matrix[1][3]   0.00591621 
_atom_sites.fract_transf_matrix[2][1]   -0.00747826 
_atom_sites.fract_transf_matrix[2][2]   0.00508444 
_atom_sites.fract_transf_matrix[2][3]   0.00119793 
_atom_sites.fract_transf_matrix[3][1]   -0.00731471 
_atom_sites.fract_transf_matrix[3][2]   -0.01528105 
_atom_sites.fract_transf_matrix[3][3]   0.01919497 
_atom_sites.fract_transf_vector[1]      0.381620 
_atom_sites.fract_transf_vector[2]      0.205491 
_atom_sites.fract_transf_vector[3]      0.332369 
# 
loop_
_atom_type.symbol 
C 
N 
O 
S 
# 
loop_
_atom_site.group_PDB 
_atom_site.id 
_atom_site.type_symbol 
_atom_site.label_atom_id 
_atom_site.label_alt_id 
_atom_site.label_comp_id 
_atom_site.label_asym_id 
_atom_site.label_entity_id 
_atom_site.label_seq_id 
_atom_site.pdbx_PDB_ins_code 
_atom_site.Cartn_x 
_atom_site.Cartn_y 
_atom_site.Cartn_z 
_atom_site.occupancy 
_atom_site.B_iso_or_equiv 
_atom_site.pdbx_formal_charge 
_atom_site.auth_seq_id 
_atom_site.auth_comp_id 
_atom_site.auth_asym_id 
_atom_site.auth_atom_id 
_atom_site.pdbx_PDB_model_num 
ATOM   1    N N   . HIS A 1 8   ? -3.219  2.556   20.084  1.00 71.81 ? 326  HIS A N   1 
ATOM   2    C CA  . HIS A 1 8   ? -2.383  3.357   19.144  1.00 70.23 ? 326  HIS A CA  1 
ATOM   3    C C   . HIS A 1 8   ? -2.111  2.575   17.857  1.00 69.89 ? 326  HIS A C   1 
ATOM   4    O O   . HIS A 1 8   ? -2.543  2.978   16.776  1.00 71.45 ? 326  HIS A O   1 
ATOM   5    C CB  . HIS A 1 8   ? -1.071  3.763   19.809  1.00 69.26 ? 326  HIS A CB  1 
ATOM   6    N N   . THR A 1 9   ? -1.419  1.445   17.987  1.00 65.97 ? 327  THR A N   1 
ATOM   7    C CA  . THR A 1 9   ? -0.956  0.675   16.832  1.00 63.20 ? 327  THR A CA  1 
ATOM   8    C C   . THR A 1 9   ? -2.076  -0.094  16.107  1.00 61.33 ? 327  THR A C   1 
ATOM   9    O O   . THR A 1 9   ? -3.064  -0.499  16.721  1.00 62.60 ? 327  THR A O   1 
ATOM   10   C CB  . THR A 1 9   ? 0.144   -0.323  17.250  1.00 62.49 ? 327  THR A CB  1 
ATOM   11   O OG1 . THR A 1 9   ? 1.223   0.383   17.869  1.00 63.53 ? 327  THR A OG1 1 
ATOM   12   C CG2 . THR A 1 9   ? 0.674   -1.062  16.054  1.00 60.54 ? 327  THR A CG2 1 
ATOM   13   N N   . MET A 1 10  ? -1.907  -0.264  14.794  1.00 55.08 ? 328  MET A N   1 
ATOM   14   C CA  . MET A 1 10  ? -2.774  -1.103  13.974  1.00 51.35 ? 328  MET A CA  1 
ATOM   15   C C   . MET A 1 10  ? -1.923  -2.141  13.236  1.00 45.45 ? 328  MET A C   1 
ATOM   16   O O   . MET A 1 10  ? -0.720  -1.968  13.050  1.00 40.56 ? 328  MET A O   1 
ATOM   17   C CB  . MET A 1 10  ? -3.549  -0.252  12.965  1.00 56.06 ? 328  MET A CB  1 
ATOM   18   C CG  . MET A 1 10  ? -4.638  -1.019  12.224  1.00 61.78 ? 328  MET A CG  1 
ATOM   19   S SD  . MET A 1 10  ? -5.781  0.009   11.284  1.00 71.24 ? 328  MET A SD  1 
ATOM   20   C CE  . MET A 1 10  ? -6.880  -1.240  10.614  1.00 70.80 ? 328  MET A CE  1 
ATOM   21   N N   . LYS A 1 11  ? -2.561  -3.222  12.823  1.00 40.60 ? 329  LYS A N   1 
ATOM   22   C CA  . LYS A 1 11  ? -1.890  -4.304  12.120  1.00 40.69 ? 329  LYS A CA  1 
ATOM   23   C C   . LYS A 1 11  ? -2.666  -4.669  10.858  1.00 36.24 ? 329  LYS A C   1 
ATOM   24   O O   . LYS A 1 11  ? -3.897  -4.740  10.885  1.00 34.27 ? 329  LYS A O   1 
ATOM   25   C CB  . LYS A 1 11  ? -1.793  -5.509  13.052  1.00 44.33 ? 329  LYS A CB  1 
ATOM   26   C CG  . LYS A 1 11  ? -0.655  -6.461  12.748  1.00 47.73 ? 329  LYS A CG  1 
ATOM   27   C CD  . LYS A 1 11  ? -0.495  -7.498  13.850  1.00 49.63 ? 329  LYS A CD  1 
ATOM   28   C CE  . LYS A 1 11  ? 0.629   -8.467  13.524  1.00 51.41 ? 329  LYS A CE  1 
ATOM   29   N NZ  . LYS A 1 11  ? 0.719   -9.587  14.504  1.00 54.82 ? 329  LYS A NZ  1 
ATOM   30   N N   A ILE A 1 12  ? -1.951  -4.861  9.752   0.60 31.90 ? 330  ILE A N   1 
ATOM   31   N N   B ILE A 1 12  ? -1.992  -4.765  9.727   0.40 31.90 ? 330  ILE A N   1 
ATOM   32   C CA  A ILE A 1 12  ? -2.530  -5.443  8.540   0.60 30.17 ? 330  ILE A CA  1 
ATOM   33   C CA  B ILE A 1 12  ? -2.517  -5.417  8.540   0.40 30.17 ? 330  ILE A CA  1 
ATOM   34   C C   A ILE A 1 12  ? -1.687  -6.653  8.184   0.60 28.86 ? 330  ILE A C   1 
ATOM   35   C C   B ILE A 1 12  ? -1.703  -6.654  8.184   0.40 28.86 ? 330  ILE A C   1 
ATOM   36   O O   A ILE A 1 12  ? -0.487  -6.530  7.936   0.60 26.17 ? 330  ILE A O   1 
ATOM   37   O O   B ILE A 1 12  ? -0.554  -6.541  7.943   0.40 26.17 ? 330  ILE A O   1 
ATOM   38   C CB  A ILE A 1 12  ? -2.554  -4.449  7.364   0.60 30.12 ? 330  ILE A CB  1 
ATOM   39   C CB  B ILE A 1 12  ? -2.444  -4.516  7.305   0.40 30.12 ? 330  ILE A CB  1 
ATOM   40   C CG1 A ILE A 1 12  ? -3.527  -3.309  7.665   0.60 30.78 ? 330  ILE A CG1 1 
ATOM   41   C CG1 B ILE A 1 12  ? -3.066  -3.145  7.551   0.40 30.78 ? 330  ILE A CG1 1 
ATOM   42   C CG2 A ILE A 1 12  ? -2.940  -5.147  6.063   0.60 27.99 ? 330  ILE A CG2 1 
ATOM   43   C CG2 B ILE A 1 12  ? -3.025  -5.211  6.143   0.40 27.99 ? 330  ILE A CG2 1 
ATOM   44   C CD1 A ILE A 1 12  ? -3.301  -2.112  6.798   0.60 32.28 ? 330  ILE A CD1 1 
ATOM   45   C CD1 B ILE A 1 12  ? -4.429  -3.139  7.512   0.40 32.28 ? 330  ILE A CD1 1 
ATOM   46   N N   . ARG A 1 13  ? -2.318  -7.825  8.185   1.00 28.37 ? 331  ARG A N   1 
ATOM   47   C CA  . ARG A 1 13  ? -1.609  -9.085  8.076   1.00 28.22 ? 331  ARG A CA  1 
ATOM   48   C C   . ARG A 1 13  ? -0.479  -9.105  9.113   1.00 29.01 ? 331  ARG A C   1 
ATOM   49   O O   . ARG A 1 13  ? -0.752  -8.906  10.285  1.00 31.65 ? 331  ARG A O   1 
ATOM   50   C CB  . ARG A 1 13  ? -1.156  -9.331  6.633   1.00 27.80 ? 331  ARG A CB  1 
ATOM   51   C CG  . ARG A 1 13  ? -2.338  -9.406  5.672   1.00 27.62 ? 331  ARG A CG  1 
ATOM   52   C CD  . ARG A 1 13  ? -1.994  -10.087 4.363   1.00 28.18 ? 331  ARG A CD  1 
ATOM   53   N NE  . ARG A 1 13  ? -0.950  -9.368  3.646   1.00 26.57 ? 331  ARG A NE  1 
ATOM   54   C CZ  . ARG A 1 13  ? -0.331  -9.807  2.558   1.00 25.73 ? 331  ARG A CZ  1 
ATOM   55   N NH1 . ARG A 1 13  ? -0.637  -10.987 2.031   1.00 27.25 ? 331  ARG A NH1 1 
ATOM   56   N NH2 . ARG A 1 13  ? 0.609   -9.051  1.989   1.00 26.71 ? 331  ARG A NH2 1 
ATOM   57   N N   . SER A 1 14  ? 0.773   -9.289  8.706   1.00 29.25 ? 332  SER A N   1 
ATOM   58   C CA  . SER A 1 14  ? 1.882   -9.312  9.671   1.00 30.71 ? 332  SER A CA  1 
ATOM   59   C C   . SER A 1 14  ? 2.608   -7.974  9.830   1.00 29.35 ? 332  SER A C   1 
ATOM   60   O O   . SER A 1 14  ? 3.591   -7.889  10.563  1.00 30.14 ? 332  SER A O   1 
ATOM   61   C CB  . SER A 1 14  ? 2.876   -10.397 9.280   1.00 32.02 ? 332  SER A CB  1 
ATOM   62   O OG  . SER A 1 14  ? 2.263   -11.661 9.425   1.00 36.00 ? 332  SER A OG  1 
ATOM   63   N N   . THR A 1 15  ? 2.134   -6.931  9.156   1.00 26.99 ? 333  THR A N   1 
ATOM   64   C CA  . THR A 1 15  ? 2.757   -5.618  9.251   1.00 25.98 ? 333  THR A CA  1 
ATOM   65   C C   . THR A 1 15  ? 2.059   -4.738  10.299  1.00 26.68 ? 333  THR A C   1 
ATOM   66   O O   . THR A 1 15  ? 0.846   -4.536  10.262  1.00 27.00 ? 333  THR A O   1 
ATOM   67   C CB  . THR A 1 15  ? 2.800   -4.910  7.875   1.00 25.70 ? 333  THR A CB  1 
ATOM   68   O OG1 . THR A 1 15  ? 3.489   -5.738  6.926   1.00 26.43 ? 333  THR A OG1 1 
ATOM   69   C CG2 . THR A 1 15  ? 3.515   -3.581  7.977   1.00 25.00 ? 333  THR A CG2 1 
ATOM   70   N N   . LYS A 1 16  ? 2.850   -4.222  11.235  1.00 27.67 ? 334  LYS A N   1 
ATOM   71   C CA  . LYS A 1 16  ? 2.384   -3.321  12.289  1.00 29.45 ? 334  LYS A CA  1 
ATOM   72   C C   . LYS A 1 16  ? 2.590   -1.867  11.850  1.00 27.12 ? 334  LYS A C   1 
ATOM   73   O O   . LYS A 1 16  ? 3.616   -1.555  11.278  1.00 27.51 ? 334  LYS A O   1 
ATOM   74   C CB  . LYS A 1 16  ? 3.206   -3.614  13.551  1.00 32.96 ? 334  LYS A CB  1 
ATOM   75   C CG  . LYS A 1 16  ? 2.788   -2.868  14.795  1.00 39.12 ? 334  LYS A CG  1 
ATOM   76   C CD  . LYS A 1 16  ? 3.684   -3.249  15.970  1.00 42.75 ? 334  LYS A CD  1 
ATOM   77   C CE  . LYS A 1 16  ? 3.553   -2.264  17.126  1.00 46.75 ? 334  LYS A CE  1 
ATOM   78   N NZ  . LYS A 1 16  ? 4.434   -2.615  18.275  1.00 50.70 ? 334  LYS A NZ  1 
ATOM   79   N N   . PHE A 1 17  ? 1.635   -0.984  12.136  1.00 26.02 ? 335  PHE A N   1 
ATOM   80   C CA  . PHE A 1 17  ? 1.699   0.430   11.739  1.00 25.39 ? 335  PHE A CA  1 
ATOM   81   C C   . PHE A 1 17  ? 1.567   1.346   12.958  1.00 27.70 ? 335  PHE A C   1 
ATOM   82   O O   . PHE A 1 17  ? 0.775   1.071   13.851  1.00 29.11 ? 335  PHE A O   1 
ATOM   83   C CB  . PHE A 1 17  ? 0.566   0.760   10.760  1.00 25.33 ? 335  PHE A CB  1 
ATOM   84   C CG  . PHE A 1 17  ? 0.689   0.073   9.434   1.00 24.69 ? 335  PHE A CG  1 
ATOM   85   C CD1 . PHE A 1 17  ? 1.432   0.650   8.407   1.00 24.42 ? 335  PHE A CD1 1 
ATOM   86   C CD2 . PHE A 1 17  ? 0.083   -1.150  9.214   1.00 25.14 ? 335  PHE A CD2 1 
ATOM   87   C CE1 . PHE A 1 17  ? 1.551   0.016   7.182   1.00 24.54 ? 335  PHE A CE1 1 
ATOM   88   C CE2 . PHE A 1 17  ? 0.202   -1.787  7.991   1.00 24.89 ? 335  PHE A CE2 1 
ATOM   89   C CZ  . PHE A 1 17  ? 0.941   -1.199  6.973   1.00 23.98 ? 335  PHE A CZ  1 
ATOM   90   N N   A SER A 1 18  ? 2.346   2.423   12.997  0.70 28.27 ? 336  SER A N   1 
ATOM   91   N N   B SER A 1 18  ? 2.396   2.481   13.062  0.30 28.27 ? 336  SER A N   1 
ATOM   92   C CA  A SER A 1 18  ? 2.196   3.453   14.036  0.70 30.21 ? 336  SER A CA  1 
ATOM   93   C CA  B SER A 1 18  ? 2.245   3.511   14.101  0.30 30.21 ? 336  SER A CA  1 
ATOM   94   C C   A SER A 1 18  ? 2.312   4.816   13.397  0.70 27.95 ? 336  SER A C   1 
ATOM   95   C C   B SER A 1 18  ? 2.362   4.874   13.462  0.30 27.95 ? 336  SER A C   1 
ATOM   96   O O   A SER A 1 18  ? 3.324   5.121   12.777  0.70 28.33 ? 336  SER A O   1 
ATOM   97   O O   B SER A 1 18  ? 3.374   5.178   12.842  0.30 28.33 ? 336  SER A O   1 
ATOM   98   C CB  A SER A 1 18  ? 3.270   3.315   15.117  0.70 32.89 ? 336  SER A CB  1 
ATOM   99   C CB  B SER A 1 18  ? 3.320   3.372   15.181  0.30 32.89 ? 336  SER A CB  1 
ATOM   100  O OG  A SER A 1 18  ? 3.241   2.025   15.688  0.70 37.55 ? 336  SER A OG  1 
ATOM   101  O OG  B SER A 1 18  ? 3.192   4.393   16.147  0.30 37.55 ? 336  SER A OG  1 
ATOM   102  N N   . ILE A 1 19  ? 1.287   5.649   13.559  1.00 29.03 ? 337  ILE A N   1 
ATOM   103  C CA  . ILE A 1 19  ? 1.298   6.980   12.964  1.00 28.72 ? 337  ILE A CA  1 
ATOM   104  C C   . ILE A 1 19  ? 2.234   7.848   13.780  1.00 30.08 ? 337  ILE A C   1 
ATOM   105  O O   . ILE A 1 19  ? 2.052   7.978   14.990  1.00 31.03 ? 337  ILE A O   1 
ATOM   106  C CB  . ILE A 1 19  ? -0.107  7.618   12.930  1.00 28.83 ? 337  ILE A CB  1 
ATOM   107  C CG1 . ILE A 1 19  ? -1.047  6.769   12.075  1.00 29.07 ? 337  ILE A CG1 1 
ATOM   108  C CG2 . ILE A 1 19  ? -0.037  9.028   12.357  1.00 27.59 ? 337  ILE A CG2 1 
ATOM   109  C CD1 . ILE A 1 19  ? -2.479  7.249   12.097  1.00 30.29 ? 337  ILE A CD1 1 
ATOM   110  N N   . LEU A 1 20  ? 3.241   8.419   13.121  1.00 28.38 ? 338  LEU A N   1 
ATOM   111  C CA  . LEU A 1 20  ? 4.205   9.294   13.791  1.00 30.41 ? 338  LEU A CA  1 
ATOM   112  C C   . LEU A 1 20  ? 3.646   10.708  13.878  1.00 31.47 ? 338  LEU A C   1 
ATOM   113  O O   . LEU A 1 20  ? 3.713   11.341  14.924  1.00 31.47 ? 338  LEU A O   1 
ATOM   114  C CB  . LEU A 1 20  ? 5.551   9.293   13.055  1.00 29.36 ? 338  LEU A CB  1 
ATOM   115  C CG  . LEU A 1 20  ? 6.243   7.932   12.942  1.00 29.28 ? 338  LEU A CG  1 
ATOM   116  C CD1 . LEU A 1 20  ? 7.404   7.983   11.952  1.00 28.42 ? 338  LEU A CD1 1 
ATOM   117  C CD2 . LEU A 1 20  ? 6.710   7.448   14.311  1.00 30.47 ? 338  LEU A CD2 1 
ATOM   118  N N   . ASN A 1 21  ? 3.108   11.202  12.769  1.00 33.07 ? 339  ASN A N   1 
ATOM   119  C CA  . ASN A 1 21  ? 2.306   12.427  12.772  1.00 33.55 ? 339  ASN A CA  1 
ATOM   120  C C   . ASN A 1 21  ? 1.308   12.411  11.614  1.00 33.67 ? 339  ASN A C   1 
ATOM   121  O O   . ASN A 1 21  ? 1.470   11.664  10.638  1.00 29.54 ? 339  ASN A O   1 
ATOM   122  C CB  . ASN A 1 21  ? 3.190   13.675  12.725  1.00 35.48 ? 339  ASN A CB  1 
ATOM   123  C CG  . ASN A 1 21  ? 4.160   13.671  11.564  1.00 37.93 ? 339  ASN A CG  1 
ATOM   124  O OD1 . ASN A 1 21  ? 3.774   13.892  10.421  1.00 41.33 ? 339  ASN A OD1 1 
ATOM   125  N ND2 . ASN A 1 21  ? 5.434   13.441  11.854  1.00 39.43 ? 339  ASN A ND2 1 
ATOM   126  N N   . SER A 1 22  ? 0.265   13.223  11.735  1.00 32.82 ? 340  SER A N   1 
ATOM   127  C CA  . SER A 1 22  ? -0.751  13.331  10.677  1.00 33.73 ? 340  SER A CA  1 
ATOM   128  C C   . SER A 1 22  ? -1.592  14.589  10.858  1.00 35.22 ? 340  SER A C   1 
ATOM   129  O O   . SER A 1 22  ? -1.828  15.020  11.990  1.00 35.58 ? 340  SER A O   1 
ATOM   130  C CB  . SER A 1 22  ? -1.672  12.110  10.681  1.00 33.41 ? 340  SER A CB  1 
ATOM   131  O OG  . SER A 1 22  ? -2.334  11.985  11.931  1.00 35.34 ? 340  SER A OG  1 
ATOM   132  N N   . ASP A 1 23  ? -2.033  15.165  9.743   1.00 35.04 ? 341  ASP A N   1 
ATOM   133  C CA  . ASP A 1 23  ? -2.887  16.357  9.764   1.00 36.57 ? 341  ASP A CA  1 
ATOM   134  C C   . ASP A 1 23  ? -4.192  16.068  10.503  1.00 38.09 ? 341  ASP A C   1 
ATOM   135  O O   . ASP A 1 23  ? -4.630  16.859  11.334  1.00 38.76 ? 341  ASP A O   1 
ATOM   136  C CB  . ASP A 1 23  ? -3.210  16.835  8.338   1.00 35.68 ? 341  ASP A CB  1 
ATOM   137  C CG  . ASP A 1 23  ? -2.022  17.460  7.632   1.00 35.96 ? 341  ASP A CG  1 
ATOM   138  O OD1 . ASP A 1 23  ? -0.986  17.736  8.275   1.00 36.58 ? 341  ASP A OD1 1 
ATOM   139  O OD2 . ASP A 1 23  ? -2.124  17.685  6.409   1.00 35.86 ? 341  ASP A OD2 1 
ATOM   140  N N   . HIS A 1 24  ? -4.813  14.934  10.190  1.00 36.67 ? 342  HIS A N   1 
ATOM   141  C CA  . HIS A 1 24  ? -6.124  14.601  10.723  1.00 37.78 ? 342  HIS A CA  1 
ATOM   142  C C   . HIS A 1 24  ? -6.174  13.152  11.068  1.00 37.32 ? 342  HIS A C   1 
ATOM   143  O O   . HIS A 1 24  ? -5.366  12.372  10.561  1.00 35.02 ? 342  HIS A O   1 
ATOM   144  C CB  . HIS A 1 24  ? -7.208  14.898  9.686   1.00 38.94 ? 342  HIS A CB  1 
ATOM   145  C CG  . HIS A 1 24  ? -7.175  16.305  9.150   1.00 41.07 ? 342  HIS A CG  1 
ATOM   146  N ND1 . HIS A 1 24  ? -7.668  17.353  9.843   1.00 43.47 ? 342  HIS A ND1 1 
ATOM   147  C CD2 . HIS A 1 24  ? -6.689  16.820  7.947   1.00 41.29 ? 342  HIS A CD2 1 
ATOM   148  C CE1 . HIS A 1 24  ? -7.503  18.484  9.121   1.00 43.83 ? 342  HIS A CE1 1 
ATOM   149  N NE2 . HIS A 1 24  ? -6.905  18.155  7.961   1.00 43.29 ? 342  HIS A NE2 1 
ATOM   150  N N   . PRO A 1 25  ? -7.140  12.755  11.919  1.00 39.02 ? 343  PRO A N   1 
ATOM   151  C CA  . PRO A 1 25  ? -7.367  11.328  12.087  1.00 37.16 ? 343  PRO A CA  1 
ATOM   152  C C   . PRO A 1 25  ? -7.786  10.686  10.771  1.00 34.99 ? 343  PRO A C   1 
ATOM   153  O O   . PRO A 1 25  ? -8.287  11.369  9.873   1.00 33.32 ? 343  PRO A O   1 
ATOM   154  C CB  . PRO A 1 25  ? -8.516  11.263  13.102  1.00 39.49 ? 343  PRO A CB  1 
ATOM   155  C CG  . PRO A 1 25  ? -8.492  12.586  13.802  1.00 40.33 ? 343  PRO A CG  1 
ATOM   156  C CD  . PRO A 1 25  ? -8.048  13.560  12.759  1.00 40.08 ? 343  PRO A CD  1 
ATOM   157  N N   . ARG A 1 26  ? -7.570  9.384   10.662  1.00 35.01 ? 344  ARG A N   1 
ATOM   158  C CA  . ARG A 1 26  ? -8.003  8.642   9.489   1.00 33.98 ? 344  ARG A CA  1 
ATOM   159  C C   . ARG A 1 26  ? -9.517  8.712   9.339   1.00 35.39 ? 344  ARG A C   1 
ATOM   160  O O   . ARG A 1 26  ? -10.255 8.755   10.333  1.00 35.63 ? 344  ARG A O   1 
ATOM   161  C CB  . ARG A 1 26  ? -7.552  7.192   9.579   1.00 33.78 ? 344  ARG A CB  1 
ATOM   162  C CG  . ARG A 1 26  ? -6.095  7.010   9.201   1.00 34.43 ? 344  ARG A CG  1 
ATOM   163  C CD  . ARG A 1 26  ? -5.514  5.735   9.770   1.00 34.28 ? 344  ARG A CD  1 
ATOM   164  N NE  . ARG A 1 26  ? -6.060  4.500   9.205   1.00 33.22 ? 344  ARG A NE  1 
ATOM   165  C CZ  . ARG A 1 26  ? -5.779  4.018   7.995   1.00 33.87 ? 344  ARG A CZ  1 
ATOM   166  N NH1 . ARG A 1 26  ? -4.993  4.692   7.166   1.00 33.73 ? 344  ARG A NH1 1 
ATOM   167  N NH2 . ARG A 1 26  ? -6.307  2.857   7.605   1.00 33.37 ? 344  ARG A NH2 1 
ATOM   168  N N   . ILE A 1 27  ? -9.965  8.737   8.094   1.00 32.68 ? 345  ILE A N   1 
ATOM   169  C CA  . ILE A 1 27  ? -11.382 8.831   7.785   1.00 32.73 ? 345  ILE A CA  1 
ATOM   170  C C   . ILE A 1 27  ? -11.860 7.539   7.144   1.00 33.15 ? 345  ILE A C   1 
ATOM   171  O O   . ILE A 1 27  ? -11.060 6.785   6.595   1.00 31.85 ? 345  ILE A O   1 
ATOM   172  C CB  . ILE A 1 27  ? -11.686 10.038  6.862   1.00 33.46 ? 345  ILE A CB  1 
ATOM   173  C CG1 . ILE A 1 27  ? -10.886 9.976   5.554   1.00 33.58 ? 345  ILE A CG1 1 
ATOM   174  C CG2 . ILE A 1 27  ? -11.374 11.335  7.601   1.00 33.97 ? 345  ILE A CG2 1 
ATOM   175  C CD1 . ILE A 1 27  ? -11.459 10.820  4.431   1.00 33.69 ? 345  ILE A CD1 1 
ATOM   176  N N   . GLU A 1 28  ? -13.166 7.292   7.232   1.00 33.48 ? 346  GLU A N   1 
ATOM   177  C CA  . GLU A 1 28  ? -13.794 6.165   6.560   1.00 33.74 ? 346  GLU A CA  1 
ATOM   178  C C   . GLU A 1 28  ? -14.581 6.664   5.348   1.00 32.50 ? 346  GLU A C   1 
ATOM   179  O O   . GLU A 1 28  ? -15.313 7.649   5.441   1.00 32.15 ? 346  GLU A O   1 
ATOM   180  C CB  . GLU A 1 28  ? -14.707 5.411   7.529   1.00 36.44 ? 346  GLU A CB  1 
ATOM   181  C CG  . GLU A 1 28  ? -15.544 4.323   6.864   1.00 39.33 ? 346  GLU A CG  1 
ATOM   182  C CD  . GLU A 1 28  ? -16.041 3.271   7.843   1.00 42.54 ? 346  GLU A CD  1 
ATOM   183  O OE1 . GLU A 1 28  ? -15.198 2.549   8.420   1.00 46.05 ? 346  GLU A OE1 1 
ATOM   184  O OE2 . GLU A 1 28  ? -17.277 3.153   8.017   1.00 44.15 ? 346  GLU A OE2 1 
ATOM   185  N N   . VAL A 1 29  ? -14.395 5.993   4.211   1.00 29.56 ? 347  VAL A N   1 
ATOM   186  C CA  . VAL A 1 29  ? -15.165 6.241   2.990   1.00 29.79 ? 347  VAL A CA  1 
ATOM   187  C C   . VAL A 1 29  ? -16.131 5.078   2.814   1.00 29.95 ? 347  VAL A C   1 
ATOM   188  O O   . VAL A 1 29  ? -15.712 3.926   2.778   1.00 29.26 ? 347  VAL A O   1 
ATOM   189  C CB  . VAL A 1 29  ? -14.250 6.333   1.750   1.00 29.58 ? 347  VAL A CB  1 
ATOM   190  C CG1 . VAL A 1 29  ? -15.070 6.497   0.467   1.00 29.90 ? 347  VAL A CG1 1 
ATOM   191  C CG2 . VAL A 1 29  ? -13.280 7.489   1.902   1.00 30.67 ? 347  VAL A CG2 1 
ATOM   192  N N   . LYS A 1 30  ? -17.425 5.365   2.716   1.00 32.09 ? 348  LYS A N   1 
ATOM   193  C CA  . LYS A 1 30  ? -18.410 4.296   2.526   1.00 33.74 ? 348  LYS A CA  1 
ATOM   194  C C   . LYS A 1 30  ? -18.751 4.162   1.044   1.00 32.55 ? 348  LYS A C   1 
ATOM   195  O O   . LYS A 1 30  ? -19.712 4.748   0.549   1.00 32.56 ? 348  LYS A O   1 
ATOM   196  C CB  . LYS A 1 30  ? -19.657 4.537   3.387   1.00 37.18 ? 348  LYS A CB  1 
ATOM   197  C CG  . LYS A 1 30  ? -19.400 4.340   4.878   1.00 40.72 ? 348  LYS A CG  1 
ATOM   198  C CD  . LYS A 1 30  ? -20.667 4.446   5.721   1.00 44.00 ? 348  LYS A CD  1 
ATOM   199  C CE  . LYS A 1 30  ? -21.354 5.794   5.550   1.00 46.71 ? 348  LYS A CE  1 
ATOM   200  N NZ  . LYS A 1 30  ? -22.396 6.041   6.593   1.00 50.53 ? 348  LYS A NZ  1 
ATOM   201  N N   . LYS A 1 31  ? -17.941 3.373   0.340   1.00 29.26 ? 349  LYS A N   1 
ATOM   202  C CA  . LYS A 1 31  ? -18.075 3.201   -1.099  1.00 28.15 ? 349  LYS A CA  1 
ATOM   203  C C   . LYS A 1 31  ? -19.265 2.303   -1.448  1.00 26.19 ? 349  LYS A C   1 
ATOM   204  O O   . LYS A 1 31  ? -19.386 1.189   -0.944  1.00 27.06 ? 349  LYS A O   1 
ATOM   205  C CB  . LYS A 1 31  ? -16.784 2.590   -1.670  1.00 27.17 ? 349  LYS A CB  1 
ATOM   206  C CG  . LYS A 1 31  ? -16.786 2.312   -3.162  1.00 27.47 ? 349  LYS A CG  1 
ATOM   207  C CD  . LYS A 1 31  ? -16.931 3.588   -3.971  1.00 27.70 ? 349  LYS A CD  1 
ATOM   208  C CE  . LYS A 1 31  ? -17.014 3.268   -5.447  1.00 28.23 ? 349  LYS A CE  1 
ATOM   209  N NZ  . LYS A 1 31  ? -16.992 4.522   -6.240  1.00 30.41 ? 349  LYS A NZ  1 
ATOM   210  N N   . VAL A 1 32  ? -20.107 2.789   -2.349  1.00 25.76 ? 350  VAL A N   1 
ATOM   211  C CA  . VAL A 1 32  ? -21.267 2.034   -2.827  1.00 24.38 ? 350  VAL A CA  1 
ATOM   212  C C   . VAL A 1 32  ? -21.071 1.553   -4.259  1.00 24.11 ? 350  VAL A C   1 
ATOM   213  O O   . VAL A 1 32  ? -20.796 2.341   -5.165  1.00 27.33 ? 350  VAL A O   1 
ATOM   214  C CB  . VAL A 1 32  ? -22.552 2.869   -2.744  1.00 25.93 ? 350  VAL A CB  1 
ATOM   215  C CG1 . VAL A 1 32  ? -23.740 2.042   -3.247  1.00 24.98 ? 350  VAL A CG1 1 
ATOM   216  C CG2 . VAL A 1 32  ? -22.768 3.359   -1.317  1.00 26.29 ? 350  VAL A CG2 1 
ATOM   217  N N   . PHE A 1 33  ? -21.198 0.247   -4.451  1.00 23.15 ? 351  PHE A N   1 
ATOM   218  C CA  . PHE A 1 33  ? -21.152 -0.367  -5.765  1.00 23.48 ? 351  PHE A CA  1 
ATOM   219  C C   . PHE A 1 33  ? -22.585 -0.759  -6.133  1.00 23.71 ? 351  PHE A C   1 
ATOM   220  O O   . PHE A 1 33  ? -23.274 -1.385  -5.330  1.00 24.09 ? 351  PHE A O   1 
ATOM   221  C CB  . PHE A 1 33  ? -20.264 -1.617  -5.734  1.00 23.50 ? 351  PHE A CB  1 
ATOM   222  C CG  . PHE A 1 33  ? -18.806 -1.317  -5.478  1.00 23.66 ? 351  PHE A CG  1 
ATOM   223  C CD1 . PHE A 1 33  ? -18.023 -0.741  -6.473  1.00 23.87 ? 351  PHE A CD1 1 
ATOM   224  C CD2 . PHE A 1 33  ? -18.220 -1.605  -4.259  1.00 23.74 ? 351  PHE A CD2 1 
ATOM   225  C CE1 . PHE A 1 33  ? -16.683 -0.449  -6.249  1.00 22.79 ? 351  PHE A CE1 1 
ATOM   226  C CE2 . PHE A 1 33  ? -16.877 -1.314  -4.032  1.00 23.57 ? 351  PHE A CE2 1 
ATOM   227  C CZ  . PHE A 1 33  ? -16.114 -0.732  -5.027  1.00 23.07 ? 351  PHE A CZ  1 
ATOM   228  N N   . SER A 1 34  ? -23.039 -0.382  -7.322  1.00 24.65 ? 352  SER A N   1 
ATOM   229  C CA  . SER A 1 34  ? -24.388 -0.773  -7.783  1.00 25.86 ? 352  SER A CA  1 
ATOM   230  C C   . SER A 1 34  ? -24.342 -2.020  -8.633  1.00 25.90 ? 352  SER A C   1 
ATOM   231  O O   . SER A 1 34  ? -23.645 -2.067  -9.650  1.00 29.48 ? 352  SER A O   1 
ATOM   232  C CB  . SER A 1 34  ? -25.045 0.330   -8.600  1.00 27.85 ? 352  SER A CB  1 
ATOM   233  O OG  . SER A 1 34  ? -25.284 1.469   -7.795  1.00 33.43 ? 352  SER A OG  1 
ATOM   234  N N   . LEU A 1 35  ? -25.111 -3.015  -8.226  1.00 25.55 ? 353  LEU A N   1 
ATOM   235  C CA  . LEU A 1 35  ? -25.268 -4.249  -8.983  1.00 25.93 ? 353  LEU A CA  1 
ATOM   236  C C   . LEU A 1 35  ? -26.416 -4.114  -9.999  1.00 26.87 ? 353  LEU A C   1 
ATOM   237  O O   . LEU A 1 35  ? -26.401 -4.747  -11.047 1.00 27.57 ? 353  LEU A O   1 
ATOM   238  C CB  . LEU A 1 35  ? -25.547 -5.407  -8.024  1.00 26.04 ? 353  LEU A CB  1 
ATOM   239  C CG  . LEU A 1 35  ? -24.343 -5.964  -7.252  1.00 27.41 ? 353  LEU A CG  1 
ATOM   240  C CD1 . LEU A 1 35  ? -23.727 -4.936  -6.319  1.00 28.47 ? 353  LEU A CD1 1 
ATOM   241  C CD2 . LEU A 1 35  ? -24.768 -7.205  -6.479  1.00 27.03 ? 353  LEU A CD2 1 
ATOM   242  N N   . SER A 1 36  ? -27.405 -3.292  -9.656  1.00 25.04 ? 354  SER A N   1 
ATOM   243  C CA  . SER A 1 36  ? -28.577 -3.019  -10.494 1.00 25.20 ? 354  SER A CA  1 
ATOM   244  C C   . SER A 1 36  ? -29.237 -1.755  -9.919  1.00 26.09 ? 354  SER A C   1 
ATOM   245  O O   . SER A 1 36  ? -28.791 -1.244  -8.901  1.00 24.17 ? 354  SER A O   1 
ATOM   246  C CB  . SER A 1 36  ? -29.560 -4.197  -10.447 1.00 24.73 ? 354  SER A CB  1 
ATOM   247  O OG  . SER A 1 36  ? -30.278 -4.182  -9.226  1.00 25.36 ? 354  SER A OG  1 
ATOM   248  N N   . PRO A 1 37  ? -30.304 -1.245  -10.557 1.00 27.09 ? 355  PRO A N   1 
ATOM   249  C CA  . PRO A 1 37  ? -30.936 -0.029  -10.023 1.00 27.20 ? 355  PRO A CA  1 
ATOM   250  C C   . PRO A 1 37  ? -31.381 -0.090  -8.564  1.00 27.75 ? 355  PRO A C   1 
ATOM   251  O O   . PRO A 1 37  ? -31.372 0.930   -7.878  1.00 28.29 ? 355  PRO A O   1 
ATOM   252  C CB  . PRO A 1 37  ? -32.157 0.151   -10.926 1.00 28.04 ? 355  PRO A CB  1 
ATOM   253  C CG  . PRO A 1 37  ? -31.757 -0.462  -12.212 1.00 28.29 ? 355  PRO A CG  1 
ATOM   254  C CD  . PRO A 1 37  ? -30.871 -1.628  -11.857 1.00 27.52 ? 355  PRO A CD  1 
ATOM   255  N N   . ASP A 1 38  ? -31.762 -1.261  -8.084  1.00 26.29 ? 356  ASP A N   1 
ATOM   256  C CA  . ASP A 1 38  ? -32.244 -1.380  -6.710  1.00 27.09 ? 356  ASP A CA  1 
ATOM   257  C C   . ASP A 1 38  ? -31.417 -2.324  -5.829  1.00 26.14 ? 356  ASP A C   1 
ATOM   258  O O   . ASP A 1 38  ? -31.860 -2.712  -4.747  1.00 26.52 ? 356  ASP A O   1 
ATOM   259  C CB  . ASP A 1 38  ? -33.730 -1.785  -6.691  1.00 28.08 ? 356  ASP A CB  1 
ATOM   260  C CG  . ASP A 1 38  ? -34.013 -3.079  -7.455  1.00 29.83 ? 356  ASP A CG  1 
ATOM   261  O OD1 . ASP A 1 38  ? -33.126 -3.582  -8.183  1.00 28.23 ? 356  ASP A OD1 1 
ATOM   262  O OD2 . ASP A 1 38  ? -35.166 -3.576  -7.341  1.00 32.24 ? 356  ASP A OD2 1 
ATOM   263  N N   . VAL A 1 39  ? -30.212 -2.690  -6.272  1.00 24.85 ? 357  VAL A N   1 
ATOM   264  C CA  . VAL A 1 39  ? -29.336 -3.545  -5.471  1.00 23.54 ? 357  VAL A CA  1 
ATOM   265  C C   . VAL A 1 39  ? -27.939 -2.944  -5.432  1.00 23.20 ? 357  VAL A C   1 
ATOM   266  O O   . VAL A 1 39  ? -27.345 -2.705  -6.476  1.00 23.28 ? 357  VAL A O   1 
ATOM   267  C CB  . VAL A 1 39  ? -29.225 -4.967  -6.050  1.00 23.38 ? 357  VAL A CB  1 
ATOM   268  C CG1 . VAL A 1 39  ? -28.338 -5.826  -5.164  1.00 24.27 ? 357  VAL A CG1 1 
ATOM   269  C CG2 . VAL A 1 39  ? -30.616 -5.610  -6.182  1.00 24.02 ? 357  VAL A CG2 1 
ATOM   270  N N   . GLN A 1 40  ? -27.427 -2.725  -4.235  1.00 24.47 ? 358  GLN A N   1 
ATOM   271  C CA  . GLN A 1 40  ? -26.091 -2.159  -4.067  1.00 26.54 ? 358  GLN A CA  1 
ATOM   272  C C   . GLN A 1 40  ? -25.332 -2.875  -2.962  1.00 26.47 ? 358  GLN A C   1 
ATOM   273  O O   . GLN A 1 40  ? -25.927 -3.541  -2.113  1.00 26.92 ? 358  GLN A O   1 
ATOM   274  C CB  . GLN A 1 40  ? -26.193 -0.664  -3.742  1.00 29.60 ? 358  GLN A CB  1 
ATOM   275  C CG  . GLN A 1 40  ? -26.831 -0.364  -2.395  1.00 31.89 ? 358  GLN A CG  1 
ATOM   276  C CD  . GLN A 1 40  ? -26.914 1.128   -2.094  1.00 35.33 ? 358  GLN A CD  1 
ATOM   277  O OE1 . GLN A 1 40  ? -27.209 1.940   -2.980  1.00 36.53 ? 358  GLN A OE1 1 
ATOM   278  N NE2 . GLN A 1 40  ? -26.645 1.495   -0.837  1.00 37.27 ? 358  GLN A NE2 1 
ATOM   279  N N   . VAL A 1 41  ? -24.011 -2.721  -2.972  1.00 24.98 ? 359  VAL A N   1 
ATOM   280  C CA  . VAL A 1 41  ? -23.166 -3.250  -1.911  1.00 26.51 ? 359  VAL A CA  1 
ATOM   281  C C   . VAL A 1 41  ? -22.322 -2.098  -1.391  1.00 26.22 ? 359  VAL A C   1 
ATOM   282  O O   . VAL A 1 41  ? -21.754 -1.342  -2.171  1.00 24.66 ? 359  VAL A O   1 
ATOM   283  C CB  . VAL A 1 41  ? -22.250 -4.380  -2.428  1.00 27.57 ? 359  VAL A CB  1 
ATOM   284  C CG1 . VAL A 1 41  ? -21.348 -4.903  -1.317  1.00 28.17 ? 359  VAL A CG1 1 
ATOM   285  C CG2 . VAL A 1 41  ? -23.088 -5.517  -2.981  1.00 27.52 ? 359  VAL A CG2 1 
ATOM   286  N N   . THR A 1 42  ? -22.256 -1.961  -0.073  1.00 26.45 ? 360  THR A N   1 
ATOM   287  C CA  . THR A 1 42  ? -21.474 -0.899  0.530   1.00 26.67 ? 360  THR A CA  1 
ATOM   288  C C   . THR A 1 42  ? -20.254 -1.517  1.186   1.00 26.01 ? 360  THR A C   1 
ATOM   289  O O   . THR A 1 42  ? -20.379 -2.419  2.008   1.00 25.83 ? 360  THR A O   1 
ATOM   290  C CB  . THR A 1 42  ? -22.321 -0.088  1.521   1.00 28.96 ? 360  THR A CB  1 
ATOM   291  O OG1 . THR A 1 42  ? -23.393 0.529   0.795   1.00 30.64 ? 360  THR A OG1 1 
ATOM   292  C CG2 . THR A 1 42  ? -21.477 0.998   2.213   1.00 28.75 ? 360  THR A CG2 1 
ATOM   293  N N   . ILE A 1 43  ? -19.071 -1.061  0.776   1.00 25.86 ? 361  ILE A N   1 
ATOM   294  C CA  . ILE A 1 43  ? -17.806 -1.591  1.289   1.00 25.06 ? 361  ILE A CA  1 
ATOM   295  C C   . ILE A 1 43  ? -16.976 -0.409  1.777   1.00 25.10 ? 361  ILE A C   1 
ATOM   296  O O   . ILE A 1 43  ? -16.416 0.336   0.968   1.00 24.84 ? 361  ILE A O   1 
ATOM   297  C CB  . ILE A 1 43  ? -17.040 -2.392  0.211   1.00 25.36 ? 361  ILE A CB  1 
ATOM   298  C CG1 . ILE A 1 43  ? -17.921 -3.511  -0.353  1.00 25.67 ? 361  ILE A CG1 1 
ATOM   299  C CG2 . ILE A 1 43  ? -15.744 -2.971  0.790   1.00 25.80 ? 361  ILE A CG2 1 
ATOM   300  C CD1 . ILE A 1 43  ? -17.209 -4.426  -1.337  1.00 25.35 ? 361  ILE A CD1 1 
ATOM   301  N N   . PRO A 1 44  ? -16.926 -0.200  3.099   1.00 26.05 ? 362  PRO A N   1 
ATOM   302  C CA  . PRO A 1 44  ? -16.169 0.945   3.595   1.00 26.21 ? 362  PRO A CA  1 
ATOM   303  C C   . PRO A 1 44  ? -14.662 0.687   3.612   1.00 23.96 ? 362  PRO A C   1 
ATOM   304  O O   . PRO A 1 44  ? -14.219 -0.468  3.732   1.00 23.38 ? 362  PRO A O   1 
ATOM   305  C CB  . PRO A 1 44  ? -16.706 1.151   5.018   1.00 28.76 ? 362  PRO A CB  1 
ATOM   306  C CG  . PRO A 1 44  ? -17.442 -0.098  5.382   1.00 29.85 ? 362  PRO A CG  1 
ATOM   307  C CD  . PRO A 1 44  ? -17.498 -1.010  4.190   1.00 28.44 ? 362  PRO A CD  1 
ATOM   308  N N   . TYR A 1 45  ? -13.890 1.756   3.443   1.00 23.40 ? 363  TYR A N   1 
ATOM   309  C CA  . TYR A 1 45  ? -12.448 1.694   3.612   1.00 22.84 ? 363  TYR A CA  1 
ATOM   310  C C   . TYR A 1 45  ? -11.895 2.920   4.320   1.00 25.12 ? 363  TYR A C   1 
ATOM   311  O O   . TYR A 1 45  ? -12.495 3.995   4.294   1.00 25.43 ? 363  TYR A O   1 
ATOM   312  C CB  . TYR A 1 45  ? -11.747 1.497   2.266   1.00 22.99 ? 363  TYR A CB  1 
ATOM   313  C CG  . TYR A 1 45  ? -11.828 2.647   1.271   1.00 21.83 ? 363  TYR A CG  1 
ATOM   314  C CD1 . TYR A 1 45  ? -12.853 2.703   0.328   1.00 21.89 ? 363  TYR A CD1 1 
ATOM   315  C CD2 . TYR A 1 45  ? -10.827 3.623   1.209   1.00 21.65 ? 363  TYR A CD2 1 
ATOM   316  C CE1 . TYR A 1 45  ? -12.909 3.720   -0.605  1.00 21.81 ? 363  TYR A CE1 1 
ATOM   317  C CE2 . TYR A 1 45  ? -10.864 4.632   0.267   1.00 21.10 ? 363  TYR A CE2 1 
ATOM   318  C CZ  . TYR A 1 45  ? -11.912 4.683   -0.634  1.00 22.06 ? 363  TYR A CZ  1 
ATOM   319  O OH  . TYR A 1 45  ? -11.952 5.684   -1.570  1.00 22.45 ? 363  TYR A OH  1 
ATOM   320  N N   . ARG A 1 46  ? -10.743 2.740   4.959   1.00 26.03 ? 364  ARG A N   1 
ATOM   321  C CA  . ARG A 1 46  ? -10.105 3.804   5.707   1.00 29.02 ? 364  ARG A CA  1 
ATOM   322  C C   . ARG A 1 46  ? -8.914  4.352   4.931   1.00 27.70 ? 364  ARG A C   1 
ATOM   323  O O   . ARG A 1 46  ? -8.256  3.625   4.160   1.00 25.04 ? 364  ARG A O   1 
ATOM   324  C CB  . ARG A 1 46  ? -9.673  3.306   7.083   1.00 33.01 ? 364  ARG A CB  1 
ATOM   325  C CG  . ARG A 1 46  ? -10.829 2.736   7.894   1.00 39.67 ? 364  ARG A CG  1 
ATOM   326  C CD  . ARG A 1 46  ? -10.471 2.604   9.363   1.00 45.42 ? 364  ARG A CD  1 
ATOM   327  N NE  . ARG A 1 46  ? -10.505 3.906   10.031  1.00 51.83 ? 364  ARG A NE  1 
ATOM   328  C CZ  . ARG A 1 46  ? -11.577 4.448   10.614  1.00 56.11 ? 364  ARG A CZ  1 
ATOM   329  N NH1 . ARG A 1 46  ? -12.752 3.817   10.637  1.00 59.69 ? 364  ARG A NH1 1 
ATOM   330  N NH2 . ARG A 1 46  ? -11.472 5.643   11.184  1.00 57.74 ? 364  ARG A NH2 1 
ATOM   331  N N   . ARG A 1 47  ? -8.660  5.636   5.129   1.00 25.27 ? 365  ARG A N   1 
ATOM   332  C CA  . ARG A 1 47  ? -7.626  6.362   4.400   1.00 25.97 ? 365  ARG A CA  1 
ATOM   333  C C   . ARG A 1 47  ? -7.238  7.632   5.150   1.00 26.70 ? 365  ARG A C   1 
ATOM   334  O O   . ARG A 1 47  ? -7.850  7.978   6.168   1.00 25.24 ? 365  ARG A O   1 
ATOM   335  C CB  . ARG A 1 47  ? -8.116  6.734   3.003   1.00 25.81 ? 365  ARG A CB  1 
ATOM   336  C CG  . ARG A 1 47  ? -9.407  7.556   2.992   1.00 26.40 ? 365  ARG A CG  1 
ATOM   337  C CD  . ARG A 1 47  ? -9.608  8.325   1.698   1.00 26.36 ? 365  ARG A CD  1 
ATOM   338  N NE  . ARG A 1 47  ? -8.819  9.549   1.655   1.00 27.09 ? 365  ARG A NE  1 
ATOM   339  C CZ  . ARG A 1 47  ? -8.947  10.511  0.750   1.00 26.65 ? 365  ARG A CZ  1 
ATOM   340  N NH1 . ARG A 1 47  ? -9.843  10.422  -0.227  1.00 26.17 ? 365  ARG A NH1 1 
ATOM   341  N NH2 . ARG A 1 47  ? -8.168  11.587  0.827   1.00 28.68 ? 365  ARG A NH2 1 
ATOM   342  N N   . PHE A 1 48  ? -6.221  8.315   4.632   1.00 26.74 ? 366  PHE A N   1 
ATOM   343  C CA  . PHE A 1 48  ? -5.798  9.598   5.176   1.00 27.68 ? 366  PHE A CA  1 
ATOM   344  C C   . PHE A 1 48  ? -6.452  10.766  4.457   1.00 27.92 ? 366  PHE A C   1 
ATOM   345  O O   . PHE A 1 48  ? -6.677  10.716  3.255   1.00 26.61 ? 366  PHE A O   1 
ATOM   346  C CB  . PHE A 1 48  ? -4.264  9.731   5.135   1.00 27.17 ? 366  PHE A CB  1 
ATOM   347  C CG  . PHE A 1 48  ? -3.581  8.834   6.116   1.00 26.88 ? 366  PHE A CG  1 
ATOM   348  C CD1 . PHE A 1 48  ? -3.550  9.163   7.453   1.00 27.04 ? 366  PHE A CD1 1 
ATOM   349  C CD2 . PHE A 1 48  ? -3.029  7.630   5.712   1.00 27.57 ? 366  PHE A CD2 1 
ATOM   350  C CE1 . PHE A 1 48  ? -2.952  8.327   8.377   1.00 27.63 ? 366  PHE A CE1 1 
ATOM   351  C CE2 . PHE A 1 48  ? -2.440  6.776   6.630   1.00 27.05 ? 366  PHE A CE2 1 
ATOM   352  C CZ  . PHE A 1 48  ? -2.389  7.130   7.963   1.00 27.67 ? 366  PHE A CZ  1 
ATOM   353  N N   . LYS A 1 49  ? -6.729  11.816  5.233   1.00 30.87 ? 367  LYS A N   1 
ATOM   354  C CA  . LYS A 1 49  ? -7.103  13.132  4.723   1.00 32.18 ? 367  LYS A CA  1 
ATOM   355  C C   . LYS A 1 49  ? -5.922  14.055  5.023   1.00 30.39 ? 367  LYS A C   1 
ATOM   356  O O   . LYS A 1 49  ? -5.558  14.248  6.186   1.00 29.60 ? 367  LYS A O   1 
ATOM   357  C CB  . LYS A 1 49  ? -8.363  13.620  5.442   1.00 36.42 ? 367  LYS A CB  1 
ATOM   358  C CG  . LYS A 1 49  ? -8.888  14.985  5.018   1.00 40.51 ? 367  LYS A CG  1 
ATOM   359  C CD  . LYS A 1 49  ? -9.943  15.474  6.015   1.00 44.41 ? 367  LYS A CD  1 
ATOM   360  C CE  . LYS A 1 49  ? -10.416 16.893  5.710   1.00 49.04 ? 367  LYS A CE  1 
ATOM   361  N NZ  . LYS A 1 49  ? -11.105 17.529  6.876   1.00 52.39 ? 367  LYS A NZ  1 
ATOM   362  N N   . GLY A 1 50  ? -5.320  14.605  3.977   1.00 29.65 ? 368  GLY A N   1 
ATOM   363  C CA  . GLY A 1 50  ? -4.093  15.383  4.111   1.00 29.67 ? 368  GLY A CA  1 
ATOM   364  C C   . GLY A 1 50  ? -2.854  14.523  4.365   1.00 30.73 ? 368  GLY A C   1 
ATOM   365  O O   . GLY A 1 50  ? -2.789  13.357  3.956   1.00 29.14 ? 368  GLY A O   1 
ATOM   366  N N   . LYS A 1 51  ? -1.879  15.104  5.055   1.00 30.31 ? 369  LYS A N   1 
ATOM   367  C CA  . LYS A 1 51  ? -0.550  14.497  5.196   1.00 30.87 ? 369  LYS A CA  1 
ATOM   368  C C   . LYS A 1 51  ? -0.452  13.541  6.374   1.00 28.50 ? 369  LYS A C   1 
ATOM   369  O O   . LYS A 1 51  ? -1.146  13.682  7.386   1.00 26.58 ? 369  LYS A O   1 
ATOM   370  C CB  . LYS A 1 51  ? 0.520   15.590  5.317   1.00 34.71 ? 369  LYS A CB  1 
ATOM   371  C CG  . LYS A 1 51  ? 0.730   16.378  4.040   1.00 38.73 ? 369  LYS A CG  1 
ATOM   372  C CD  . LYS A 1 51  ? 1.730   17.504  4.247   1.00 42.36 ? 369  LYS A CD  1 
ATOM   373  C CE  . LYS A 1 51  ? 2.030   18.212  2.936   1.00 46.09 ? 369  LYS A CE  1 
ATOM   374  N NZ  . LYS A 1 51  ? 2.984   19.349  3.128   1.00 50.30 ? 369  LYS A NZ  1 
ATOM   375  N N   . ALA A 1 52  ? 0.400   12.530  6.223   1.00 27.04 ? 370  ALA A N   1 
ATOM   376  C CA  . ALA A 1 52  ? 0.723   11.636  7.330   1.00 26.54 ? 370  ALA A CA  1 
ATOM   377  C C   . ALA A 1 52  ? 2.114   11.047  7.141   1.00 25.26 ? 370  ALA A C   1 
ATOM   378  O O   . ALA A 1 52  ? 2.587   10.910  6.006   1.00 24.33 ? 370  ALA A O   1 
ATOM   379  C CB  . ALA A 1 52  ? -0.322  10.530  7.462   1.00 25.80 ? 370  ALA A CB  1 
ATOM   380  N N   . LYS A 1 53  ? 2.765   10.744  8.263   1.00 25.38 ? 371  LYS A N   1 
ATOM   381  C CA  . LYS A 1 53  ? 4.040   10.033  8.284   1.00 25.30 ? 371  LYS A CA  1 
ATOM   382  C C   . LYS A 1 53  ? 3.810   8.841   9.196   1.00 23.61 ? 371  LYS A C   1 
ATOM   383  O O   . LYS A 1 53  ? 3.388   9.022   10.336  1.00 22.93 ? 371  LYS A O   1 
ATOM   384  C CB  . LYS A 1 53  ? 5.160   10.922  8.821   1.00 26.63 ? 371  LYS A CB  1 
ATOM   385  C CG  . LYS A 1 53  ? 6.560   10.330  8.720   1.00 27.71 ? 371  LYS A CG  1 
ATOM   386  C CD  . LYS A 1 53  ? 7.580   11.211  9.444   1.00 31.21 ? 371  LYS A CD  1 
ATOM   387  C CE  . LYS A 1 53  ? 9.008   10.693  9.336   1.00 32.48 ? 371  LYS A CE  1 
ATOM   388  N NZ  . LYS A 1 53  ? 9.947   11.430  10.245  1.00 34.31 ? 371  LYS A NZ  1 
ATOM   389  N N   . VAL A 1 54  ? 4.075   7.626   8.701   1.00 22.83 ? 372  VAL A N   1 
ATOM   390  C CA  . VAL A 1 54  ? 3.664   6.401   9.392   1.00 23.20 ? 372  VAL A CA  1 
ATOM   391  C C   . VAL A 1 54  ? 4.789   5.359   9.452   1.00 22.99 ? 372  VAL A C   1 
ATOM   392  O O   . VAL A 1 54  ? 5.380   5.004   8.423   1.00 22.78 ? 372  VAL A O   1 
ATOM   393  C CB  . VAL A 1 54  ? 2.446   5.748   8.701   1.00 23.68 ? 372  VAL A CB  1 
ATOM   394  C CG1 . VAL A 1 54  ? 1.989   4.512   9.476   1.00 23.25 ? 372  VAL A CG1 1 
ATOM   395  C CG2 . VAL A 1 54  ? 1.297   6.750   8.534   1.00 24.31 ? 372  VAL A CG2 1 
ATOM   396  N N   . TYR A 1 55  ? 5.052   4.861   10.653  1.00 23.40 ? 373  TYR A N   1 
ATOM   397  C CA  . TYR A 1 55  ? 6.040   3.807   10.893  1.00 24.12 ? 373  TYR A CA  1 
ATOM   398  C C   . TYR A 1 55  ? 5.433   2.441   10.574  1.00 23.02 ? 373  TYR A C   1 
ATOM   399  O O   . TYR A 1 55  ? 4.261   2.191   10.857  1.00 23.78 ? 373  TYR A O   1 
ATOM   400  C CB  . TYR A 1 55  ? 6.496   3.835   12.370  1.00 24.42 ? 373  TYR A CB  1 
ATOM   401  C CG  . TYR A 1 55  ? 7.391   2.683   12.752  1.00 24.26 ? 373  TYR A CG  1 
ATOM   402  C CD1 . TYR A 1 55  ? 8.729   2.659   12.356  1.00 24.28 ? 373  TYR A CD1 1 
ATOM   403  C CD2 . TYR A 1 55  ? 6.906   1.604   13.493  1.00 24.98 ? 373  TYR A CD2 1 
ATOM   404  C CE1 . TYR A 1 55  ? 9.559   1.590   12.679  1.00 24.48 ? 373  TYR A CE1 1 
ATOM   405  C CE2 . TYR A 1 55  ? 7.734   0.534   13.827  1.00 25.69 ? 373  TYR A CE2 1 
ATOM   406  C CZ  . TYR A 1 55  ? 9.066   0.537   13.424  1.00 24.51 ? 373  TYR A CZ  1 
ATOM   407  O OH  . TYR A 1 55  ? 9.901   -0.527  13.745  1.00 24.98 ? 373  TYR A OH  1 
ATOM   408  N N   . PHE A 1 56  ? 6.233   1.552   9.986   1.00 22.12 ? 374  PHE A N   1 
ATOM   409  C CA  . PHE A 1 56  ? 5.798   0.179   9.766   1.00 23.12 ? 374  PHE A CA  1 
ATOM   410  C C   . PHE A 1 56  ? 6.909   -0.794  10.104  1.00 23.14 ? 374  PHE A C   1 
ATOM   411  O O   . PHE A 1 56  ? 8.095   -0.463  10.020  1.00 21.88 ? 374  PHE A O   1 
ATOM   412  C CB  . PHE A 1 56  ? 5.306   -0.049  8.341   1.00 22.64 ? 374  PHE A CB  1 
ATOM   413  C CG  . PHE A 1 56  ? 6.349   0.181   7.290   1.00 22.42 ? 374  PHE A CG  1 
ATOM   414  C CD1 . PHE A 1 56  ? 6.538   1.439   6.753   1.00 23.24 ? 374  PHE A CD1 1 
ATOM   415  C CD2 . PHE A 1 56  ? 7.133   -0.868  6.832   1.00 23.21 ? 374  PHE A CD2 1 
ATOM   416  C CE1 . PHE A 1 56  ? 7.500   1.653   5.789   1.00 23.33 ? 374  PHE A CE1 1 
ATOM   417  C CE2 . PHE A 1 56  ? 8.095   -0.662  5.867   1.00 24.20 ? 374  PHE A CE2 1 
ATOM   418  C CZ  . PHE A 1 56  ? 8.280   0.606   5.341   1.00 23.55 ? 374  PHE A CZ  1 
ATOM   419  N N   . GLN A 1 57  ? 6.498   -1.996  10.474  1.00 24.48 ? 375  GLN A N   1 
ATOM   420  C CA  . GLN A 1 57  ? 7.412   -3.035  10.898  1.00 25.89 ? 375  GLN A CA  1 
ATOM   421  C C   . GLN A 1 57  ? 6.843   -4.389  10.533  1.00 25.78 ? 375  GLN A C   1 
ATOM   422  O O   . GLN A 1 57  ? 5.681   -4.670  10.811  1.00 26.04 ? 375  GLN A O   1 
ATOM   423  C CB  . GLN A 1 57  ? 7.580   -2.934  12.413  1.00 28.37 ? 375  GLN A CB  1 
ATOM   424  C CG  . GLN A 1 57  ? 8.673   -3.790  12.997  1.00 31.30 ? 375  GLN A CG  1 
ATOM   425  C CD  . GLN A 1 57  ? 8.545   -3.858  14.504  1.00 33.98 ? 375  GLN A CD  1 
ATOM   426  O OE1 . GLN A 1 57  ? 8.087   -5.000  15.000  1.00 36.01 ? 375  GLN A OE1 1 
ATOM   427  N NE2 . GLN A 1 57  ? 8.837   -2.887  15.214  1.00 35.68 ? 375  GLN A NE2 1 
ATOM   428  N N   . ASN A 1 58  ? 7.659   -5.218  9.895   1.00 26.60 ? 376  ASN A N   1 
ATOM   429  C CA  . ASN A 1 58  ? 7.291   -6.599  9.611   1.00 29.35 ? 376  ASN A CA  1 
ATOM   430  C C   . ASN A 1 58  ? 8.543   -7.461  9.794   1.00 30.48 ? 376  ASN A C   1 
ATOM   431  O O   . ASN A 1 58  ? 9.430   -7.472  8.941   1.00 29.80 ? 376  ASN A O   1 
ATOM   432  C CB  . ASN A 1 58  ? 6.715   -6.716  8.191   1.00 29.99 ? 376  ASN A CB  1 
ATOM   433  C CG  . ASN A 1 58  ? 6.146   -8.090  7.895   1.00 31.96 ? 376  ASN A CG  1 
ATOM   434  O OD1 . ASN A 1 58  ? 6.701   -9.100  8.314   1.00 32.98 ? 376  ASN A OD1 1 
ATOM   435  N ND2 . ASN A 1 58  ? 5.024   -8.135  7.169   1.00 32.13 ? 376  ASN A ND2 1 
ATOM   436  N N   . ASP A 1 59  ? 8.607   -8.159  10.925  1.00 34.01 ? 377  ASP A N   1 
ATOM   437  C CA  . ASP A 1 59  ? 9.769   -8.973  11.298  1.00 37.15 ? 377  ASP A CA  1 
ATOM   438  C C   . ASP A 1 59  ? 11.054  -8.140  11.229  1.00 35.46 ? 377  ASP A C   1 
ATOM   439  O O   . ASP A 1 59  ? 11.229  -7.263  12.055  1.00 38.82 ? 377  ASP A O   1 
ATOM   440  C CB  . ASP A 1 59  ? 9.828   -10.259 10.458  1.00 40.01 ? 377  ASP A CB  1 
ATOM   441  C CG  . ASP A 1 59  ? 10.894  -11.249 10.952  1.00 45.35 ? 377  ASP A CG  1 
ATOM   442  O OD1 . ASP A 1 59  ? 11.338  -11.151 12.125  1.00 49.85 ? 377  ASP A OD1 1 
ATOM   443  O OD2 . ASP A 1 59  ? 11.288  -12.133 10.156  1.00 50.21 ? 377  ASP A OD2 1 
ATOM   444  N N   . GLN A 1 60  ? 11.926  -8.375  10.247  1.00 37.14 ? 378  GLN A N   1 
ATOM   445  C CA  . GLN A 1 60  ? 13.212  -7.665  10.165  1.00 38.29 ? 378  GLN A CA  1 
ATOM   446  C C   . GLN A 1 60  ? 13.216  -6.571  9.093   1.00 34.97 ? 378  GLN A C   1 
ATOM   447  O O   . GLN A 1 60  ? 14.269  -6.064  8.706   1.00 35.97 ? 378  GLN A O   1 
ATOM   448  C CB  . GLN A 1 60  ? 14.356  -8.667  9.945   1.00 43.84 ? 378  GLN A CB  1 
ATOM   449  C CG  . GLN A 1 60  ? 14.588  -9.590  11.145  1.00 45.89 ? 378  GLN A CG  1 
ATOM   450  C CD  . GLN A 1 60  ? 14.883  -8.829  12.435  1.00 49.49 ? 378  GLN A CD  1 
ATOM   451  O OE1 . GLN A 1 60  ? 14.184  -8.988  13.447  1.00 49.42 ? 378  GLN A OE1 1 
ATOM   452  N NE2 . GLN A 1 60  ? 15.910  -7.983  12.400  1.00 52.19 ? 378  GLN A NE2 1 
ATOM   453  N N   . ILE A 1 61  ? 12.025  -6.207  8.633   1.00 31.26 ? 379  ILE A N   1 
ATOM   454  C CA  . ILE A 1 61  ? 11.836  -5.086  7.717   1.00 29.35 ? 379  ILE A CA  1 
ATOM   455  C C   . ILE A 1 61  ? 11.151  -3.969  8.505   1.00 27.01 ? 379  ILE A C   1 
ATOM   456  O O   . ILE A 1 61  ? 10.192  -4.212  9.228   1.00 26.67 ? 379  ILE A O   1 
ATOM   457  C CB  . ILE A 1 61  ? 10.918  -5.482  6.543   1.00 30.09 ? 379  ILE A CB  1 
ATOM   458  C CG1 . ILE A 1 61  ? 11.521  -6.663  5.764   1.00 31.09 ? 379  ILE A CG1 1 
ATOM   459  C CG2 . ILE A 1 61  ? 10.676  -4.295  5.620   1.00 31.24 ? 379  ILE A CG2 1 
ATOM   460  C CD1 . ILE A 1 61  ? 10.521  -7.404  4.901   1.00 32.30 ? 379  ILE A CD1 1 
ATOM   461  N N   . GLN A 1 62  ? 11.633  -2.747  8.352   1.00 26.11 ? 380  GLN A N   1 
ATOM   462  C CA  . GLN A 1 62  ? 10.958  -1.614  8.964   1.00 25.66 ? 380  GLN A CA  1 
ATOM   463  C C   . GLN A 1 62  ? 11.238  -0.361  8.194   1.00 23.67 ? 380  GLN A C   1 
ATOM   464  O O   . GLN A 1 62  ? 12.072  -0.347  7.295   1.00 23.71 ? 380  GLN A O   1 
ATOM   465  C CB  . GLN A 1 62  ? 11.419  -1.431  10.396  1.00 26.09 ? 380  GLN A CB  1 
ATOM   466  C CG  . GLN A 1 62  ? 12.904  -1.128  10.514  1.00 28.64 ? 380  GLN A CG  1 
ATOM   467  C CD  . GLN A 1 62  ? 13.259  -0.504  11.836  1.00 30.36 ? 380  GLN A CD  1 
ATOM   468  O OE1 . GLN A 1 62  ? 12.382  -0.196  12.647  1.00 31.59 ? 380  GLN A OE1 1 
ATOM   469  N NE2 . GLN A 1 62  ? 14.559  -0.326  12.077  1.00 33.69 ? 380  GLN A NE2 1 
ATOM   470  N N   . GLY A 1 63  ? 10.555  0.706   8.575   1.00 22.12 ? 381  GLY A N   1 
ATOM   471  C CA  . GLY A 1 63  ? 10.743  1.977   7.926   1.00 22.14 ? 381  GLY A CA  1 
ATOM   472  C C   . GLY A 1 63  ? 9.594   2.909   8.192   1.00 21.86 ? 381  GLY A C   1 
ATOM   473  O O   . GLY A 1 63  ? 8.842   2.713   9.145   1.00 21.42 ? 381  GLY A O   1 
ATOM   474  N N   . TYR A 1 64  ? 9.463   3.933   7.354   1.00 22.29 ? 382  TYR A N   1 
ATOM   475  C CA  . TYR A 1 64  ? 8.285   4.788   7.402   1.00 23.22 ? 382  TYR A CA  1 
ATOM   476  C C   . TYR A 1 64  ? 7.902   5.204   5.992   1.00 23.07 ? 382  TYR A C   1 
ATOM   477  O O   . TYR A 1 64  ? 8.744   5.212   5.096   1.00 23.14 ? 382  TYR A O   1 
ATOM   478  C CB  . TYR A 1 64  ? 8.498   6.024   8.300   1.00 23.42 ? 382  TYR A CB  1 
ATOM   479  C CG  . TYR A 1 64  ? 9.456   7.062   7.764   1.00 25.15 ? 382  TYR A CG  1 
ATOM   480  C CD1 . TYR A 1 64  ? 9.038   8.010   6.838   1.00 26.34 ? 382  TYR A CD1 1 
ATOM   481  C CD2 . TYR A 1 64  ? 10.779  7.108   8.197   1.00 26.59 ? 382  TYR A CD2 1 
ATOM   482  C CE1 . TYR A 1 64  ? 9.913   8.959   6.340   1.00 28.15 ? 382  TYR A CE1 1 
ATOM   483  C CE2 . TYR A 1 64  ? 11.659  8.062   7.712   1.00 28.24 ? 382  TYR A CE2 1 
ATOM   484  C CZ  . TYR A 1 64  ? 11.223  8.982   6.787   1.00 28.91 ? 382  TYR A CZ  1 
ATOM   485  O OH  . TYR A 1 64  ? 12.088  9.936   6.288   1.00 35.14 ? 382  TYR A OH  1 
ATOM   486  N N   . PHE A 1 65  ? 6.630   5.539   5.790   1.00 22.42 ? 383  PHE A N   1 
ATOM   487  C CA  . PHE A 1 65  ? 6.234   6.229   4.564   1.00 22.55 ? 383  PHE A CA  1 
ATOM   488  C C   . PHE A 1 65  ? 5.580   7.555   4.898   1.00 22.81 ? 383  PHE A C   1 
ATOM   489  O O   . PHE A 1 65  ? 5.049   7.720   5.993   1.00 22.58 ? 383  PHE A O   1 
ATOM   490  C CB  . PHE A 1 65  ? 5.293   5.382   3.711   1.00 22.45 ? 383  PHE A CB  1 
ATOM   491  C CG  . PHE A 1 65  ? 3.972   5.086   4.352   1.00 22.72 ? 383  PHE A CG  1 
ATOM   492  C CD1 . PHE A 1 65  ? 2.898   5.958   4.197   1.00 23.95 ? 383  PHE A CD1 1 
ATOM   493  C CD2 . PHE A 1 65  ? 3.780   3.913   5.076   1.00 23.67 ? 383  PHE A CD2 1 
ATOM   494  C CE1 . PHE A 1 65  ? 1.663   5.676   4.771   1.00 23.09 ? 383  PHE A CE1 1 
ATOM   495  C CE2 . PHE A 1 65  ? 2.546   3.626   5.638   1.00 24.25 ? 383  PHE A CE2 1 
ATOM   496  C CZ  . PHE A 1 65  ? 1.487   4.505   5.481   1.00 23.18 ? 383  PHE A CZ  1 
ATOM   497  N N   A SER A 1 66  ? 5.649   8.483   3.944   0.50 23.73 ? 384  SER A N   1 
ATOM   498  N N   B SER A 1 66  ? 5.699   8.540   4.009   0.50 23.73 ? 384  SER A N   1 
ATOM   499  C CA  A SER A 1 66  ? 4.896   9.729   3.983   0.50 25.06 ? 384  SER A CA  1 
ATOM   500  C CA  B SER A 1 66  ? 4.946   9.786   4.048   0.50 25.06 ? 384  SER A CA  1 
ATOM   501  C C   A SER A 1 66  ? 3.886   9.713   2.852   0.50 24.18 ? 384  SER A C   1 
ATOM   502  C C   B SER A 1 66  ? 3.935   9.771   2.917   0.50 24.18 ? 384  SER A C   1 
ATOM   503  O O   A SER A 1 66  ? 4.197   9.271   1.744   0.50 23.10 ? 384  SER A O   1 
ATOM   504  O O   B SER A 1 66  ? 4.247   9.329   1.809   0.50 23.10 ? 384  SER A O   1 
ATOM   505  C CB  A SER A 1 66  ? 5.830   10.931  3.791   0.50 26.12 ? 384  SER A CB  1 
ATOM   506  C CB  B SER A 1 66  ? 5.880   10.989  3.856   0.50 26.12 ? 384  SER A CB  1 
ATOM   507  O OG  A SER A 1 66  ? 6.770   10.961  4.853   0.50 30.58 ? 384  SER A OG  1 
ATOM   508  O OG  B SER A 1 66  ? 6.455   10.925  2.561   0.50 30.58 ? 384  SER A OG  1 
ATOM   509  N N   . CYS A 1 67  ? 2.683   10.207  3.123   1.00 23.43 ? 385  CYS A N   1 
ATOM   510  C CA  . CYS A 1 67  ? 1.669   10.325  2.088   1.00 23.46 ? 385  CYS A CA  1 
ATOM   511  C C   . CYS A 1 67  ? 0.907   11.646  2.169   1.00 24.79 ? 385  CYS A C   1 
ATOM   512  O O   . CYS A 1 67  ? 0.989   12.381  3.176   1.00 24.90 ? 385  CYS A O   1 
ATOM   513  C CB  . CYS A 1 67  ? 0.679   9.161   2.183   1.00 23.03 ? 385  CYS A CB  1 
ATOM   514  S SG  . CYS A 1 67  ? -0.316  9.139   3.686   1.00 25.41 ? 385  CYS A SG  1 
ATOM   515  N N   . THR A 1 68  ? 0.214   11.942  1.072   1.00 24.85 ? 386  THR A N   1 
ATOM   516  C CA  . THR A 1 68  ? -0.768  13.026  0.997   1.00 25.45 ? 386  THR A CA  1 
ATOM   517  C C   . THR A 1 68  ? -2.039  12.404  0.402   1.00 23.84 ? 386  THR A C   1 
ATOM   518  O O   . THR A 1 68  ? -2.023  11.926  -0.740  1.00 23.44 ? 386  THR A O   1 
ATOM   519  C CB  . THR A 1 68  ? -0.282  14.180  0.102   1.00 26.54 ? 386  THR A CB  1 
ATOM   520  O OG1 . THR A 1 68  ? 1.014   14.627  0.538   1.00 27.53 ? 386  THR A OG1 1 
ATOM   521  C CG2 . THR A 1 68  ? -1.260  15.362  0.165   1.00 27.70 ? 386  THR A CG2 1 
ATOM   522  N N   . ASP A 1 69  ? -3.108  12.375  1.190   1.00 24.02 ? 387  ASP A N   1 
ATOM   523  C CA  . ASP A 1 69  ? -4.360  11.737  0.791   1.00 24.55 ? 387  ASP A CA  1 
ATOM   524  C C   . ASP A 1 69  ? -4.046  10.292  0.328   1.00 23.73 ? 387  ASP A C   1 
ATOM   525  O O   . ASP A 1 69  ? -3.432  9.556   1.103   1.00 22.62 ? 387  ASP A O   1 
ATOM   526  C CB  . ASP A 1 69  ? -5.086  12.591  -0.244  1.00 26.04 ? 387  ASP A CB  1 
ATOM   527  C CG  . ASP A 1 69  ? -5.565  13.920  0.349   1.00 28.55 ? 387  ASP A CG  1 
ATOM   528  O OD1 . ASP A 1 69  ? -6.240  13.886  1.409   1.00 29.46 ? 387  ASP A OD1 1 
ATOM   529  O OD2 . ASP A 1 69  ? -5.223  14.980  -0.214  1.00 30.28 ? 387  ASP A OD2 1 
ATOM   530  N N   . ARG A 1 70  ? -4.414  9.909   -0.893  1.00 23.35 ? 388  ARG A N   1 
ATOM   531  C CA  . ARG A 1 70  ? -4.211  8.532   -1.357  1.00 22.90 ? 388  ARG A CA  1 
ATOM   532  C C   . ARG A 1 70  ? -2.987  8.381   -2.273  1.00 22.55 ? 388  ARG A C   1 
ATOM   533  O O   . ARG A 1 70  ? -2.928  7.455   -3.098  1.00 22.23 ? 388  ARG A O   1 
ATOM   534  C CB  . ARG A 1 70  ? -5.497  7.997   -2.026  1.00 24.02 ? 388  ARG A CB  1 
ATOM   535  C CG  . ARG A 1 70  ? -6.733  8.071   -1.139  1.00 23.66 ? 388  ARG A CG  1 
ATOM   536  C CD  . ARG A 1 70  ? -7.985  7.637   -1.888  1.00 23.90 ? 388  ARG A CD  1 
ATOM   537  N NE  . ARG A 1 70  ? -7.864  6.229   -2.259  1.00 23.68 ? 388  ARG A NE  1 
ATOM   538  C CZ  . ARG A 1 70  ? -8.342  5.669   -3.367  1.00 23.99 ? 388  ARG A CZ  1 
ATOM   539  N NH1 . ARG A 1 70  ? -9.047  6.374   -4.262  1.00 24.37 ? 388  ARG A NH1 1 
ATOM   540  N NH2 . ARG A 1 70  ? -8.119  4.376   -3.580  1.00 23.90 ? 388  ARG A NH2 1 
ATOM   541  N N   . GLN A 1 71  ? -1.985  9.252   -2.094  1.00 22.29 ? 389  GLN A N   1 
ATOM   542  C CA  . GLN A 1 71  ? -0.712  9.151   -2.823  1.00 22.51 ? 389  GLN A CA  1 
ATOM   543  C C   . GLN A 1 71  ? 0.471   8.984   -1.859  1.00 22.62 ? 389  GLN A C   1 
ATOM   544  O O   . GLN A 1 71  ? 0.673   9.783   -0.942  1.00 22.07 ? 389  GLN A O   1 
ATOM   545  C CB  . GLN A 1 71  ? -0.492  10.370  -3.729  1.00 23.47 ? 389  GLN A CB  1 
ATOM   546  C CG  . GLN A 1 71  ? 0.866   10.398  -4.448  1.00 24.68 ? 389  GLN A CG  1 
ATOM   547  C CD  . GLN A 1 71  ? 1.008   9.313   -5.520  1.00 25.19 ? 389  GLN A CD  1 
ATOM   548  O OE1 . GLN A 1 71  ? 0.117   9.135   -6.365  1.00 24.47 ? 389  GLN A OE1 1 
ATOM   549  N NE2 . GLN A 1 71  ? 2.136   8.578   -5.492  1.00 23.23 ? 389  GLN A NE2 1 
ATOM   550  N N   . ILE A 1 72  ? 1.254   7.933   -2.077  1.00 22.36 ? 390  ILE A N   1 
ATOM   551  C CA  . ILE A 1 72  ? 2.501   7.748   -1.355  1.00 22.23 ? 390  ILE A CA  1 
ATOM   552  C C   . ILE A 1 72  ? 3.523   8.744   -1.918  1.00 22.98 ? 390  ILE A C   1 
ATOM   553  O O   . ILE A 1 72  ? 3.727   8.818   -3.129  1.00 23.95 ? 390  ILE A O   1 
ATOM   554  C CB  . ILE A 1 72  ? 3.057   6.313   -1.519  1.00 22.58 ? 390  ILE A CB  1 
ATOM   555  C CG1 . ILE A 1 72  ? 2.072   5.270   -0.988  1.00 22.38 ? 390  ILE A CG1 1 
ATOM   556  C CG2 . ILE A 1 72  ? 4.376   6.160   -0.778  1.00 22.65 ? 390  ILE A CG2 1 
ATOM   557  C CD1 . ILE A 1 72  ? 2.453   3.845   -1.364  1.00 22.61 ? 390  ILE A CD1 1 
ATOM   558  N N   . ASP A 1 73  ? 4.150   9.507   -1.029  1.00 24.27 ? 391  ASP A N   1 
ATOM   559  C CA  . ASP A 1 73  ? 5.142   10.514  -1.416  1.00 25.49 ? 391  ASP A CA  1 
ATOM   560  C C   . ASP A 1 73  ? 6.572   9.985   -1.306  1.00 24.60 ? 391  ASP A C   1 
ATOM   561  O O   . ASP A 1 73  ? 7.411   10.300  -2.139  1.00 24.62 ? 391  ASP A O   1 
ATOM   562  C CB  . ASP A 1 73  ? 4.991   11.772  -0.543  1.00 27.54 ? 391  ASP A CB  1 
ATOM   563  C CG  . ASP A 1 73  ? 3.674   12.522  -0.789  1.00 29.22 ? 391  ASP A CG  1 
ATOM   564  O OD1 . ASP A 1 73  ? 3.200   12.577  -1.952  1.00 31.41 ? 391  ASP A OD1 1 
ATOM   565  O OD2 . ASP A 1 73  ? 3.110   13.065  0.189   1.00 28.53 ? 391  ASP A OD2 1 
ATOM   566  N N   . GLU A 1 74  ? 6.858   9.226   -0.254  1.00 24.99 ? 392  GLU A N   1 
ATOM   567  C CA  . GLU A 1 74  ? 8.154   8.575   -0.095  1.00 25.75 ? 392  GLU A CA  1 
ATOM   568  C C   . GLU A 1 74  ? 8.024   7.373   0.829   1.00 23.71 ? 392  GLU A C   1 
ATOM   569  O O   . GLU A 1 74  ? 7.131   7.336   1.689   1.00 22.12 ? 392  GLU A O   1 
ATOM   570  C CB  . GLU A 1 74  ? 9.210   9.553   0.467   1.00 29.07 ? 392  GLU A CB  1 
ATOM   571  C CG  . GLU A 1 74  ? 9.106   9.802   1.967   1.00 33.07 ? 392  GLU A CG  1 
ATOM   572  C CD  . GLU A 1 74  ? 9.990   10.940  2.475   1.00 37.45 ? 392  GLU A CD  1 
ATOM   573  O OE1 . GLU A 1 74  ? 10.796  11.489  1.684   1.00 40.28 ? 392  GLU A OE1 1 
ATOM   574  O OE2 . GLU A 1 74  ? 9.866   11.285  3.677   1.00 39.26 ? 392  GLU A OE2 1 
ATOM   575  N N   . ILE A 1 75  ? 8.914   6.397   0.634   1.00 21.40 ? 393  ILE A N   1 
ATOM   576  C CA  . ILE A 1 75  ? 9.088   5.293   1.569   1.00 20.75 ? 393  ILE A CA  1 
ATOM   577  C C   . ILE A 1 75  ? 10.588  5.158   1.881   1.00 21.57 ? 393  ILE A C   1 
ATOM   578  O O   . ILE A 1 75  ? 11.419  5.130   0.975   1.00 21.86 ? 393  ILE A O   1 
ATOM   579  C CB  . ILE A 1 75  ? 8.585   3.948   1.021   1.00 20.50 ? 393  ILE A CB  1 
ATOM   580  C CG1 . ILE A 1 75  ? 7.193   4.109   0.376   1.00 19.76 ? 393  ILE A CG1 1 
ATOM   581  C CG2 . ILE A 1 75  ? 8.537   2.912   2.138   1.00 20.07 ? 393  ILE A CG2 1 
ATOM   582  C CD1 . ILE A 1 75  ? 6.639   2.853   -0.266  1.00 20.38 ? 393  ILE A CD1 1 
ATOM   583  N N   . LYS A 1 76  ? 10.907  5.061   3.157   1.00 22.16 ? 394  LYS A N   1 
ATOM   584  C CA  . LYS A 1 76  ? 12.268  4.806   3.606   1.00 23.41 ? 394  LYS A CA  1 
ATOM   585  C C   . LYS A 1 76  ? 12.306  3.474   4.347   1.00 23.30 ? 394  LYS A C   1 
ATOM   586  O O   . LYS A 1 76  ? 11.488  3.219   5.219   1.00 23.57 ? 394  LYS A O   1 
ATOM   587  C CB  . LYS A 1 76  ? 12.762  5.932   4.501   1.00 26.65 ? 394  LYS A CB  1 
ATOM   588  C CG  . LYS A 1 76  ? 12.965  7.243   3.759   1.00 29.73 ? 394  LYS A CG  1 
ATOM   589  C CD  . LYS A 1 76  ? 14.210  7.959   4.267   1.00 32.92 ? 394  LYS A CD  1 
ATOM   590  C CE  . LYS A 1 76  ? 14.665  9.027   3.295   1.00 36.38 ? 394  LYS A CE  1 
ATOM   591  N NZ  . LYS A 1 76  ? 13.549  9.970   3.025   1.00 39.89 ? 394  LYS A NZ  1 
ATOM   592  N N   . ILE A 1 77  ? 13.243  2.617   3.968   1.00 22.83 ? 395  ILE A N   1 
ATOM   593  C CA  . ILE A 1 77  ? 13.249  1.232   4.437   1.00 24.27 ? 395  ILE A CA  1 
ATOM   594  C C   . ILE A 1 77  ? 14.624  0.813   4.962   1.00 25.25 ? 395  ILE A C   1 
ATOM   595  O O   . ILE A 1 77  ? 15.659  1.273   4.471   1.00 24.98 ? 395  ILE A O   1 
ATOM   596  C CB  . ILE A 1 77  ? 12.834  0.279   3.291   1.00 24.32 ? 395  ILE A CB  1 
ATOM   597  C CG1 . ILE A 1 77  ? 11.440  0.652   2.779   1.00 25.50 ? 395  ILE A CG1 1 
ATOM   598  C CG2 . ILE A 1 77  ? 12.854  -1.177  3.742   1.00 25.13 ? 395  ILE A CG2 1 
ATOM   599  C CD1 . ILE A 1 77  ? 10.969  -0.183  1.610   1.00 24.48 ? 395  ILE A CD1 1 
ATOM   600  N N   . SER A 1 78  ? 14.598  -0.043  5.975   1.00 26.89 ? 396  SER A N   1 
ATOM   601  C CA  . SER A 1 78  ? 15.753  -0.840  6.385   1.00 28.29 ? 396  SER A CA  1 
ATOM   602  C C   . SER A 1 78  ? 15.359  -2.312  6.284   1.00 27.64 ? 396  SER A C   1 
ATOM   603  O O   . SER A 1 78  ? 14.346  -2.736  6.848   1.00 27.42 ? 396  SER A O   1 
ATOM   604  C CB  . SER A 1 78  ? 16.159  -0.505  7.823   1.00 30.67 ? 396  SER A CB  1 
ATOM   605  O OG  . SER A 1 78  ? 17.330  -1.217  8.197   1.00 32.74 ? 396  SER A OG  1 
ATOM   606  N N   . ALA A 1 79  ? 16.145  -3.095  5.552   1.00 26.54 ? 397  ALA A N   1 
ATOM   607  C CA  . ALA A 1 79  ? 15.819  -4.500  5.346   1.00 26.83 ? 397  ALA A CA  1 
ATOM   608  C C   . ALA A 1 79  ? 17.077  -5.286  4.982   1.00 27.53 ? 397  ALA A C   1 
ATOM   609  O O   . ALA A 1 79  ? 18.045  -4.698  4.531   1.00 27.30 ? 397  ALA A O   1 
ATOM   610  C CB  . ALA A 1 79  ? 14.776  -4.631  4.239   1.00 25.50 ? 397  ALA A CB  1 
ATOM   611  N N   . PRO A 1 80  ? 17.061  -6.615  5.166   1.00 29.40 ? 398  PRO A N   1 
ATOM   612  C CA  . PRO A 1 80  ? 18.200  -7.398  4.706   1.00 31.59 ? 398  PRO A CA  1 
ATOM   613  C C   . PRO A 1 80  ? 18.423  -7.297  3.196   1.00 31.45 ? 398  PRO A C   1 
ATOM   614  O O   . PRO A 1 80  ? 17.470  -7.220  2.424   1.00 29.68 ? 398  PRO A O   1 
ATOM   615  C CB  . PRO A 1 80  ? 17.831  -8.835  5.099   1.00 32.71 ? 398  PRO A CB  1 
ATOM   616  C CG  . PRO A 1 80  ? 16.795  -8.710  6.159   1.00 32.67 ? 398  PRO A CG  1 
ATOM   617  C CD  . PRO A 1 80  ? 16.051  -7.446  5.848   1.00 31.85 ? 398  PRO A CD  1 
ATOM   618  N N   . LYS A 1 81  ? 19.682  -7.282  2.778   1.00 31.82 ? 399  LYS A N   1 
ATOM   619  C CA  . LYS A 1 81  ? 20.002  -7.367  1.358   1.00 32.99 ? 399  LYS A CA  1 
ATOM   620  C C   . LYS A 1 81  ? 19.231  -8.532  0.725   1.00 31.68 ? 399  LYS A C   1 
ATOM   621  O O   . LYS A 1 81  ? 19.137  -9.608  1.315   1.00 29.92 ? 399  LYS A O   1 
ATOM   622  C CB  . LYS A 1 81  ? 21.511  -7.558  1.180   1.00 35.78 ? 399  LYS A CB  1 
ATOM   623  C CG  . LYS A 1 81  ? 22.035  -7.289  -0.220  1.00 39.76 ? 399  LYS A CG  1 
ATOM   624  C CD  . LYS A 1 81  ? 23.541  -7.542  -0.276  1.00 43.39 ? 399  LYS A CD  1 
ATOM   625  C CE  . LYS A 1 81  ? 24.050  -7.756  -1.697  1.00 45.68 ? 399  LYS A CE  1 
ATOM   626  N NZ  . LYS A 1 81  ? 25.397  -8.404  -1.694  1.00 48.41 ? 399  LYS A NZ  1 
ATOM   627  N N   . ASN A 1 82  ? 18.649  -8.288  -0.456  1.00 31.32 ? 400  ASN A N   1 
ATOM   628  C CA  . ASN A 1 82  ? 17.858  -9.274  -1.216  1.00 31.21 ? 400  ASN A CA  1 
ATOM   629  C C   . ASN A 1 82  ? 16.486  -9.649  -0.635  1.00 29.31 ? 400  ASN A C   1 
ATOM   630  O O   . ASN A 1 82  ? 15.829  -10.544 -1.158  1.00 30.23 ? 400  ASN A O   1 
ATOM   631  C CB  . ASN A 1 82  ? 18.658  -10.568 -1.461  1.00 33.73 ? 400  ASN A CB  1 
ATOM   632  C CG  . ASN A 1 82  ? 20.023  -10.313 -2.055  1.00 35.82 ? 400  ASN A CG  1 
ATOM   633  O OD1 . ASN A 1 82  ? 20.160  -9.566  -3.027  1.00 37.61 ? 400  ASN A OD1 1 
ATOM   634  N ND2 . ASN A 1 82  ? 21.052  -10.933 -1.465  1.00 37.12 ? 400  ASN A ND2 1 
ATOM   635  N N   . ALA A 1 83  ? 16.046  -8.979  0.423   1.00 28.31 ? 401  ALA A N   1 
ATOM   636  C CA  . ALA A 1 83  ? 14.770  -9.287  1.047   1.00 27.28 ? 401  ALA A CA  1 
ATOM   637  C C   . ALA A 1 83  ? 13.636  -9.039  0.046   1.00 26.51 ? 401  ALA A C   1 
ATOM   638  O O   . ALA A 1 83  ? 13.633  -7.999  -0.626  1.00 25.44 ? 401  ALA A O   1 
ATOM   639  C CB  . ALA A 1 83  ? 14.555  -8.418  2.274   1.00 27.11 ? 401  ALA A CB  1 
ATOM   640  N N   . PRO A 1 84  ? 12.683  -9.985  -0.057  1.00 27.14 ? 402  PRO A N   1 
ATOM   641  C CA  . PRO A 1 84  ? 11.478  -9.735  -0.863  1.00 26.31 ? 402  PRO A CA  1 
ATOM   642  C C   . PRO A 1 84  ? 10.509  -8.845  -0.086  1.00 25.57 ? 402  PRO A C   1 
ATOM   643  O O   . PRO A 1 84  ? 10.051  -9.230  0.986   1.00 27.35 ? 402  PRO A O   1 
ATOM   644  C CB  . PRO A 1 84  ? 10.895  -11.133 -1.061  1.00 27.47 ? 402  PRO A CB  1 
ATOM   645  C CG  . PRO A 1 84  ? 11.325  -11.898 0.152   1.00 28.53 ? 402  PRO A CG  1 
ATOM   646  C CD  . PRO A 1 84  ? 12.653  -11.326 0.573   1.00 27.78 ? 402  PRO A CD  1 
ATOM   647  N N   . LEU A 1 85  ? 10.219  -7.658  -0.612  1.00 23.56 ? 403  LEU A N   1 
ATOM   648  C CA  . LEU A 1 85  ? 9.413   -6.681  0.113   1.00 22.47 ? 403  LEU A CA  1 
ATOM   649  C C   . LEU A 1 85  ? 7.940   -6.622  -0.367  1.00 22.28 ? 403  LEU A C   1 
ATOM   650  O O   . LEU A 1 85  ? 7.157   -5.816  0.139   1.00 21.99 ? 403  LEU A O   1 
ATOM   651  C CB  . LEU A 1 85  ? 10.049  -5.291  0.018   1.00 22.68 ? 403  LEU A CB  1 
ATOM   652  C CG  . LEU A 1 85  ? 11.494  -5.157  0.540   1.00 23.18 ? 403  LEU A CG  1 
ATOM   653  C CD1 . LEU A 1 85  ? 11.969  -3.715  0.506   1.00 24.57 ? 403  LEU A CD1 1 
ATOM   654  C CD2 . LEU A 1 85  ? 11.604  -5.700  1.957   1.00 25.95 ? 403  LEU A CD2 1 
ATOM   655  N N   . LEU A 1 86  ? 7.565   -7.480  -1.304  1.00 22.08 ? 404  LEU A N   1 
ATOM   656  C CA  . LEU A 1 86  ? 6.166   -7.512  -1.796  1.00 24.19 ? 404  LEU A CA  1 
ATOM   657  C C   . LEU A 1 86  ? 5.114   -7.491  -0.675  1.00 24.33 ? 404  LEU A C   1 
ATOM   658  O O   . LEU A 1 86  ? 4.190   -6.659  -0.696  1.00 24.36 ? 404  LEU A O   1 
ATOM   659  C CB  . LEU A 1 86  ? 5.945   -8.736  -2.690  1.00 24.69 ? 404  LEU A CB  1 
ATOM   660  C CG  . LEU A 1 86  ? 4.485   -8.989  -3.091  1.00 24.82 ? 404  LEU A CG  1 
ATOM   661  C CD1 . LEU A 1 86  ? 3.999   -7.962  -4.087  1.00 24.03 ? 404  LEU A CD1 1 
ATOM   662  C CD2 . LEU A 1 86  ? 4.332   -10.395 -3.661  1.00 26.49 ? 404  LEU A CD2 1 
ATOM   663  N N   . GLU A 1 87  ? 5.244   -8.399  0.297   1.00 26.06 ? 405  GLU A N   1 
ATOM   664  C CA  . GLU A 1 87  ? 4.222   -8.552  1.348   1.00 28.34 ? 405  GLU A CA  1 
ATOM   665  C C   . GLU A 1 87  ? 3.988   -7.268  2.159   1.00 26.64 ? 405  GLU A C   1 
ATOM   666  O O   . GLU A 1 87  ? 2.873   -6.748  2.175   1.00 25.88 ? 405  GLU A O   1 
ATOM   667  C CB  . GLU A 1 87  ? 4.548   -9.761  2.261   1.00 32.65 ? 405  GLU A CB  1 
ATOM   668  C CG  . GLU A 1 87  ? 3.815   -9.791  3.600   1.00 37.46 ? 405  GLU A CG  1 
ATOM   669  C CD  . GLU A 1 87  ? 4.150   -11.013 4.454   1.00 42.31 ? 405  GLU A CD  1 
ATOM   670  O OE1 . GLU A 1 87  ? 4.521   -12.076 3.885   1.00 46.18 ? 405  GLU A OE1 1 
ATOM   671  O OE2 . GLU A 1 87  ? 4.038   -10.912 5.700   1.00 45.07 ? 405  GLU A OE2 1 
ATOM   672  N N   . PRO A 1 88  ? 5.028   -6.734  2.822   1.00 25.47 ? 406  PRO A N   1 
ATOM   673  C CA  . PRO A 1 88  ? 4.775   -5.499  3.581   1.00 25.15 ? 406  PRO A CA  1 
ATOM   674  C C   . PRO A 1 88  ? 4.414   -4.300  2.704   1.00 23.23 ? 406  PRO A C   1 
ATOM   675  O O   . PRO A 1 88  ? 3.661   -3.414  3.147   1.00 22.29 ? 406  PRO A O   1 
ATOM   676  C CB  . PRO A 1 88  ? 6.102   -5.260  4.324   1.00 25.62 ? 406  PRO A CB  1 
ATOM   677  C CG  . PRO A 1 88  ? 7.117   -5.996  3.527   1.00 25.97 ? 406  PRO A CG  1 
ATOM   678  C CD  . PRO A 1 88  ? 6.412   -7.209  3.007   1.00 26.68 ? 406  PRO A CD  1 
ATOM   679  N N   . LEU A 1 89  ? 4.914   -4.263  1.470   1.00 21.89 ? 407  LEU A N   1 
ATOM   680  C CA  . LEU A 1 89  ? 4.558   -3.164  0.580   1.00 21.43 ? 407  LEU A CA  1 
ATOM   681  C C   . LEU A 1 89  ? 3.065   -3.208  0.245   1.00 21.10 ? 407  LEU A C   1 
ATOM   682  O O   . LEU A 1 89  ? 2.421   -2.162  0.220   1.00 20.99 ? 407  LEU A O   1 
ATOM   683  C CB  . LEU A 1 89  ? 5.410   -3.131  -0.691  1.00 21.00 ? 407  LEU A CB  1 
ATOM   684  C CG  . LEU A 1 89  ? 6.856   -2.636  -0.498  1.00 21.08 ? 407  LEU A CG  1 
ATOM   685  C CD1 . LEU A 1 89  ? 7.690   -2.905  -1.748  1.00 21.83 ? 407  LEU A CD1 1 
ATOM   686  C CD2 . LEU A 1 89  ? 6.869   -1.148  -0.132  1.00 20.78 ? 407  LEU A CD2 1 
ATOM   687  N N   . LEU A 1 90  ? 2.506   -4.404  0.052   1.00 21.42 ? 408  LEU A N   1 
ATOM   688  C CA  . LEU A 1 90  ? 1.053   -4.528  -0.196  1.00 21.36 ? 408  LEU A CA  1 
ATOM   689  C C   . LEU A 1 90  ? 0.259   -4.188  1.064   1.00 21.11 ? 408  LEU A C   1 
ATOM   690  O O   . LEU A 1 90  ? -0.801  -3.596  0.977   1.00 20.79 ? 408  LEU A O   1 
ATOM   691  C CB  . LEU A 1 90  ? 0.670   -5.928  -0.704  1.00 21.23 ? 408  LEU A CB  1 
ATOM   692  C CG  . LEU A 1 90  ? 1.174   -6.341  -2.091  1.00 21.84 ? 408  LEU A CG  1 
ATOM   693  C CD1 . LEU A 1 90  ? 0.599   -7.710  -2.453  1.00 22.02 ? 408  LEU A CD1 1 
ATOM   694  C CD2 . LEU A 1 90  ? 0.847   -5.290  -3.146  1.00 22.58 ? 408  LEU A CD2 1 
ATOM   695  N N   . ASP A 1 91  ? 0.803   -4.506  2.242   1.00 22.56 ? 409  ASP A N   1 
ATOM   696  C CA  . ASP A 1 91  ? 0.151   -4.124  3.497   1.00 22.46 ? 409  ASP A CA  1 
ATOM   697  C C   . ASP A 1 91  ? 0.068   -2.588  3.640   1.00 21.21 ? 409  ASP A C   1 
ATOM   698  O O   . ASP A 1 91  ? -0.967  -2.060  4.036   1.00 21.93 ? 409  ASP A O   1 
ATOM   699  C CB  . ASP A 1 91  ? 0.872   -4.726  4.696   1.00 23.74 ? 409  ASP A CB  1 
ATOM   700  C CG  . ASP A 1 91  ? 0.828   -6.256  4.711   1.00 25.00 ? 409  ASP A CG  1 
ATOM   701  O OD1 . ASP A 1 91  ? -0.073  -6.850  4.069   1.00 25.95 ? 409  ASP A OD1 1 
ATOM   702  O OD2 . ASP A 1 91  ? 1.690   -6.852  5.404   1.00 25.69 ? 409  ASP A OD2 1 
ATOM   703  N N   . ILE A 1 92  ? 1.163   -1.894  3.318   1.00 21.32 ? 410  ILE A N   1 
ATOM   704  C CA  . ILE A 1 92  ? 1.213   -0.430  3.277   1.00 20.52 ? 410  ILE A CA  1 
ATOM   705  C C   . ILE A 1 92  ? 0.175   0.098   2.295   1.00 20.49 ? 410  ILE A C   1 
ATOM   706  O O   . ILE A 1 92  ? -0.573  1.038   2.602   1.00 19.38 ? 410  ILE A O   1 
ATOM   707  C CB  . ILE A 1 92  ? 2.618   0.085   2.869   1.00 20.70 ? 410  ILE A CB  1 
ATOM   708  C CG1 . ILE A 1 92  ? 3.620   -0.117  4.011   1.00 20.91 ? 410  ILE A CG1 1 
ATOM   709  C CG2 . ILE A 1 92  ? 2.591   1.551   2.450   1.00 20.66 ? 410  ILE A CG2 1 
ATOM   710  C CD1 . ILE A 1 92  ? 5.070   -0.052  3.561   1.00 20.84 ? 410  ILE A CD1 1 
ATOM   711  N N   . CYS A 1 93  ? 0.142   -0.493  1.106   1.00 19.33 ? 411  CYS A N   1 
ATOM   712  C CA  . CYS A 1 93  ? -0.821  -0.085  0.079   1.00 20.36 ? 411  CYS A CA  1 
ATOM   713  C C   . CYS A 1 93  ? -2.248  -0.246  0.581   1.00 20.09 ? 411  CYS A C   1 
ATOM   714  O O   . CYS A 1 93  ? -3.072  0.639   0.361   1.00 20.73 ? 411  CYS A O   1 
ATOM   715  C CB  . CYS A 1 93  ? -0.620  -0.861  -1.223  1.00 20.12 ? 411  CYS A CB  1 
ATOM   716  S SG  . CYS A 1 93  ? 0.849   -0.356  -2.161  1.00 22.01 ? 411  CYS A SG  1 
ATOM   717  N N   A TYR A 1 94  ? -2.539  -1.353  1.266   0.50 19.99 ? 412  TYR A N   1 
ATOM   718  N N   B TYR A 1 94  ? -2.545  -1.357  1.252   0.50 20.76 ? 412  TYR A N   1 
ATOM   719  C CA  A TYR A 1 94  ? -3.880  -1.548  1.793   0.50 20.45 ? 412  TYR A CA  1 
ATOM   720  C CA  B TYR A 1 94  ? -3.884  -1.559  1.784   0.50 21.76 ? 412  TYR A CA  1 
ATOM   721  C C   A TYR A 1 94  ? -4.219  -0.489  2.837   0.50 20.72 ? 412  TYR A C   1 
ATOM   722  C C   B TYR A 1 94  ? -4.221  -0.496  2.835   0.50 21.44 ? 412  TYR A C   1 
ATOM   723  O O   A TYR A 1 94  ? -5.281  0.135   2.783   0.50 20.70 ? 412  TYR A O   1 
ATOM   724  O O   B TYR A 1 94  ? -5.281  0.128   2.780   0.50 21.34 ? 412  TYR A O   1 
ATOM   725  C CB  A TYR A 1 94  ? -4.116  -2.935  2.390   0.50 20.49 ? 412  TYR A CB  1 
ATOM   726  C CB  B TYR A 1 94  ? -4.064  -2.949  2.388   0.50 22.94 ? 412  TYR A CB  1 
ATOM   727  C CG  A TYR A 1 94  ? -5.588  -3.206  2.359   0.50 20.01 ? 412  TYR A CG  1 
ATOM   728  C CG  B TYR A 1 94  ? -5.462  -3.133  2.911   0.50 23.63 ? 412  TYR A CG  1 
ATOM   729  C CD1 A TYR A 1 94  ? -6.431  -2.700  3.340   0.50 20.37 ? 412  TYR A CD1 1 
ATOM   730  C CD1 B TYR A 1 94  ? -6.502  -3.447  2.057   0.50 24.41 ? 412  TYR A CD1 1 
ATOM   731  C CD2 A TYR A 1 94  ? -6.152  -3.871  1.289   0.50 20.28 ? 412  TYR A CD2 1 
ATOM   732  C CD2 B TYR A 1 94  ? -5.752  -2.939  4.252   0.50 24.41 ? 412  TYR A CD2 1 
ATOM   733  C CE1 A TYR A 1 94  ? -7.796  -2.897  3.272   0.50 20.05 ? 412  TYR A CE1 1 
ATOM   734  C CE1 B TYR A 1 94  ? -7.792  -3.591  2.529   0.50 24.84 ? 412  TYR A CE1 1 
ATOM   735  C CE2 A TYR A 1 94  ? -7.510  -4.086  1.212   0.50 20.18 ? 412  TYR A CE2 1 
ATOM   736  C CE2 B TYR A 1 94  ? -7.032  -3.081  4.735   0.50 25.14 ? 412  TYR A CE2 1 
ATOM   737  C CZ  A TYR A 1 94  ? -8.325  -3.594  2.202   0.50 20.28 ? 412  TYR A CZ  1 
ATOM   738  C CZ  B TYR A 1 94  ? -8.047  -3.409  3.868   0.50 25.56 ? 412  TYR A CZ  1 
ATOM   739  O OH  A TYR A 1 94  ? -9.673  -3.805  2.109   0.50 21.17 ? 412  TYR A OH  1 
ATOM   740  O OH  B TYR A 1 94  ? -9.324  -3.550  4.345   0.50 27.09 ? 412  TYR A OH  1 
ATOM   741  N N   . TYR A 1 95  ? -3.294  -0.280  3.767   1.00 21.21 ? 413  TYR A N   1 
ATOM   742  C CA  . TYR A 1 95  ? -3.489  0.647   4.888   1.00 22.19 ? 413  TYR A CA  1 
ATOM   743  C C   . TYR A 1 95  ? -3.880  2.055   4.446   1.00 21.41 ? 413  TYR A C   1 
ATOM   744  O O   . TYR A 1 95  ? -4.729  2.688   5.072   1.00 22.93 ? 413  TYR A O   1 
ATOM   745  C CB  . TYR A 1 95  ? -2.198  0.699   5.714   1.00 23.20 ? 413  TYR A CB  1 
ATOM   746  C CG  . TYR A 1 95  ? -2.251  1.586   6.919   1.00 25.47 ? 413  TYR A CG  1 
ATOM   747  C CD1 . TYR A 1 95  ? -2.988  1.236   8.049   1.00 27.87 ? 413  TYR A CD1 1 
ATOM   748  C CD2 . TYR A 1 95  ? -1.520  2.765   6.948   1.00 27.48 ? 413  TYR A CD2 1 
ATOM   749  C CE1 . TYR A 1 95  ? -3.010  2.056   9.171   1.00 29.10 ? 413  TYR A CE1 1 
ATOM   750  C CE2 . TYR A 1 95  ? -1.533  3.589   8.052   1.00 28.15 ? 413  TYR A CE2 1 
ATOM   751  C CZ  . TYR A 1 95  ? -2.258  3.232   9.162   1.00 29.23 ? 413  TYR A CZ  1 
ATOM   752  O OH  . TYR A 1 95  ? -2.248  4.095   10.227  1.00 31.69 ? 413  TYR A OH  1 
ATOM   753  N N   . GLY A 1 96  ? -3.266  2.539   3.367   1.00 20.61 ? 414  GLY A N   1 
ATOM   754  C CA  . GLY A 1 96  ? -3.576  3.875   2.833   1.00 20.81 ? 414  GLY A CA  1 
ATOM   755  C C   . GLY A 1 96  ? -4.600  3.934   1.699   1.00 20.84 ? 414  GLY A C   1 
ATOM   756  O O   . GLY A 1 96  ? -4.907  5.023   1.192   1.00 20.82 ? 414  GLY A O   1 
ATOM   757  N N   . SER A 1 97  ? -5.130  2.779   1.287   1.00 20.61 ? 415  SER A N   1 
ATOM   758  C CA  . SER A 1 97  ? -5.966  2.693   0.062   1.00 20.34 ? 415  SER A CA  1 
ATOM   759  C C   . SER A 1 97  ? -5.246  3.246   -1.181  1.00 20.38 ? 415  SER A C   1 
ATOM   760  O O   . SER A 1 97  ? -5.856  3.849   -2.078  1.00 20.55 ? 415  SER A O   1 
ATOM   761  C CB  . SER A 1 97  ? -7.336  3.372   0.263   1.00 21.61 ? 415  SER A CB  1 
ATOM   762  O OG  . SER A 1 97  ? -7.261  4.796   0.276   1.00 21.06 ? 415  SER A OG  1 
ATOM   763  N N   . PHE A 1 98  ? -3.933  3.015   -1.235  1.00 20.03 ? 416  PHE A N   1 
ATOM   764  C CA  . PHE A 1 98  ? -3.078  3.636   -2.232  1.00 20.14 ? 416  PHE A CA  1 
ATOM   765  C C   . PHE A 1 98  ? -3.175  3.076   -3.655  1.00 21.02 ? 416  PHE A C   1 
ATOM   766  O O   . PHE A 1 98  ? -2.888  3.802   -4.603  1.00 22.79 ? 416  PHE A O   1 
ATOM   767  C CB  . PHE A 1 98  ? -1.607  3.589   -1.773  1.00 19.35 ? 416  PHE A CB  1 
ATOM   768  C CG  . PHE A 1 98  ? -1.322  4.369   -0.517  1.00 19.74 ? 416  PHE A CG  1 
ATOM   769  C CD1 . PHE A 1 98  ? -1.728  5.695   -0.397  1.00 20.01 ? 416  PHE A CD1 1 
ATOM   770  C CD2 . PHE A 1 98  ? -0.608  3.799   0.534   1.00 20.31 ? 416  PHE A CD2 1 
ATOM   771  C CE1 . PHE A 1 98  ? -1.449  6.418   0.737   1.00 19.64 ? 416  PHE A CE1 1 
ATOM   772  C CE2 . PHE A 1 98  ? -0.303  4.533   1.666   1.00 20.08 ? 416  PHE A CE2 1 
ATOM   773  C CZ  . PHE A 1 98  ? -0.739  5.845   1.772   1.00 20.37 ? 416  PHE A CZ  1 
ATOM   774  N N   . ILE A 1 99  ? -3.546  1.803   -3.821  1.00 20.38 ? 417  ILE A N   1 
ATOM   775  C CA  . ILE A 1 99  ? -3.632  1.218   -5.164  1.00 20.32 ? 417  ILE A CA  1 
ATOM   776  C C   . ILE A 1 99  ? -4.991  0.574   -5.404  1.00 20.74 ? 417  ILE A C   1 
ATOM   777  O O   . ILE A 1 99  ? -5.675  0.190   -4.449  1.00 20.56 ? 417  ILE A O   1 
ATOM   778  C CB  . ILE A 1 99  ? -2.518  0.193   -5.470  1.00 20.98 ? 417  ILE A CB  1 
ATOM   779  C CG1 . ILE A 1 99  ? -2.661  -1.072  -4.619  1.00 20.50 ? 417  ILE A CG1 1 
ATOM   780  C CG2 . ILE A 1 99  ? -1.148  0.850   -5.326  1.00 20.21 ? 417  ILE A CG2 1 
ATOM   781  C CD1 . ILE A 1 99  ? -1.521  -2.070  -4.776  1.00 21.31 ? 417  ILE A CD1 1 
ATOM   782  N N   . GLU A 1 100 ? -5.365  0.506   -6.683  1.00 20.68 ? 418  GLU A N   1 
ATOM   783  C CA  . GLU A 1 100 ? -6.573  -0.168  -7.147  1.00 20.16 ? 418  GLU A CA  1 
ATOM   784  C C   . GLU A 1 100 ? -6.172  -1.388  -7.967  1.00 20.50 ? 418  GLU A C   1 
ATOM   785  O O   . GLU A 1 100 ? -5.095  -1.394  -8.576  1.00 20.31 ? 418  GLU A O   1 
ATOM   786  C CB  . GLU A 1 100 ? -7.393  0.768   -8.047  1.00 20.69 ? 418  GLU A CB  1 
ATOM   787  C CG  . GLU A 1 100 ? -7.947  1.998   -7.349  1.00 21.87 ? 418  GLU A CG  1 
ATOM   788  C CD  . GLU A 1 100 ? -9.034  1.702   -6.326  1.00 21.56 ? 418  GLU A CD  1 
ATOM   789  O OE1 . GLU A 1 100 ? -9.468  0.531   -6.198  1.00 22.17 ? 418  GLU A OE1 1 
ATOM   790  O OE2 . GLU A 1 100 ? -9.469  2.674   -5.642  1.00 21.77 ? 418  GLU A OE2 1 
ATOM   791  N N   . PRO A 1 101 ? -7.060  -2.395  -8.063  1.00 20.16 ? 419  PRO A N   1 
ATOM   792  C CA  . PRO A 1 101 ? -8.404  -2.429  -7.469  1.00 20.55 ? 419  PRO A CA  1 
ATOM   793  C C   . PRO A 1 101 ? -8.415  -2.743  -5.988  1.00 20.28 ? 419  PRO A C   1 
ATOM   794  O O   . PRO A 1 101 ? -7.376  -3.105  -5.403  1.00 20.42 ? 419  PRO A O   1 
ATOM   795  C CB  . PRO A 1 101 ? -9.136  -3.525  -8.251  1.00 21.12 ? 419  PRO A CB  1 
ATOM   796  C CG  . PRO A 1 101 ? -8.096  -4.274  -9.012  1.00 21.22 ? 419  PRO A CG  1 
ATOM   797  C CD  . PRO A 1 101 ? -6.820  -3.497  -9.011  1.00 20.56 ? 419  PRO A CD  1 
ATOM   798  N N   . GLY A 1 102 ? -9.580  -2.567  -5.374  1.00 19.96 ? 420  GLY A N   1 
ATOM   799  C CA  . GLY A 1 102 ? -9.773  -2.916  -3.981  1.00 19.71 ? 420  GLY A CA  1 
ATOM   800  C C   . GLY A 1 102 ? -10.408 -1.832  -3.124  1.00 19.62 ? 420  GLY A C   1 
ATOM   801  O O   . GLY A 1 102 ? -10.662 -2.081  -1.944  1.00 19.32 ? 420  GLY A O   1 
ATOM   802  N N   . PHE A 1 103 ? -10.654 -0.642  -3.686  1.00 18.86 ? 421  PHE A N   1 
ATOM   803  C CA  . PHE A 1 103 ? -11.234 0.473   -2.922  1.00 19.66 ? 421  PHE A CA  1 
ATOM   804  C C   . PHE A 1 103 ? -12.370 1.157   -3.671  1.00 21.09 ? 421  PHE A C   1 
ATOM   805  O O   . PHE A 1 103 ? -13.537 0.966   -3.317  1.00 22.40 ? 421  PHE A O   1 
ATOM   806  C CB  . PHE A 1 103 ? -10.132 1.439   -2.458  1.00 20.64 ? 421  PHE A CB  1 
ATOM   807  C CG  . PHE A 1 103 ? -9.098  0.747   -1.614  1.00 19.91 ? 421  PHE A CG  1 
ATOM   808  C CD1 . PHE A 1 103 ? -9.370  0.441   -0.299  1.00 20.34 ? 421  PHE A CD1 1 
ATOM   809  C CD2 . PHE A 1 103 ? -7.921  0.279   -2.179  1.00 20.15 ? 421  PHE A CD2 1 
ATOM   810  C CE1 . PHE A 1 103 ? -8.460  -0.262  0.470   1.00 20.97 ? 421  PHE A CE1 1 
ATOM   811  C CE2 . PHE A 1 103 ? -7.006  -0.416  -1.420  1.00 20.68 ? 421  PHE A CE2 1 
ATOM   812  C CZ  . PHE A 1 103 ? -7.282  -0.699  -0.089  1.00 20.16 ? 421  PHE A CZ  1 
ATOM   813  N N   . GLU A 1 104 ? -12.043 1.915   -4.713  1.00 21.09 ? 422  GLU A N   1 
ATOM   814  C CA  . GLU A 1 104 ? -13.029 2.466   -5.637  1.00 22.25 ? 422  GLU A CA  1 
ATOM   815  C C   . GLU A 1 104 ? -13.333 1.569   -6.850  1.00 22.32 ? 422  GLU A C   1 
ATOM   816  O O   . GLU A 1 104 ? -14.373 1.757   -7.496  1.00 23.41 ? 422  GLU A O   1 
ATOM   817  C CB  . GLU A 1 104 ? -12.557 3.846   -6.123  1.00 23.55 ? 422  GLU A CB  1 
ATOM   818  C CG  . GLU A 1 104 ? -12.374 4.863   -5.002  1.00 24.94 ? 422  GLU A CG  1 
ATOM   819  C CD  . GLU A 1 104 ? -13.691 5.447   -4.524  1.00 26.50 ? 422  GLU A CD  1 
ATOM   820  O OE1 . GLU A 1 104 ? -14.580 5.721   -5.382  1.00 28.33 ? 422  GLU A OE1 1 
ATOM   821  O OE2 . GLU A 1 104 ? -13.836 5.620   -3.297  1.00 25.74 ? 422  GLU A OE2 1 
ATOM   822  N N   . GLN A 1 105 ? -12.440 0.624   -7.169  1.00 21.62 ? 423  GLN A N   1 
ATOM   823  C CA  . GLN A 1 105 ? -12.574 -0.285  -8.312  1.00 21.50 ? 423  GLN A CA  1 
ATOM   824  C C   . GLN A 1 105 ? -12.670 -1.740  -7.870  1.00 21.23 ? 423  GLN A C   1 
ATOM   825  O O   . GLN A 1 105 ? -11.983 -2.155  -6.925  1.00 20.09 ? 423  GLN A O   1 
ATOM   826  C CB  . GLN A 1 105 ? -11.382 -0.138  -9.276  1.00 23.61 ? 423  GLN A CB  1 
ATOM   827  C CG  . GLN A 1 105 ? -11.097 1.300   -9.690  1.00 25.10 ? 423  GLN A CG  1 
ATOM   828  C CD  . GLN A 1 105 ? -9.942  1.450   -10.689 1.00 26.96 ? 423  GLN A CD  1 
ATOM   829  O OE1 . GLN A 1 105 ? -9.317  0.473   -11.130 1.00 29.74 ? 423  GLN A OE1 1 
ATOM   830  N NE2 . GLN A 1 105 ? -9.660  2.697   -11.054 1.00 29.35 ? 423  GLN A NE2 1 
ATOM   831  N N   . THR A 1 106 ? -13.526 -2.502  -8.551  1.00 20.50 ? 424  THR A N   1 
ATOM   832  C CA  . THR A 1 106 ? -13.707 -3.914  -8.269  1.00 21.39 ? 424  THR A CA  1 
ATOM   833  C C   . THR A 1 106 ? -12.660 -4.722  -9.024  1.00 21.12 ? 424  THR A C   1 
ATOM   834  O O   . THR A 1 106 ? -11.926 -4.187  -9.848  1.00 20.88 ? 424  THR A O   1 
ATOM   835  C CB  . THR A 1 106 ? -15.095 -4.435  -8.709  1.00 22.41 ? 424  THR A CB  1 
ATOM   836  O OG1 . THR A 1 106 ? -15.121 -4.555  -10.149 1.00 23.36 ? 424  THR A OG1 1 
ATOM   837  C CG2 . THR A 1 106 ? -16.218 -3.518  -8.200  1.00 22.30 ? 424  THR A CG2 1 
ATOM   838  N N   . PHE A 1 107 ? -12.624 -6.015  -8.738  1.00 22.15 ? 425  PHE A N   1 
ATOM   839  C CA  . PHE A 1 107 ? -11.716 -6.954  -9.395  1.00 22.37 ? 425  PHE A CA  1 
ATOM   840  C C   . PHE A 1 107 ? -12.266 -7.593  -10.680 1.00 25.11 ? 425  PHE A C   1 
ATOM   841  O O   . PHE A 1 107 ? -11.706 -8.579  -11.177 1.00 25.99 ? 425  PHE A O   1 
ATOM   842  C CB  . PHE A 1 107 ? -11.298 -8.012  -8.360  1.00 23.08 ? 425  PHE A CB  1 
ATOM   843  C CG  . PHE A 1 107 ? -10.550 -7.422  -7.207  1.00 21.90 ? 425  PHE A CG  1 
ATOM   844  C CD1 . PHE A 1 107 ? -11.225 -6.930  -6.092  1.00 22.61 ? 425  PHE A CD1 1 
ATOM   845  C CD2 . PHE A 1 107 ? -9.170  -7.277  -7.270  1.00 22.96 ? 425  PHE A CD2 1 
ATOM   846  C CE1 . PHE A 1 107 ? -10.522 -6.356  -5.051  1.00 21.41 ? 425  PHE A CE1 1 
ATOM   847  C CE2 . PHE A 1 107 ? -8.466  -6.692  -6.234  1.00 21.86 ? 425  PHE A CE2 1 
ATOM   848  C CZ  . PHE A 1 107 ? -9.146  -6.236  -5.121  1.00 21.85 ? 425  PHE A CZ  1 
ATOM   849  N N   . GLY A 1 108 ? -13.327 -7.017  -11.245 1.00 25.83 ? 426  GLY A N   1 
ATOM   850  C CA  . GLY A 1 108 ? -13.877 -7.487  -12.533 1.00 27.49 ? 426  GLY A CA  1 
ATOM   851  C C   . GLY A 1 108 ? -15.175 -8.261  -12.376 1.00 28.34 ? 426  GLY A C   1 
ATOM   852  O O   . GLY A 1 108 ? -15.722 -8.793  -13.348 1.00 29.89 ? 426  GLY A O   1 
ATOM   853  N N   . PHE A 1 109 ? -15.645 -8.339  -11.139 1.00 27.83 ? 427  PHE A N   1 
ATOM   854  C CA  . PHE A 1 109 ? -16.915 -8.973  -10.784 1.00 27.24 ? 427  PHE A CA  1 
ATOM   855  C C   . PHE A 1 109 ? -17.414 -8.237  -9.536  1.00 27.06 ? 427  PHE A C   1 
ATOM   856  O O   . PHE A 1 109 ? -16.634 -7.551  -8.853  1.00 23.84 ? 427  PHE A O   1 
ATOM   857  C CB  . PHE A 1 109 ? -16.725 -10.474 -10.526 1.00 28.15 ? 427  PHE A CB  1 
ATOM   858  C CG  . PHE A 1 109 ? -15.737 -10.784 -9.425  1.00 27.26 ? 427  PHE A CG  1 
ATOM   859  C CD1 . PHE A 1 109 ? -14.386 -10.917 -9.702  1.00 28.07 ? 427  PHE A CD1 1 
ATOM   860  C CD2 . PHE A 1 109 ? -16.163 -10.920 -8.119  1.00 27.54 ? 427  PHE A CD2 1 
ATOM   861  C CE1 . PHE A 1 109 ? -13.484 -11.186 -8.690  1.00 27.38 ? 427  PHE A CE1 1 
ATOM   862  C CE2 . PHE A 1 109 ? -15.270 -11.183 -7.103  1.00 28.12 ? 427  PHE A CE2 1 
ATOM   863  C CZ  . PHE A 1 109 ? -13.924 -11.315 -7.392  1.00 28.40 ? 427  PHE A CZ  1 
ATOM   864  N N   . TYR A 1 110 ? -18.708 -8.345  -9.241  1.00 26.50 ? 428  TYR A N   1 
ATOM   865  C CA  . TYR A 1 110 ? -19.277 -7.622  -8.111  1.00 27.48 ? 428  TYR A CA  1 
ATOM   866  C C   . TYR A 1 110 ? -18.859 -8.284  -6.813  1.00 26.18 ? 428  TYR A C   1 
ATOM   867  O O   . TYR A 1 110 ? -19.020 -9.497  -6.661  1.00 26.23 ? 428  TYR A O   1 
ATOM   868  C CB  . TYR A 1 110 ? -20.804 -7.607  -8.171  1.00 29.97 ? 428  TYR A CB  1 
ATOM   869  C CG  . TYR A 1 110 ? -21.386 -6.920  -9.370  1.00 31.99 ? 428  TYR A CG  1 
ATOM   870  C CD1 . TYR A 1 110 ? -21.152 -5.565  -9.602  1.00 33.96 ? 428  TYR A CD1 1 
ATOM   871  C CD2 . TYR A 1 110 ? -22.216 -7.613  -10.253 1.00 34.16 ? 428  TYR A CD2 1 
ATOM   872  C CE1 . TYR A 1 110 ? -21.699 -4.924  -10.705 1.00 35.09 ? 428  TYR A CE1 1 
ATOM   873  C CE2 . TYR A 1 110 ? -22.778 -6.982  -11.352 1.00 36.79 ? 428  TYR A CE2 1 
ATOM   874  C CZ  . TYR A 1 110 ? -22.518 -5.640  -11.571 1.00 37.41 ? 428  TYR A CZ  1 
ATOM   875  O OH  . TYR A 1 110 ? -23.082 -5.026  -12.665 1.00 41.45 ? 428  TYR A OH  1 
ATOM   876  N N   . PRO A 1 111 ? -18.333 -7.500  -5.866  1.00 25.60 ? 429  PRO A N   1 
ATOM   877  C CA  . PRO A 1 111 ? -17.978 -8.027  -4.564  1.00 26.10 ? 429  PRO A CA  1 
ATOM   878  C C   . PRO A 1 111 ? -19.178 -8.153  -3.641  1.00 26.28 ? 429  PRO A C   1 
ATOM   879  O O   . PRO A 1 111 ? -20.113 -7.358  -3.726  1.00 25.15 ? 429  PRO A O   1 
ATOM   880  C CB  . PRO A 1 111 ? -17.020 -6.973  -4.017  1.00 26.35 ? 429  PRO A CB  1 
ATOM   881  C CG  . PRO A 1 111 ? -17.520 -5.711  -4.606  1.00 26.40 ? 429  PRO A CG  1 
ATOM   882  C CD  . PRO A 1 111 ? -17.998 -6.068  -5.979  1.00 26.18 ? 429  PRO A CD  1 
ATOM   883  N N   . ALA A 1 112 ? -19.132 -9.140  -2.758  1.00 27.72 ? 430  ALA A N   1 
ATOM   884  C CA  . ALA A 1 112 ? -20.239 -9.414  -1.838  1.00 27.81 ? 430  ALA A CA  1 
ATOM   885  C C   . ALA A 1 112 ? -20.130 -8.607  -0.547  1.00 27.47 ? 430  ALA A C   1 
ATOM   886  O O   . ALA A 1 112 ? -21.135 -8.386  0.142   1.00 28.49 ? 430  ALA A O   1 
ATOM   887  C CB  . ALA A 1 112 ? -20.288 -10.913 -1.525  1.00 27.88 ? 430  ALA A CB  1 
ATOM   888  N N   . GLY A 1 113 ? -18.925 -8.147  -0.221  1.00 26.67 ? 431  GLY A N   1 
ATOM   889  C CA  . GLY A 1 113 ? -18.681 -7.442  1.028   1.00 26.51 ? 431  GLY A CA  1 
ATOM   890  C C   . GLY A 1 113 ? -17.194 -7.305  1.292   1.00 26.58 ? 431  GLY A C   1 
ATOM   891  O O   . GLY A 1 113 ? -16.376 -7.740  0.474   1.00 24.67 ? 431  GLY A O   1 
ATOM   892  N N   . LYS A 1 114 ? -16.857 -6.727  2.443   1.00 27.15 ? 432  LYS A N   1 
ATOM   893  C CA  . LYS A 1 114 ? -15.469 -6.368  2.783   1.00 27.45 ? 432  LYS A CA  1 
ATOM   894  C C   . LYS A 1 114 ? -14.524 -7.565  2.915   1.00 28.15 ? 432  LYS A C   1 
ATOM   895  O O   . LYS A 1 114 ? -13.410 -7.522  2.388   1.00 27.72 ? 432  LYS A O   1 
ATOM   896  C CB  . LYS A 1 114 ? -15.431 -5.523  4.058   1.00 27.98 ? 432  LYS A CB  1 
ATOM   897  C CG  . LYS A 1 114 ? -14.057 -4.994  4.455   1.00 28.84 ? 432  LYS A CG  1 
ATOM   898  C CD  . LYS A 1 114 ? -13.610 -3.833  3.585   1.00 28.18 ? 432  LYS A CD  1 
ATOM   899  C CE  . LYS A 1 114 ? -12.333 -3.206  4.145   1.00 28.80 ? 432  LYS A CE  1 
ATOM   900  N NZ  . LYS A 1 114 ? -11.894 -1.994  3.388   1.00 29.42 ? 432  LYS A NZ  1 
ATOM   901  N N   . ARG A 1 115 ? -14.952 -8.616  3.620   1.00 28.80 ? 433  ARG A N   1 
ATOM   902  C CA  . ARG A 1 115 ? -14.116 -9.808  3.778   1.00 28.77 ? 433  ARG A CA  1 
ATOM   903  C C   . ARG A 1 115 ? -13.605 -10.293 2.417   1.00 26.03 ? 433  ARG A C   1 
ATOM   904  O O   . ARG A 1 115 ? -12.405 -10.508 2.241   1.00 25.82 ? 433  ARG A O   1 
ATOM   905  C CB  . ARG A 1 115 ? -14.874 -10.945 4.505   1.00 30.77 ? 433  ARG A CB  1 
ATOM   906  C CG  . ARG A 1 115 ? -14.084 -12.256 4.639   1.00 32.71 ? 433  ARG A CG  1 
ATOM   907  C CD  . ARG A 1 115 ? -14.984 -13.500 4.751   1.00 34.04 ? 433  ARG A CD  1 
ATOM   908  N NE  . ARG A 1 115 ? -15.763 -13.728 3.530   1.00 35.42 ? 433  ARG A NE  1 
ATOM   909  C CZ  . ARG A 1 115 ? -15.317 -14.337 2.424   1.00 36.78 ? 433  ARG A CZ  1 
ATOM   910  N NH1 . ARG A 1 115 ? -14.087 -14.834 2.361   1.00 37.29 ? 433  ARG A NH1 1 
ATOM   911  N NH2 . ARG A 1 115 ? -16.113 -14.452 1.368   1.00 37.03 ? 433  ARG A NH2 1 
ATOM   912  N N   . GLU A 1 116 ? -14.517 -10.451 1.465   1.00 25.97 ? 434  GLU A N   1 
ATOM   913  C CA  . GLU A 1 116 ? -14.162 -10.931 0.143   1.00 25.93 ? 434  GLU A CA  1 
ATOM   914  C C   . GLU A 1 116 ? -13.217 -9.947  -0.541  1.00 24.40 ? 434  GLU A C   1 
ATOM   915  O O   . GLU A 1 116 ? -12.259 -10.357 -1.193  1.00 24.18 ? 434  GLU A O   1 
ATOM   916  C CB  . GLU A 1 116 ? -15.403 -11.124 -0.742  1.00 28.41 ? 434  GLU A CB  1 
ATOM   917  C CG  . GLU A 1 116 ? -15.084 -11.859 -2.041  1.00 29.65 ? 434  GLU A CG  1 
ATOM   918  C CD  . GLU A 1 116 ? -16.051 -11.591 -3.185  1.00 33.00 ? 434  GLU A CD  1 
ATOM   919  O OE1 . GLU A 1 116 ? -16.417 -10.430 -3.425  1.00 35.58 ? 434  GLU A OE1 1 
ATOM   920  O OE2 . GLU A 1 116 ? -16.417 -12.555 -3.879  1.00 36.21 ? 434  GLU A OE2 1 
ATOM   921  N N   . PHE A 1 117 ? -13.504 -8.662  -0.378  1.00 23.65 ? 435  PHE A N   1 
ATOM   922  C CA  . PHE A 1 117 ? -12.797 -7.601  -1.102  1.00 22.83 ? 435  PHE A CA  1 
ATOM   923  C C   . PHE A 1 117 ? -11.338 -7.525  -0.612  1.00 22.97 ? 435  PHE A C   1 
ATOM   924  O O   . PHE A 1 117 ? -10.424 -7.286  -1.406  1.00 22.58 ? 435  PHE A O   1 
ATOM   925  C CB  . PHE A 1 117 ? -13.535 -6.257  -0.910  1.00 22.99 ? 435  PHE A CB  1 
ATOM   926  C CG  . PHE A 1 117 ? -13.555 -5.356  -2.125  1.00 21.93 ? 435  PHE A CG  1 
ATOM   927  C CD1 . PHE A 1 117 ? -13.770 -5.858  -3.404  1.00 22.61 ? 435  PHE A CD1 1 
ATOM   928  C CD2 . PHE A 1 117 ? -13.439 -3.973  -1.969  1.00 22.50 ? 435  PHE A CD2 1 
ATOM   929  C CE1 . PHE A 1 117 ? -13.821 -5.002  -4.505  1.00 22.04 ? 435  PHE A CE1 1 
ATOM   930  C CE2 . PHE A 1 117 ? -13.498 -3.121  -3.058  1.00 21.78 ? 435  PHE A CE2 1 
ATOM   931  C CZ  . PHE A 1 117 ? -13.694 -3.637  -4.330  1.00 21.69 ? 435  PHE A CZ  1 
ATOM   932  N N   . VAL A 1 118 ? -11.124 -7.747  0.682   1.00 22.96 ? 436  VAL A N   1 
ATOM   933  C CA  . VAL A 1 118 ? -9.778  -7.792  1.268   1.00 23.66 ? 436  VAL A CA  1 
ATOM   934  C C   . VAL A 1 118 ? -8.980  -8.999  0.749   1.00 23.75 ? 436  VAL A C   1 
ATOM   935  O O   . VAL A 1 118 ? -7.824  -8.865  0.336   1.00 23.78 ? 436  VAL A O   1 
ATOM   936  C CB  . VAL A 1 118 ? -9.838  -7.847  2.814   1.00 24.17 ? 436  VAL A CB  1 
ATOM   937  C CG1 . VAL A 1 118 ? -8.437  -8.011  3.401   1.00 24.84 ? 436  VAL A CG1 1 
ATOM   938  C CG2 . VAL A 1 118 ? -10.505 -6.587  3.361   1.00 24.98 ? 436  VAL A CG2 1 
ATOM   939  N N   . ASP A 1 119 ? -9.597  -10.180 0.766   1.00 24.02 ? 437  ASP A N   1 
ATOM   940  C CA  . ASP A 1 119 ? -8.967  -11.383 0.217   1.00 25.34 ? 437  ASP A CA  1 
ATOM   941  C C   . ASP A 1 119 ? -8.593  -11.212 -1.257  1.00 23.12 ? 437  ASP A C   1 
ATOM   942  O O   . ASP A 1 119 ? -7.484  -11.584 -1.669  1.00 24.00 ? 437  ASP A O   1 
ATOM   943  C CB  . ASP A 1 119 ? -9.869  -12.616 0.397   1.00 26.58 ? 437  ASP A CB  1 
ATOM   944  C CG  . ASP A 1 119 ? -9.982  -13.060 1.855   1.00 30.03 ? 437  ASP A CG  1 
ATOM   945  O OD1 . ASP A 1 119 ? -9.180  -12.609 2.702   1.00 32.74 ? 437  ASP A OD1 1 
ATOM   946  O OD2 . ASP A 1 119 ? -10.892 -13.867 2.150   1.00 33.26 ? 437  ASP A OD2 1 
ATOM   947  N N   . SER A 1 120 ? -9.505  -10.633 -2.039  1.00 21.54 ? 438  SER A N   1 
ATOM   948  C CA  . SER A 1 120 ? -9.246  -10.347 -3.442  1.00 21.30 ? 438  SER A CA  1 
ATOM   949  C C   . SER A 1 120 ? -8.044  -9.417  -3.628  1.00 20.69 ? 438  SER A C   1 
ATOM   950  O O   . SER A 1 120 ? -7.236  -9.637  -4.530  1.00 21.35 ? 438  SER A O   1 
ATOM   951  C CB  . SER A 1 120 ? -10.465 -9.718  -4.120  1.00 21.43 ? 438  SER A CB  1 
ATOM   952  O OG  . SER A 1 120 ? -11.510 -10.668 -4.263  1.00 22.81 ? 438  SER A OG  1 
ATOM   953  N N   . PHE A 1 121 ? -7.966  -8.372  -2.810  1.00 20.02 ? 439  PHE A N   1 
ATOM   954  C CA  . PHE A 1 121 ? -6.847  -7.416  -2.882  1.00 19.97 ? 439  PHE A CA  1 
ATOM   955  C C   . PHE A 1 121 ? -5.518  -8.162  -2.784  1.00 20.95 ? 439  PHE A C   1 
ATOM   956  O O   . PHE A 1 121 ? -4.661  -8.048  -3.666  1.00 20.13 ? 439  PHE A O   1 
ATOM   957  C CB  . PHE A 1 121 ? -6.967  -6.335  -1.800  1.00 20.40 ? 439  PHE A CB  1 
ATOM   958  C CG  . PHE A 1 121 ? -5.833  -5.350  -1.798  1.00 20.18 ? 439  PHE A CG  1 
ATOM   959  C CD1 . PHE A 1 121 ? -4.656  -5.625  -1.112  1.00 21.53 ? 439  PHE A CD1 1 
ATOM   960  C CD2 . PHE A 1 121 ? -5.929  -4.160  -2.505  1.00 19.93 ? 439  PHE A CD2 1 
ATOM   961  C CE1 . PHE A 1 121 ? -3.606  -4.721  -1.132  1.00 21.23 ? 439  PHE A CE1 1 
ATOM   962  C CE2 . PHE A 1 121 ? -4.882  -3.258  -2.531  1.00 20.50 ? 439  PHE A CE2 1 
ATOM   963  C CZ  . PHE A 1 121 ? -3.725  -3.534  -1.833  1.00 20.74 ? 439  PHE A CZ  1 
ATOM   964  N N   . PHE A 1 122 ? -5.362  -8.960  -1.736  1.00 21.78 ? 440  PHE A N   1 
ATOM   965  C CA  . PHE A 1 122 ? -4.078  -9.608  -1.505  1.00 23.07 ? 440  PHE A CA  1 
ATOM   966  C C   . PHE A 1 122 ? -3.764  -10.705 -2.522  1.00 24.85 ? 440  PHE A C   1 
ATOM   967  O O   . PHE A 1 122 ? -2.617  -10.837 -2.924  1.00 23.37 ? 440  PHE A O   1 
ATOM   968  C CB  . PHE A 1 122 ? -3.962  -10.071 -0.049  1.00 23.90 ? 440  PHE A CB  1 
ATOM   969  C CG  . PHE A 1 122 ? -3.805  -8.920  0.910   1.00 23.25 ? 440  PHE A CG  1 
ATOM   970  C CD1 . PHE A 1 122 ? -2.645  -8.151  0.892   1.00 23.50 ? 440  PHE A CD1 1 
ATOM   971  C CD2 . PHE A 1 122 ? -4.819  -8.563  1.772   1.00 23.57 ? 440  PHE A CD2 1 
ATOM   972  C CE1 . PHE A 1 122 ? -2.493  -7.083  1.742   1.00 23.37 ? 440  PHE A CE1 1 
ATOM   973  C CE2 . PHE A 1 122 ? -4.673  -7.483  2.635   1.00 24.54 ? 440  PHE A CE2 1 
ATOM   974  C CZ  . PHE A 1 122 ? -3.505  -6.740  2.612   1.00 24.43 ? 440  PHE A CZ  1 
ATOM   975  N N   . MET A 1 123 ? -4.778  -11.427 -3.002  1.00 25.96 ? 441  MET A N   1 
ATOM   976  C CA  . MET A 1 123 ? -4.564  -12.412 -4.064  1.00 27.10 ? 441  MET A CA  1 
ATOM   977  C C   . MET A 1 123 ? -4.121  -11.732 -5.363  1.00 25.55 ? 441  MET A C   1 
ATOM   978  O O   . MET A 1 123 ? -3.114  -12.113 -5.965  1.00 25.89 ? 441  MET A O   1 
ATOM   979  C CB  . MET A 1 123 ? -5.834  -13.233 -4.326  1.00 31.55 ? 441  MET A CB  1 
ATOM   980  C CG  . MET A 1 123 ? -5.586  -14.400 -5.279  1.00 37.34 ? 441  MET A CG  1 
ATOM   981  S SD  . MET A 1 123 ? -7.080  -15.265 -5.803  1.00 49.06 ? 441  MET A SD  1 
ATOM   982  C CE  . MET A 1 123 ? -6.534  -15.937 -7.383  1.00 46.59 ? 441  MET A CE  1 
ATOM   983  N N   . HIS A 1 124 ? -4.865  -10.712 -5.775  1.00 23.26 ? 442  HIS A N   1 
ATOM   984  C CA  . HIS A 1 124 ? -4.640  -10.051 -7.052  1.00 23.39 ? 442  HIS A CA  1 
ATOM   985  C C   . HIS A 1 124 ? -3.278  -9.389  -7.130  1.00 22.18 ? 442  HIS A C   1 
ATOM   986  O O   . HIS A 1 124 ? -2.495  -9.628  -8.072  1.00 21.86 ? 442  HIS A O   1 
ATOM   987  C CB  . HIS A 1 124 ? -5.739  -9.023  -7.280  1.00 23.68 ? 442  HIS A CB  1 
ATOM   988  C CG  . HIS A 1 124 ? -5.552  -8.200  -8.528  1.00 25.37 ? 442  HIS A CG  1 
ATOM   989  N ND1 . HIS A 1 124 ? -5.961  -8.616  -9.734  1.00 27.56 ? 442  HIS A ND1 1 
ATOM   990  C CD2 . HIS A 1 124 ? -4.960  -6.951  -8.721  1.00 25.66 ? 442  HIS A CD2 1 
ATOM   991  C CE1 . HIS A 1 124 ? -5.650  -7.685  -10.660 1.00 28.38 ? 442  HIS A CE1 1 
ATOM   992  N NE2 . HIS A 1 124 ? -5.032  -6.668  -10.037 1.00 26.99 ? 442  HIS A NE2 1 
ATOM   993  N N   . HIS A 1 125 ? -2.987  -8.546  -6.150  1.00 20.77 ? 443  HIS A N   1 
ATOM   994  C CA  . HIS A 1 125 ? -1.774  -7.733  -6.179  1.00 20.88 ? 443  HIS A CA  1 
ATOM   995  C C   . HIS A 1 125 ? -0.528  -8.516  -5.835  1.00 21.24 ? 443  HIS A C   1 
ATOM   996  O O   . HIS A 1 125 ? 0.567   -8.099  -6.185  1.00 22.10 ? 443  HIS A O   1 
ATOM   997  C CB  . HIS A 1 125 ? -1.930  -6.508  -5.278  1.00 20.03 ? 443  HIS A CB  1 
ATOM   998  C CG  . HIS A 1 125 ? -2.965  -5.506  -5.762  1.00 20.25 ? 443  HIS A CG  1 
ATOM   999  N ND1 . HIS A 1 125 ? -2.772  -4.716  -6.845  1.00 20.26 ? 443  HIS A ND1 1 
ATOM   1000 C CD2 . HIS A 1 125 ? -4.206  -5.147  -5.234  1.00 20.22 ? 443  HIS A CD2 1 
ATOM   1001 C CE1 . HIS A 1 125 ? -3.840  -3.909  -7.010  1.00 20.76 ? 443  HIS A CE1 1 
ATOM   1002 N NE2 . HIS A 1 125 ? -4.721  -4.170  -6.023  1.00 20.53 ? 443  HIS A NE2 1 
ATOM   1003 N N   . SER A 1 126 ? -0.672  -9.657  -5.164  1.00 21.84 ? 444  SER A N   1 
ATOM   1004 C CA  . SER A 1 126 ? 0.455   -10.573 -4.962  1.00 24.25 ? 444  SER A CA  1 
ATOM   1005 C C   . SER A 1 126 ? 0.832   -11.313 -6.237  1.00 24.42 ? 444  SER A C   1 
ATOM   1006 O O   . SER A 1 126 ? 2.005   -11.561 -6.482  1.00 26.17 ? 444  SER A O   1 
ATOM   1007 C CB  . SER A 1 126 ? 0.140   -11.590 -3.864  1.00 24.83 ? 444  SER A CB  1 
ATOM   1008 O OG  . SER A 1 126 ? -0.019  -10.919 -2.635  1.00 28.30 ? 444  SER A OG  1 
ATOM   1009 N N   . LYS A 1 127 ? -0.166  -11.680 -7.034  1.00 26.06 ? 445  LYS A N   1 
ATOM   1010 C CA  . LYS A 1 127 ? 0.070   -12.316 -8.331  1.00 28.40 ? 445  LYS A CA  1 
ATOM   1011 C C   . LYS A 1 127 ? 0.685   -11.331 -9.326  1.00 27.40 ? 445  LYS A C   1 
ATOM   1012 O O   . LYS A 1 127 ? 1.541   -11.707 -10.120 1.00 25.95 ? 445  LYS A O   1 
ATOM   1013 C CB  . LYS A 1 127 ? -1.232  -12.889 -8.902  1.00 31.86 ? 445  LYS A CB  1 
ATOM   1014 C CG  . LYS A 1 127 ? -1.038  -13.680 -10.189 1.00 37.14 ? 445  LYS A CG  1 
ATOM   1015 C CD  . LYS A 1 127 ? -2.346  -14.254 -10.726 1.00 41.86 ? 445  LYS A CD  1 
ATOM   1016 C CE  . LYS A 1 127 ? -2.246  -14.527 -12.230 1.00 45.05 ? 445  LYS A CE  1 
ATOM   1017 N NZ  . LYS A 1 127 ? -3.488  -15.123 -12.810 1.00 48.69 ? 445  LYS A NZ  1 
ATOM   1018 N N   . ASP A 1 128 ? 0.250   -10.078 -9.271  1.00 25.62 ? 446  ASP A N   1 
ATOM   1019 C CA  . ASP A 1 128 ? 0.747   -9.052  -10.184 1.00 27.28 ? 446  ASP A CA  1 
ATOM   1020 C C   . ASP A 1 128 ? 0.696   -7.692  -9.490  1.00 24.75 ? 446  ASP A C   1 
ATOM   1021 O O   . ASP A 1 128 ? -0.377  -7.159  -9.260  1.00 22.99 ? 446  ASP A O   1 
ATOM   1022 C CB  . ASP A 1 128 ? -0.125  -9.033  -11.441 1.00 29.12 ? 446  ASP A CB  1 
ATOM   1023 C CG  . ASP A 1 128 ? 0.312   -7.981  -12.458 1.00 33.65 ? 446  ASP A CG  1 
ATOM   1024 O OD1 . ASP A 1 128 ? 1.279   -7.232  -12.207 1.00 32.78 ? 446  ASP A OD1 1 
ATOM   1025 O OD2 . ASP A 1 128 ? -0.332  -7.912  -13.532 1.00 38.06 ? 446  ASP A OD2 1 
ATOM   1026 N N   . HIS A 1 129 ? 1.866   -7.139  -9.177  1.00 23.99 ? 447  HIS A N   1 
ATOM   1027 C CA  . HIS A 1 129 ? 1.955   -5.916  -8.374  1.00 22.57 ? 447  HIS A CA  1 
ATOM   1028 C C   . HIS A 1 129 ? 2.218   -4.683  -9.203  1.00 22.67 ? 447  HIS A C   1 
ATOM   1029 O O   . HIS A 1 129 ? 2.669   -3.656  -8.675  1.00 21.13 ? 447  HIS A O   1 
ATOM   1030 C CB  . HIS A 1 129 ? 3.029   -6.089  -7.287  1.00 22.42 ? 447  HIS A CB  1 
ATOM   1031 C CG  . HIS A 1 129 ? 4.416   -6.339  -7.835  1.00 22.61 ? 447  HIS A CG  1 
ATOM   1032 N ND1 . HIS A 1 129 ? 4.940   -7.589  -7.961  1.00 24.21 ? 447  HIS A ND1 1 
ATOM   1033 C CD2 . HIS A 1 129 ? 5.381   -5.456  -8.319  1.00 23.47 ? 447  HIS A CD2 1 
ATOM   1034 C CE1 . HIS A 1 129 ? 6.181   -7.500  -8.492  1.00 24.86 ? 447  HIS A CE1 1 
ATOM   1035 N NE2 . HIS A 1 129 ? 6.452   -6.195  -8.710  1.00 24.26 ? 447  HIS A NE2 1 
ATOM   1036 N N   . LYS A 1 130 ? 1.886   -4.719  -10.498 1.00 22.58 ? 448  LYS A N   1 
ATOM   1037 C CA  . LYS A 1 130 ? 2.165   -3.574  -11.363 1.00 23.42 ? 448  LYS A CA  1 
ATOM   1038 C C   . LYS A 1 130 ? 1.484   -2.280  -10.945 1.00 21.66 ? 448  LYS A C   1 
ATOM   1039 O O   . LYS A 1 130 ? 2.021   -1.218  -11.202 1.00 19.70 ? 448  LYS A O   1 
ATOM   1040 C CB  . LYS A 1 130 ? 1.931   -3.893  -12.838 1.00 27.84 ? 448  LYS A CB  1 
ATOM   1041 C CG  . LYS A 1 130 ? 2.956   -4.918  -13.326 1.00 32.12 ? 448  LYS A CG  1 
ATOM   1042 C CD  . LYS A 1 130 ? 2.780   -5.310  -14.779 1.00 35.30 ? 448  LYS A CD  1 
ATOM   1043 C CE  . LYS A 1 130 ? 3.844   -6.306  -15.189 1.00 37.55 ? 448  LYS A CE  1 
ATOM   1044 N NZ  . LYS A 1 130 ? 3.643   -6.700  -16.613 1.00 43.30 ? 448  LYS A NZ  1 
ATOM   1045 N N   . ALA A 1 131 ? 0.343   -2.364  -10.267 1.00 19.82 ? 449  ALA A N   1 
ATOM   1046 C CA  . ALA A 1 131 ? -0.332  -1.146  -9.789  1.00 19.86 ? 449  ALA A CA  1 
ATOM   1047 C C   . ALA A 1 131 ? 0.563   -0.349  -8.828  1.00 18.66 ? 449  ALA A C   1 
ATOM   1048 O O   . ALA A 1 131 ? 0.486   0.871   -8.790  1.00 19.85 ? 449  ALA A O   1 
ATOM   1049 C CB  . ALA A 1 131 ? -1.671  -1.484  -9.139  1.00 20.65 ? 449  ALA A CB  1 
ATOM   1050 N N   . PHE A 1 132 ? 1.400   -1.026  -8.041  1.00 18.56 ? 450  PHE A N   1 
ATOM   1051 C CA  . PHE A 1 132 ? 2.325   -0.318  -7.135  1.00 18.22 ? 450  PHE A CA  1 
ATOM   1052 C C   . PHE A 1 132 ? 3.395   0.421   -7.930  1.00 17.67 ? 450  PHE A C   1 
ATOM   1053 O O   . PHE A 1 132 ? 3.727   1.566   -7.627  1.00 18.10 ? 450  PHE A O   1 
ATOM   1054 C CB  . PHE A 1 132 ? 2.955   -1.280  -6.109  1.00 18.61 ? 450  PHE A CB  1 
ATOM   1055 C CG  . PHE A 1 132 ? 3.977   -0.623  -5.218  1.00 19.00 ? 450  PHE A CG  1 
ATOM   1056 C CD1 . PHE A 1 132 ? 3.587   0.345   -4.292  1.00 19.30 ? 450  PHE A CD1 1 
ATOM   1057 C CD2 . PHE A 1 132 ? 5.323   -0.934  -5.334  1.00 19.66 ? 450  PHE A CD2 1 
ATOM   1058 C CE1 . PHE A 1 132 ? 4.527   0.976   -3.487  1.00 20.72 ? 450  PHE A CE1 1 
ATOM   1059 C CE2 . PHE A 1 132 ? 6.270   -0.319  -4.534  1.00 19.93 ? 450  PHE A CE2 1 
ATOM   1060 C CZ  . PHE A 1 132 ? 5.878   0.650   -3.612  1.00 19.45 ? 450  PHE A CZ  1 
ATOM   1061 N N   . LEU A 1 133 ? 3.918   -0.228  -8.968  1.00 17.74 ? 451  LEU A N   1 
ATOM   1062 C CA  . LEU A 1 133 ? 4.933   0.361   -9.826  1.00 17.61 ? 451  LEU A CA  1 
ATOM   1063 C C   . LEU A 1 133 ? 4.401   1.593   -10.553 1.00 18.52 ? 451  LEU A C   1 
ATOM   1064 O O   . LEU A 1 133 ? 5.110   2.581   -10.712 1.00 20.31 ? 451  LEU A O   1 
ATOM   1065 C CB  . LEU A 1 133 ? 5.462   -0.678  -10.831 1.00 17.88 ? 451  LEU A CB  1 
ATOM   1066 C CG  . LEU A 1 133 ? 6.099   -1.957  -10.245 1.00 18.27 ? 451  LEU A CG  1 
ATOM   1067 C CD1 . LEU A 1 133 ? 6.576   -2.895  -11.352 1.00 18.52 ? 451  LEU A CD1 1 
ATOM   1068 C CD2 . LEU A 1 133 ? 7.257   -1.642  -9.287  1.00 18.07 ? 451  LEU A CD2 1 
ATOM   1069 N N   . ILE A 1 134 ? 3.145   1.528   -10.979 1.00 18.64 ? 452  ILE A N   1 
ATOM   1070 C CA  . ILE A 1 134 ? 2.495   2.635   -11.667 1.00 19.04 ? 452  ILE A CA  1 
ATOM   1071 C C   . ILE A 1 134 ? 2.239   3.779   -10.684 1.00 19.07 ? 452  ILE A C   1 
ATOM   1072 O O   . ILE A 1 134 ? 2.422   4.938   -11.045 1.00 19.84 ? 452  ILE A O   1 
ATOM   1073 C CB  . ILE A 1 134 ? 1.199   2.157   -12.395 1.00 18.70 ? 452  ILE A CB  1 
ATOM   1074 C CG1 . ILE A 1 134 ? 1.558   1.169   -13.517 1.00 19.83 ? 452  ILE A CG1 1 
ATOM   1075 C CG2 . ILE A 1 134 ? 0.409   3.336   -12.975 1.00 19.74 ? 452  ILE A CG2 1 
ATOM   1076 C CD1 . ILE A 1 134 ? 0.383   0.428   -14.122 1.00 20.34 ? 452  ILE A CD1 1 
ATOM   1077 N N   . HIS A 1 135 ? 1.856   3.454   -9.444  1.00 17.86 ? 453  HIS A N   1 
ATOM   1078 C CA  . HIS A 1 135 ? 1.594   4.442   -8.386  1.00 19.13 ? 453  HIS A CA  1 
ATOM   1079 C C   . HIS A 1 135 ? 2.825   5.274   -8.063  1.00 20.29 ? 453  HIS A C   1 
ATOM   1080 O O   . HIS A 1 135 ? 2.750   6.507   -7.910  1.00 19.71 ? 453  HIS A O   1 
ATOM   1081 C CB  . HIS A 1 135 ? 1.138   3.734   -7.104  1.00 19.55 ? 453  HIS A CB  1 
ATOM   1082 C CG  . HIS A 1 135 ? 0.683   4.674   -6.008  1.00 20.39 ? 453  HIS A CG  1 
ATOM   1083 N ND1 . HIS A 1 135 ? -0.545  5.253   -6.011  1.00 21.27 ? 453  HIS A ND1 1 
ATOM   1084 C CD2 . HIS A 1 135 ? 1.332   5.137   -4.868  1.00 20.47 ? 453  HIS A CD2 1 
ATOM   1085 C CE1 . HIS A 1 135 ? -0.672  6.027   -4.914  1.00 20.82 ? 453  HIS A CE1 1 
ATOM   1086 N NE2 . HIS A 1 135 ? 0.477   5.962   -4.219  1.00 20.87 ? 453  HIS A NE2 1 
ATOM   1087 N N   . MET A 1 136 ? 3.968   4.603   -7.937  1.00 19.72 ? 454  MET A N   1 
ATOM   1088 C CA  . MET A 1 136 ? 5.220   5.275   -7.554  1.00 20.23 ? 454  MET A CA  1 
ATOM   1089 C C   . MET A 1 136 ? 5.934   5.863   -8.751  1.00 20.67 ? 454  MET A C   1 
ATOM   1090 O O   . MET A 1 136 ? 6.494   6.964   -8.676  1.00 22.08 ? 454  MET A O   1 
ATOM   1091 C CB  . MET A 1 136 ? 6.161   4.292   -6.850  1.00 19.75 ? 454  MET A CB  1 
ATOM   1092 C CG  . MET A 1 136 ? 5.628   3.667   -5.569  1.00 20.72 ? 454  MET A CG  1 
ATOM   1093 S SD  . MET A 1 136 ? 5.152   4.858   -4.305  1.00 22.20 ? 454  MET A SD  1 
ATOM   1094 C CE  . MET A 1 136 ? 6.737   5.569   -3.801  1.00 22.76 ? 454  MET A CE  1 
ATOM   1095 N N   . GLY A 1 137 ? 5.906   5.127   -9.854  1.00 21.21 ? 455  GLY A N   1 
ATOM   1096 C CA  . GLY A 1 137 ? 6.700   5.431   -11.024 1.00 22.75 ? 455  GLY A CA  1 
ATOM   1097 C C   . GLY A 1 137 ? 8.003   4.659   -10.981 1.00 23.05 ? 455  GLY A C   1 
ATOM   1098 O O   . GLY A 1 137 ? 8.431   4.210   -9.900  1.00 21.60 ? 455  GLY A O   1 
ATOM   1099 N N   . LEU A 1 138 ? 8.624   4.501   -12.156 1.00 22.63 ? 456  LEU A N   1 
ATOM   1100 C CA  . LEU A 1 138 ? 9.915   3.807   -12.288 1.00 24.29 ? 456  LEU A CA  1 
ATOM   1101 C C   . LEU A 1 138 ? 10.994  4.795   -12.729 1.00 25.59 ? 456  LEU A C   1 
ATOM   1102 O O   . LEU A 1 138 ? 10.707  5.730   -13.481 1.00 25.28 ? 456  LEU A O   1 
ATOM   1103 C CB  . LEU A 1 138 ? 9.809   2.668   -13.293 1.00 24.62 ? 456  LEU A CB  1 
ATOM   1104 C CG  . LEU A 1 138 ? 8.925   1.500   -12.859 1.00 25.43 ? 456  LEU A CG  1 
ATOM   1105 C CD1 . LEU A 1 138 ? 8.572   0.649   -14.067 1.00 26.66 ? 456  LEU A CD1 1 
ATOM   1106 C CD2 . LEU A 1 138 ? 9.614   0.672   -11.782 1.00 26.14 ? 456  LEU A CD2 1 
ATOM   1107 N N   . ASP A 1 139 ? 12.220  4.579   -12.245 1.00 26.45 ? 457  ASP A N   1 
ATOM   1108 C CA  . ASP A 1 139 ? 13.293  5.562   -12.325 1.00 28.63 ? 457  ASP A CA  1 
ATOM   1109 C C   . ASP A 1 139 ? 14.518  4.954   -13.020 1.00 28.57 ? 457  ASP A C   1 
ATOM   1110 O O   . ASP A 1 139 ? 14.820  3.778   -12.828 1.00 25.40 ? 457  ASP A O   1 
ATOM   1111 C CB  . ASP A 1 139 ? 13.677  5.977   -10.897 1.00 29.81 ? 457  ASP A CB  1 
ATOM   1112 C CG  . ASP A 1 139 ? 14.244  7.396   -10.809 1.00 34.37 ? 457  ASP A CG  1 
ATOM   1113 O OD1 . ASP A 1 139 ? 15.234  7.706   -11.510 1.00 34.33 ? 457  ASP A OD1 1 
ATOM   1114 O OD2 . ASP A 1 139 ? 13.705  8.191   -9.997  1.00 35.78 ? 457  ASP A OD2 1 
ATOM   1115 N N   . LYS A 1 140 ? 15.217  5.781   -13.800 1.00 30.15 ? 458  LYS A N   1 
ATOM   1116 C CA  . LYS A 1 140 ? 16.456  5.388   -14.487 1.00 32.50 ? 458  LYS A CA  1 
ATOM   1117 C C   . LYS A 1 140 ? 17.654  5.411   -13.541 1.00 30.98 ? 458  LYS A C   1 
ATOM   1118 O O   . LYS A 1 140 ? 18.720  4.891   -13.866 1.00 31.39 ? 458  LYS A O   1 
ATOM   1119 C CB  . LYS A 1 140 ? 16.760  6.345   -15.649 1.00 36.21 ? 458  LYS A CB  1 
ATOM   1120 C CG  . LYS A 1 140 ? 15.677  6.471   -16.713 1.00 41.18 ? 458  LYS A CG  1 
ATOM   1121 C CD  . LYS A 1 140 ? 15.983  7.639   -17.648 1.00 44.10 ? 458  LYS A CD  1 
ATOM   1122 C CE  . LYS A 1 140 ? 14.887  7.844   -18.684 1.00 47.20 ? 458  LYS A CE  1 
ATOM   1123 N NZ  . LYS A 1 140 ? 15.147  9.031   -19.551 1.00 48.03 ? 458  LYS A NZ  1 
ATOM   1124 N N   . ASP A 1 141 ? 17.482  6.034   -12.380 1.00 29.62 ? 459  ASP A N   1 
ATOM   1125 C CA  . ASP A 1 141 ? 18.543  6.140   -11.382 1.00 29.17 ? 459  ASP A CA  1 
ATOM   1126 C C   . ASP A 1 141 ? 18.770  4.808   -10.667 1.00 26.76 ? 459  ASP A C   1 
ATOM   1127 O O   . ASP A 1 141 ? 18.080  4.468   -9.697  1.00 25.33 ? 459  ASP A O   1 
ATOM   1128 C CB  . ASP A 1 141 ? 18.206  7.246   -10.383 1.00 30.48 ? 459  ASP A CB  1 
ATOM   1129 C CG  . ASP A 1 141 ? 19.329  7.521   -9.404  1.00 32.78 ? 459  ASP A CG  1 
ATOM   1130 O OD1 . ASP A 1 141 ? 20.322  6.750   -9.369  1.00 31.13 ? 459  ASP A OD1 1 
ATOM   1131 O OD2 . ASP A 1 141 ? 19.194  8.519   -8.656  1.00 34.47 ? 459  ASP A OD2 1 
ATOM   1132 N N   . LEU A 1 142 ? 19.781  4.075   -11.124 1.00 25.67 ? 460  LEU A N   1 
ATOM   1133 C CA  . LEU A 1 142 ? 20.023  2.715   -10.633 1.00 25.58 ? 460  LEU A CA  1 
ATOM   1134 C C   . LEU A 1 142 ? 20.687  2.673   -9.249  1.00 25.65 ? 460  LEU A C   1 
ATOM   1135 O O   . LEU A 1 142 ? 20.862  1.589   -8.671  1.00 25.94 ? 460  LEU A O   1 
ATOM   1136 C CB  . LEU A 1 142 ? 20.817  1.907   -11.668 1.00 27.42 ? 460  LEU A CB  1 
ATOM   1137 C CG  . LEU A 1 142 ? 20.198  1.895   -13.073 1.00 27.61 ? 460  LEU A CG  1 
ATOM   1138 C CD1 . LEU A 1 142 ? 21.026  1.056   -14.038 1.00 29.23 ? 460  LEU A CD1 1 
ATOM   1139 C CD2 . LEU A 1 142 ? 18.751  1.401   -13.047 1.00 27.98 ? 460  LEU A CD2 1 
ATOM   1140 N N   . SER A 1 143 ? 21.028  3.842   -8.699  1.00 25.39 ? 461  SER A N   1 
ATOM   1141 C CA  . SER A 1 143 ? 21.511  3.909   -7.321  1.00 26.31 ? 461  SER A CA  1 
ATOM   1142 C C   . SER A 1 143 ? 20.383  3.674   -6.310  1.00 25.25 ? 461  SER A C   1 
ATOM   1143 O O   . SER A 1 143 ? 20.655  3.396   -5.147  1.00 26.07 ? 461  SER A O   1 
ATOM   1144 C CB  . SER A 1 143 ? 22.220  5.239   -7.026  1.00 27.26 ? 461  SER A CB  1 
ATOM   1145 O OG  . SER A 1 143 ? 21.308  6.312   -6.866  1.00 29.39 ? 461  SER A OG  1 
ATOM   1146 N N   . LEU A 1 144 ? 19.129  3.768   -6.754  1.00 23.91 ? 462  LEU A N   1 
ATOM   1147 C CA  . LEU A 1 144 ? 17.972  3.544   -5.863  1.00 24.15 ? 462  LEU A CA  1 
ATOM   1148 C C   . LEU A 1 144 ? 17.878  2.068   -5.494  1.00 22.47 ? 462  LEU A C   1 
ATOM   1149 O O   . LEU A 1 144 ? 18.264  1.213   -6.296  1.00 23.16 ? 462  LEU A O   1 
ATOM   1150 C CB  . LEU A 1 144 ? 16.683  4.015   -6.538  1.00 24.02 ? 462  LEU A CB  1 
ATOM   1151 C CG  . LEU A 1 144 ? 16.486  5.522   -6.653  1.00 26.41 ? 462  LEU A CG  1 
ATOM   1152 C CD1 . LEU A 1 144 ? 15.375  5.842   -7.650  1.00 27.40 ? 462  LEU A CD1 1 
ATOM   1153 C CD2 . LEU A 1 144 ? 16.186  6.123   -5.291  1.00 26.74 ? 462  LEU A CD2 1 
ATOM   1154 N N   . PRO A 1 145 ? 17.397  1.756   -4.271  1.00 22.23 ? 463  PRO A N   1 
ATOM   1155 C CA  . PRO A 1 145 ? 17.496  0.383   -3.764  1.00 21.93 ? 463  PRO A CA  1 
ATOM   1156 C C   . PRO A 1 145 ? 16.438  -0.648  -4.198  1.00 22.13 ? 463  PRO A C   1 
ATOM   1157 O O   . PRO A 1 145 ? 16.715  -1.845  -4.142  1.00 22.53 ? 463  PRO A O   1 
ATOM   1158 C CB  . PRO A 1 145 ? 17.406  0.566   -2.244  1.00 22.11 ? 463  PRO A CB  1 
ATOM   1159 C CG  . PRO A 1 145 ? 16.630  1.828   -2.060  1.00 22.08 ? 463  PRO A CG  1 
ATOM   1160 C CD  . PRO A 1 145 ? 17.049  2.707   -3.199  1.00 22.31 ? 463  PRO A CD  1 
ATOM   1161 N N   . LEU A 1 146 ? 15.241  -0.218  -4.600  1.00 21.29 ? 464  LEU A N   1 
ATOM   1162 C CA  . LEU A 1 146 ? 14.138  -1.182  -4.789  1.00 20.83 ? 464  LEU A CA  1 
ATOM   1163 C C   . LEU A 1 146 ? 13.926  -1.541  -6.257  1.00 20.28 ? 464  LEU A C   1 
ATOM   1164 O O   . LEU A 1 146 ? 13.624  -0.674  -7.077  1.00 20.04 ? 464  LEU A O   1 
ATOM   1165 C CB  . LEU A 1 146 ? 12.853  -0.660  -4.153  1.00 20.56 ? 464  LEU A CB  1 
ATOM   1166 C CG  . LEU A 1 146 ? 11.657  -1.623  -4.136  1.00 20.56 ? 464  LEU A CG  1 
ATOM   1167 C CD1 . LEU A 1 146 ? 11.944  -2.842  -3.265  1.00 21.10 ? 464  LEU A CD1 1 
ATOM   1168 C CD2 . LEU A 1 146 ? 10.419  -0.867  -3.640  1.00 20.63 ? 464  LEU A CD2 1 
ATOM   1169 N N   . SER A 1 147 ? 14.134  -2.818  -6.582  1.00 20.03 ? 465  SER A N   1 
ATOM   1170 C CA  . SER A 1 147 ? 13.958  -3.319  -7.932  1.00 20.32 ? 465  SER A CA  1 
ATOM   1171 C C   . SER A 1 147 ? 12.461  -3.414  -8.267  1.00 20.75 ? 465  SER A C   1 
ATOM   1172 O O   . SER A 1 147 ? 11.624  -3.441  -7.358  1.00 20.42 ? 465  SER A O   1 
ATOM   1173 C CB  . SER A 1 147 ? 14.611  -4.691  -8.124  1.00 20.26 ? 465  SER A CB  1 
ATOM   1174 O OG  . SER A 1 147 ? 13.899  -5.709  -7.469  1.00 21.16 ? 465  SER A OG  1 
ATOM   1175 N N   . PRO A 1 148 ? 12.131  -3.476  -9.561  1.00 21.38 ? 466  PRO A N   1 
ATOM   1176 C CA  . PRO A 1 148 ? 10.708  -3.612  -9.957  1.00 21.95 ? 466  PRO A CA  1 
ATOM   1177 C C   . PRO A 1 148 ? 10.033  -4.904  -9.478  1.00 22.51 ? 466  PRO A C   1 
ATOM   1178 O O   . PRO A 1 148 ? 8.799   -4.936  -9.352  1.00 23.06 ? 466  PRO A O   1 
ATOM   1179 C CB  . PRO A 1 148 ? 10.757  -3.530  -11.480 1.00 22.11 ? 466  PRO A CB  1 
ATOM   1180 C CG  . PRO A 1 148 ? 12.009  -2.784  -11.773 1.00 22.93 ? 466  PRO A CG  1 
ATOM   1181 C CD  . PRO A 1 148 ? 12.988  -3.232  -10.729 1.00 22.35 ? 466  PRO A CD  1 
ATOM   1182 N N   . GLU A 1 149 ? 10.808  -5.944  -9.169  1.00 22.24 ? 467  GLU A N   1 
ATOM   1183 C CA  . GLU A 1 149 ? 10.241  -7.138  -8.534  1.00 23.98 ? 467  GLU A CA  1 
ATOM   1184 C C   . GLU A 1 149 ? 10.126  -6.993  -7.015  1.00 23.23 ? 467  GLU A C   1 
ATOM   1185 O O   . GLU A 1 149 ? 9.698   -7.915  -6.329  1.00 22.31 ? 467  GLU A O   1 
ATOM   1186 C CB  . GLU A 1 149 ? 11.042  -8.391  -8.922  1.00 28.21 ? 467  GLU A CB  1 
ATOM   1187 C CG  . GLU A 1 149 ? 10.818  -8.824  -10.368 1.00 32.51 ? 467  GLU A CG  1 
ATOM   1188 C CD  . GLU A 1 149 ? 9.361   -9.217  -10.667 1.00 36.12 ? 467  GLU A CD  1 
ATOM   1189 O OE1 . GLU A 1 149 ? 8.696   -9.818  -9.803  1.00 39.37 ? 467  GLU A OE1 1 
ATOM   1190 O OE2 . GLU A 1 149 ? 8.862   -8.926  -11.778 1.00 44.33 ? 467  GLU A OE2 1 
ATOM   1191 N N   . LEU A 1 150 ? 10.477  -5.808  -6.512  1.00 22.03 ? 468  LEU A N   1 
ATOM   1192 C CA  . LEU A 1 150 ? 10.332  -5.420  -5.120  1.00 21.99 ? 468  LEU A CA  1 
ATOM   1193 C C   . LEU A 1 150 ? 11.267  -6.189  -4.200  1.00 22.20 ? 468  LEU A C   1 
ATOM   1194 O O   . LEU A 1 150 ? 10.938  -6.463  -3.049  1.00 22.50 ? 468  LEU A O   1 
ATOM   1195 C CB  . LEU A 1 150 ? 8.883   -5.524  -4.645  1.00 21.72 ? 468  LEU A CB  1 
ATOM   1196 C CG  . LEU A 1 150 ? 7.855   -4.868  -5.571  1.00 21.07 ? 468  LEU A CG  1 
ATOM   1197 C CD1 . LEU A 1 150 ? 6.472   -4.964  -4.936  1.00 21.45 ? 468  LEU A CD1 1 
ATOM   1198 C CD2 . LEU A 1 150 ? 8.215   -3.422  -5.867  1.00 20.72 ? 468  LEU A CD2 1 
ATOM   1199 N N   . ASN A 1 151 ? 12.445  -6.506  -4.719  1.00 22.43 ? 469  ASN A N   1 
ATOM   1200 C CA  . ASN A 1 151 ? 13.491  -7.116  -3.904  1.00 23.35 ? 469  ASN A CA  1 
ATOM   1201 C C   . ASN A 1 151 ? 14.496  -6.047  -3.514  1.00 22.42 ? 469  ASN A C   1 
ATOM   1202 O O   . ASN A 1 151 ? 14.914  -5.232  -4.334  1.00 22.14 ? 469  ASN A O   1 
ATOM   1203 C CB  . ASN A 1 151 ? 14.169  -8.271  -4.661  1.00 23.77 ? 469  ASN A CB  1 
ATOM   1204 C CG  . ASN A 1 151 ? 13.196  -9.380  -5.036  1.00 24.86 ? 469  ASN A CG  1 
ATOM   1205 O OD1 . ASN A 1 151 ? 12.437  -9.858  -4.057  1.00 28.37 ? 469  ASN A OD1 1 
ATOM   1206 N ND2 . ASN A 1 151 ? 13.130  -9.799  -6.198  1.00 24.20 ? 469  ASN A ND2 1 
ATOM   1207 N N   . TRP A 1 152 ? 14.887  -6.054  -2.250  1.00 23.07 ? 470  TRP A N   1 
ATOM   1208 C CA  . TRP A 1 152 ? 15.738  -4.999  -1.690  1.00 23.93 ? 470  TRP A CA  1 
ATOM   1209 C C   . TRP A 1 152 ? 17.168  -5.125  -2.152  1.00 24.96 ? 470  TRP A C   1 
ATOM   1210 O O   . TRP A 1 152 ? 17.800  -6.161  -1.934  1.00 25.63 ? 470  TRP A O   1 
ATOM   1211 C CB  . TRP A 1 152 ? 15.658  -5.066  -0.171  1.00 24.09 ? 470  TRP A CB  1 
ATOM   1212 C CG  . TRP A 1 152 ? 16.207  -3.880  0.573   1.00 24.25 ? 470  TRP A CG  1 
ATOM   1213 C CD1 . TRP A 1 152 ? 17.216  -3.877  1.538   1.00 25.02 ? 470  TRP A CD1 1 
ATOM   1214 C CD2 . TRP A 1 152 ? 15.775  -2.478  0.470   1.00 24.64 ? 470  TRP A CD2 1 
ATOM   1215 N NE1 . TRP A 1 152 ? 17.433  -2.614  2.012   1.00 25.75 ? 470  TRP A NE1 1 
ATOM   1216 C CE2 . TRP A 1 152 ? 16.602  -1.725  1.416   1.00 25.36 ? 470  TRP A CE2 1 
ATOM   1217 C CE3 . TRP A 1 152 ? 14.831  -1.798  -0.293  1.00 24.39 ? 470  TRP A CE3 1 
ATOM   1218 C CZ2 . TRP A 1 152 ? 16.460  -0.357  1.590   1.00 25.89 ? 470  TRP A CZ2 1 
ATOM   1219 C CZ3 . TRP A 1 152 ? 14.697  -0.420  -0.109  1.00 24.89 ? 470  TRP A CZ3 1 
ATOM   1220 C CH2 . TRP A 1 152 ? 15.495  0.285   0.804   1.00 25.06 ? 470  TRP A CH2 1 
ATOM   1221 N N   . LYS A 1 153 ? 17.664  -4.079  -2.816  1.00 25.32 ? 471  LYS A N   1 
ATOM   1222 C CA  . LYS A 1 153 ? 19.039  -3.999  -3.328  1.00 28.20 ? 471  LYS A CA  1 
ATOM   1223 C C   . LYS A 1 153 ? 19.361  -4.974  -4.479  1.00 28.18 ? 471  LYS A C   1 
ATOM   1224 O O   . LYS A 1 153 ? 20.528  -5.229  -4.780  1.00 26.84 ? 471  LYS A O   1 
ATOM   1225 C CB  . LYS A 1 153 ? 20.053  -4.083  -2.167  1.00 30.05 ? 471  LYS A CB  1 
ATOM   1226 C CG  . LYS A 1 153 ? 19.959  -2.863  -1.254  1.00 32.74 ? 471  LYS A CG  1 
ATOM   1227 C CD  . LYS A 1 153 ? 20.771  -3.000  0.022   1.00 34.85 ? 471  LYS A CD  1 
ATOM   1228 C CE  . LYS A 1 153 ? 20.708  -1.719  0.843   1.00 36.48 ? 471  LYS A CE  1 
ATOM   1229 N NZ  . LYS A 1 153 ? 21.376  -1.882  2.174   1.00 38.19 ? 471  LYS A NZ  1 
ATOM   1230 N N   . GLU A 1 154 ? 18.327  -5.476  -5.153  1.00 26.62 ? 472  GLU A N   1 
ATOM   1231 C CA  . GLU A 1 154 ? 18.494  -6.324  -6.335  1.00 27.21 ? 472  GLU A CA  1 
ATOM   1232 C C   . GLU A 1 154 ? 18.836  -5.456  -7.543  1.00 26.66 ? 472  GLU A C   1 
ATOM   1233 O O   . GLU A 1 154 ? 18.213  -4.420  -7.757  1.00 26.29 ? 472  GLU A O   1 
ATOM   1234 C CB  . GLU A 1 154 ? 17.207  -7.128  -6.607  1.00 28.09 ? 472  GLU A CB  1 
ATOM   1235 C CG  . GLU A 1 154 ? 17.263  -8.041  -7.828  1.00 29.40 ? 472  GLU A CG  1 
ATOM   1236 C CD  . GLU A 1 154 ? 15.933  -8.722  -8.149  1.00 31.22 ? 472  GLU A CD  1 
ATOM   1237 O OE1 . GLU A 1 154 ? 14.863  -8.084  -8.044  1.00 27.76 ? 472  GLU A OE1 1 
ATOM   1238 O OE2 . GLU A 1 154 ? 15.960  -9.912  -8.527  1.00 31.01 ? 472  GLU A OE2 1 
ATOM   1239 N N   . PRO A 1 155 ? 19.823  -5.868  -8.359  1.00 25.93 ? 473  PRO A N   1 
ATOM   1240 C CA  . PRO A 1 155 ? 20.103  -5.081  -9.561  1.00 26.11 ? 473  PRO A CA  1 
ATOM   1241 C C   . PRO A 1 155 ? 18.958  -5.131  -10.592 1.00 24.26 ? 473  PRO A C   1 
ATOM   1242 O O   . PRO A 1 155 ? 18.262  -6.132  -10.673 1.00 24.67 ? 473  PRO A O   1 
ATOM   1243 C CB  . PRO A 1 155 ? 21.358  -5.752  -10.144 1.00 27.59 ? 473  PRO A CB  1 
ATOM   1244 C CG  . PRO A 1 155 ? 21.917  -6.582  -9.040  1.00 28.36 ? 473  PRO A CG  1 
ATOM   1245 C CD  . PRO A 1 155 ? 20.747  -7.011  -8.220  1.00 28.14 ? 473  PRO A CD  1 
ATOM   1246 N N   . ALA A 1 156 ? 18.780  -4.062  -11.359 1.00 22.95 ? 474  ALA A N   1 
ATOM   1247 C CA  . ALA A 1 156 ? 17.732  -4.008  -12.392 1.00 22.78 ? 474  ALA A CA  1 
ATOM   1248 C C   . ALA A 1 156 ? 17.998  -2.828  -13.310 1.00 24.21 ? 474  ALA A C   1 
ATOM   1249 O O   . ALA A 1 156 ? 18.857  -2.006  -13.008 1.00 26.94 ? 474  ALA A O   1 
ATOM   1250 C CB  . ALA A 1 156 ? 16.345  -3.894  -11.749 1.00 22.35 ? 474  ALA A CB  1 
ATOM   1251 N N   . LEU A 1 157 ? 17.277  -2.749  -14.429 1.00 22.39 ? 475  LEU A N   1 
ATOM   1252 C CA  . LEU A 1 157 ? 17.436  -1.657  -15.395 1.00 21.57 ? 475  LEU A CA  1 
ATOM   1253 C C   . LEU A 1 157 ? 16.568  -0.440  -15.066 1.00 21.33 ? 475  LEU A C   1 
ATOM   1254 O O   . LEU A 1 157 ? 16.651  0.582   -15.747 1.00 22.98 ? 475  LEU A O   1 
ATOM   1255 C CB  . LEU A 1 157 ? 17.125  -2.136  -16.814 1.00 23.08 ? 475  LEU A CB  1 
ATOM   1256 C CG  . LEU A 1 157 ? 17.968  -3.274  -17.393 1.00 22.81 ? 475  LEU A CG  1 
ATOM   1257 C CD1 . LEU A 1 157 ? 17.543  -3.494  -18.840 1.00 22.39 ? 475  LEU A CD1 1 
ATOM   1258 C CD2 . LEU A 1 157 ? 19.463  -2.938  -17.314 1.00 23.47 ? 475  LEU A CD2 1 
ATOM   1259 N N   . SER A 1 158 ? 15.728  -0.576  -14.039 1.00 20.92 ? 476  SER A N   1 
ATOM   1260 C CA  . SER A 1 158 ? 14.971  0.532   -13.485 1.00 20.79 ? 476  SER A CA  1 
ATOM   1261 C C   . SER A 1 158 ? 14.698  0.242   -12.026 1.00 19.87 ? 476  SER A C   1 
ATOM   1262 O O   . SER A 1 158 ? 14.805  -0.899  -11.579 1.00 20.13 ? 476  SER A O   1 
ATOM   1263 C CB  . SER A 1 158 ? 13.661  0.758   -14.255 1.00 20.68 ? 476  SER A CB  1 
ATOM   1264 O OG  . SER A 1 158 ? 12.811  -0.372  -14.149 1.00 21.42 ? 476  SER A OG  1 
ATOM   1265 N N   . LYS A 1 159 ? 14.353  1.286   -11.278 1.00 20.22 ? 477  LYS A N   1 
ATOM   1266 C CA  . LYS A 1 159 ? 14.119  1.160   -9.851  1.00 20.31 ? 477  LYS A CA  1 
ATOM   1267 C C   . LYS A 1 159 ? 12.839  1.901   -9.498  1.00 20.33 ? 477  LYS A C   1 
ATOM   1268 O O   . LYS A 1 159 ? 12.416  2.800   -10.232 1.00 20.70 ? 477  LYS A O   1 
ATOM   1269 C CB  . LYS A 1 159 ? 15.293  1.749   -9.060  1.00 21.29 ? 477  LYS A CB  1 
ATOM   1270 C CG  . LYS A 1 159 ? 16.637  1.085   -9.350  1.00 21.55 ? 477  LYS A CG  1 
ATOM   1271 C CD  . LYS A 1 159 ? 16.679  -0.354  -8.859  1.00 21.45 ? 477  LYS A CD  1 
ATOM   1272 C CE  . LYS A 1 159 ? 18.004  -1.040  -9.174  1.00 22.93 ? 477  LYS A CE  1 
ATOM   1273 N NZ  . LYS A 1 159 ? 19.133  -0.618  -8.285  1.00 22.83 ? 477  LYS A NZ  1 
ATOM   1274 N N   . VAL A 1 160 ? 12.255  1.548   -8.359  1.00 20.31 ? 478  VAL A N   1 
ATOM   1275 C CA  . VAL A 1 160 ? 11.007  2.180   -7.916  1.00 19.45 ? 478  VAL A CA  1 
ATOM   1276 C C   . VAL A 1 160 ? 11.314  3.591   -7.410  1.00 20.24 ? 478  VAL A C   1 
ATOM   1277 O O   . VAL A 1 160 ? 12.178  3.770   -6.537  1.00 19.41 ? 478  VAL A O   1 
ATOM   1278 C CB  . VAL A 1 160 ? 10.303  1.350   -6.825  1.00 19.21 ? 478  VAL A CB  1 
ATOM   1279 C CG1 . VAL A 1 160 ? 9.002   2.022   -6.404  1.00 18.89 ? 478  VAL A CG1 1 
ATOM   1280 C CG2 . VAL A 1 160 ? 10.055  -0.092  -7.293  1.00 18.93 ? 478  VAL A CG2 1 
ATOM   1281 N N   . CYS A 1 161 ? 10.643  4.587   -7.982  1.00 20.07 ? 479  CYS A N   1 
ATOM   1282 C CA  . CYS A 1 161 ? 10.791  5.987   -7.572  1.00 22.14 ? 479  CYS A CA  1 
ATOM   1283 C C   . CYS A 1 161 ? 10.478  6.216   -6.100  1.00 22.48 ? 479  CYS A C   1 
ATOM   1284 O O   . CYS A 1 161 ? 9.555   5.623   -5.557  1.00 20.71 ? 479  CYS A O   1 
ATOM   1285 C CB  . CYS A 1 161 ? 9.860   6.890   -8.375  1.00 23.80 ? 479  CYS A CB  1 
ATOM   1286 S SG  . CYS A 1 161 ? 10.232  7.047   -10.128 1.00 29.01 ? 479  CYS A SG  1 
ATOM   1287 N N   . ARG A 1 162 ? 11.282  7.073   -5.468  1.00 23.17 ? 480  ARG A N   1 
ATOM   1288 C CA  . ARG A 1 162 ? 11.012  7.620   -4.135  1.00 23.47 ? 480  ARG A CA  1 
ATOM   1289 C C   . ARG A 1 162 ? 11.008  6.603   -2.988  1.00 22.21 ? 480  ARG A C   1 
ATOM   1290 O O   . ARG A 1 162 ? 10.494  6.867   -1.890  1.00 21.74 ? 480  ARG A O   1 
ATOM   1291 C CB  . ARG A 1 162 ? 9.741   8.474   -4.178  1.00 26.46 ? 480  ARG A CB  1 
ATOM   1292 C CG  . ARG A 1 162 ? 9.841   9.590   -5.228  1.00 27.82 ? 480  ARG A CG  1 
ATOM   1293 C CD  . ARG A 1 162 ? 8.730   10.623  -5.125  1.00 31.28 ? 480  ARG A CD  1 
ATOM   1294 N NE  . ARG A 1 162 ? 7.424   9.977   -4.996  1.00 31.68 ? 480  ARG A NE  1 
ATOM   1295 C CZ  . ARG A 1 162 ? 6.737   9.414   -5.987  1.00 31.74 ? 480  ARG A CZ  1 
ATOM   1296 N NH1 . ARG A 1 162 ? 7.205   9.415   -7.229  1.00 31.58 ? 480  ARG A NH1 1 
ATOM   1297 N NH2 . ARG A 1 162 ? 5.564   8.845   -5.729  1.00 31.44 ? 480  ARG A NH2 1 
ATOM   1298 N N   . VAL A 1 163 ? 11.620  5.453   -3.235  1.00 20.47 ? 481  VAL A N   1 
ATOM   1299 C CA  . VAL A 1 163 ? 11.863  4.473   -2.185  1.00 20.72 ? 481  VAL A CA  1 
ATOM   1300 C C   . VAL A 1 163 ? 13.374  4.487   -1.929  1.00 21.04 ? 481  VAL A C   1 
ATOM   1301 O O   . VAL A 1 163 ? 14.161  4.204   -2.841  1.00 22.47 ? 481  VAL A O   1 
ATOM   1302 C CB  . VAL A 1 163 ? 11.382  3.057   -2.557  1.00 19.15 ? 481  VAL A CB  1 
ATOM   1303 C CG1 . VAL A 1 163 ? 11.661  2.085   -1.424  1.00 19.47 ? 481  VAL A CG1 1 
ATOM   1304 C CG2 . VAL A 1 163 ? 9.876   3.067   -2.877  1.00 19.67 ? 481  VAL A CG2 1 
ATOM   1305 N N   . THR A 1 164 ? 13.770  4.834   -0.710  1.00 21.94 ? 482  THR A N   1 
ATOM   1306 C CA  . THR A 1 164 ? 15.208  4.947   -0.357  1.00 22.54 ? 482  THR A CA  1 
ATOM   1307 C C   . THR A 1 164 ? 15.505  4.244   0.955   1.00 24.57 ? 482  THR A C   1 
ATOM   1308 O O   . THR A 1 164 ? 14.602  3.749   1.628   1.00 23.69 ? 482  THR A O   1 
ATOM   1309 C CB  . THR A 1 164 ? 15.712  6.408   -0.319  1.00 23.51 ? 482  THR A CB  1 
ATOM   1310 O OG1 . THR A 1 164 ? 14.954  7.174   0.620   1.00 25.06 ? 482  THR A OG1 1 
ATOM   1311 C CG2 . THR A 1 164 ? 15.654  7.062   -1.699  1.00 24.87 ? 482  THR A CG2 1 
ATOM   1312 N N   . GLU A 1 165 ? 16.788  4.174   1.305   1.00 26.10 ? 483  GLU A N   1 
ATOM   1313 C CA  . GLU A 1 165 ? 17.217  3.543   2.539   1.00 29.33 ? 483  GLU A CA  1 
ATOM   1314 C C   . GLU A 1 165 ? 17.083  4.566   3.680   1.00 28.82 ? 483  GLU A C   1 
ATOM   1315 O O   . GLU A 1 165 ? 17.279  5.752   3.466   1.00 29.12 ? 483  GLU A O   1 
ATOM   1316 C CB  . GLU A 1 165 ? 18.664  3.064   2.374   1.00 32.90 ? 483  GLU A CB  1 
ATOM   1317 C CG  . GLU A 1 165 ? 19.138  2.089   3.436   1.00 37.88 ? 483  GLU A CG  1 
ATOM   1318 C CD  . GLU A 1 165 ? 20.333  1.259   2.979   1.00 39.77 ? 483  GLU A CD  1 
ATOM   1319 O OE1 . GLU A 1 165 ? 21.033  1.667   2.026   1.00 45.06 ? 483  GLU A OE1 1 
ATOM   1320 O OE2 . GLU A 1 165 ? 20.564  0.193   3.571   1.00 42.53 ? 483  GLU A OE2 1 
ATOM   1321 N N   . LEU A 1 166 ? 16.730  4.079   4.841   1.00 30.39 ? 484  LEU A N   1 
ATOM   1322 C CA  . LEU A 1 166 ? 16.611  4.915   6.002   1.00 32.69 ? 484  LEU A CA  1 
ATOM   1323 C C   . LEU A 1 166 ? 17.912  5.630   6.273   1.00 33.46 ? 484  LEU A C   1 
ATOM   1324 O O   . LEU A 1 166 ? 18.930  5.029   6.227   1.00 37.52 ? 484  LEU A O   1 
ATOM   1325 C CB  . LEU A 1 166 ? 16.293  4.076   7.214   1.00 33.21 ? 484  LEU A CB  1 
ATOM   1326 C CG  . LEU A 1 166 ? 14.854  3.904   7.566   1.00 32.97 ? 484  LEU A CG  1 
ATOM   1327 C CD1 . LEU A 1 166 ? 14.731  2.912   8.609   1.00 31.42 ? 484  LEU A CD1 1 
ATOM   1328 C CD2 . LEU A 1 166 ? 14.278  5.178   7.945   1.00 32.41 ? 484  LEU A CD2 1 
ATOM   1329 N N   . ASP A 1 167 ? 17.827  6.918   6.546   1.00 30.00 ? 485  ASP A N   1 
ATOM   1330 C CA  . ASP A 1 167 ? 18.947  7.717   6.987   1.00 30.00 ? 485  ASP A CA  1 
ATOM   1331 C C   . ASP A 1 167 ? 19.752  7.021   8.066   1.00 30.00 ? 485  ASP A C   1 
ATOM   1332 O O   . ASP A 1 167 ? 20.926  6.840   7.904   1.00 30.00 ? 485  ASP A O   1 
ATOM   1333 C CB  . ASP A 1 167 ? 18.441  9.007   7.580   1.00 20.00 ? 485  ASP A CB  1 
ATOM   1334 C CG  . ASP A 1 167 ? 17.958  9.974   6.538   1.00 20.00 ? 485  ASP A CG  1 
ATOM   1335 O OD1 . ASP A 1 167 ? 17.319  9.527   5.557   1.00 20.00 ? 485  ASP A OD1 1 
ATOM   1336 O OD2 . ASP A 1 167 ? 18.223  11.188  6.705   1.00 20.00 ? 485  ASP A OD2 1 
ATOM   1337 N N   . SER A 1 168 ? 19.163  6.874   9.171   1.00 30.00 ? 486  SER A N   1 
HETATM 1338 O O   . HOH B 2 .   ? 17.395  11.583  12.730  1.00 62.20 ? 2001 HOH A O   1 
HETATM 1339 O O   . HOH B 2 .   ? -1.956  2.360   14.013  1.00 69.02 ? 2002 HOH A O   1 
HETATM 1340 O O   . HOH B 2 .   ? -1.109  4.680   15.078  1.00 38.94 ? 2003 HOH A O   1 
HETATM 1341 O O   . HOH B 2 .   ? -0.381  -3.763  16.686  1.00 50.32 ? 2004 HOH A O   1 
HETATM 1342 O O   . HOH B 2 .   ? -5.024  -4.066  14.385  1.00 48.09 ? 2005 HOH A O   1 
HETATM 1343 O O   . HOH B 2 .   ? 1.634   -11.425 12.805  1.00 58.53 ? 2006 HOH A O   1 
HETATM 1344 O O   . HOH B 2 .   ? -5.177  -8.076  8.586   1.00 36.29 ? 2007 HOH A O   1 
HETATM 1345 O O   . HOH B 2 .   ? -3.050  -9.100  11.409  1.00 41.81 ? 2008 HOH A O   1 
HETATM 1346 O O   . HOH B 2 .   ? -2.538  -12.915 2.535   1.00 40.37 ? 2009 HOH A O   1 
HETATM 1347 O O   . HOH B 2 .   ? 1.759   -10.564 -0.248  1.00 28.16 ? 2010 HOH A O   1 
HETATM 1348 O O   . HOH B 2 .   ? 1.269   -12.063 4.949   1.00 45.74 ? 2011 HOH A O   1 
HETATM 1349 O O   . HOH B 2 .   ? 2.206   14.413  8.399   1.00 39.39 ? 2012 HOH A O   1 
HETATM 1350 O O   . HOH B 2 .   ? 1.194   16.412  9.801   1.00 45.12 ? 2013 HOH A O   1 
HETATM 1351 O O   . HOH B 2 .   ? 6.845   14.675  9.597   1.00 52.74 ? 2014 HOH A O   1 
HETATM 1352 O O   . HOH B 2 .   ? -1.087  11.978  14.590  1.00 53.27 ? 2015 HOH A O   1 
HETATM 1353 O O   . HOH B 2 .   ? 0.243   14.624  14.467  1.00 44.51 ? 2016 HOH A O   1 
HETATM 1354 O O   . HOH B 2 .   ? -1.938  17.322  13.804  1.00 56.66 ? 2017 HOH A O   1 
HETATM 1355 O O   . HOH B 2 .   ? -4.117  10.002  11.372  1.00 44.58 ? 2018 HOH A O   1 
HETATM 1356 O O   . HOH B 2 .   ? -3.834  13.128  7.961   1.00 31.07 ? 2019 HOH A O   1 
HETATM 1357 O O   . HOH B 2 .   ? -7.874  17.140  12.590  1.00 54.14 ? 2020 HOH A O   1 
HETATM 1358 O O   . HOH B 2 .   ? -6.241  11.425  7.900   1.00 30.89 ? 2021 HOH A O   1 
HETATM 1359 O O   . HOH B 2 .   ? -10.342 13.514  9.960   1.00 43.90 ? 2022 HOH A O   1 
HETATM 1360 O O   . HOH B 2 .   ? -6.060  8.109   13.037  1.00 31.19 ? 2023 HOH A O   1 
HETATM 1361 O O   . HOH B 2 .   ? -12.611 10.145  11.170  1.00 47.18 ? 2024 HOH A O   1 
HETATM 1362 O O   . HOH B 2 .   ? -7.984  3.535   11.218  1.00 44.83 ? 2025 HOH A O   1 
HETATM 1363 O O   . HOH B 2 .   ? -6.625  -0.179  6.655   1.00 39.33 ? 2026 HOH A O   1 
HETATM 1364 O O   . HOH B 2 .   ? -14.498 9.117   9.053   1.00 39.88 ? 2027 HOH A O   1 
HETATM 1365 O O   . HOH B 2 .   ? -13.364 0.498   7.201   1.00 50.09 ? 2028 HOH A O   1 
HETATM 1366 O O   . HOH B 2 .   ? -18.323 8.174   2.507   1.00 36.68 ? 2029 HOH A O   1 
HETATM 1367 O O   . HOH B 2 .   ? -20.007 5.692   -2.972  1.00 29.46 ? 2030 HOH A O   1 
HETATM 1368 O O   . HOH B 2 .   ? -22.074 5.844   1.203   1.00 46.51 ? 2031 HOH A O   1 
HETATM 1369 O O   . HOH B 2 .   ? -18.115 7.178   -1.612  1.00 37.74 ? 2032 HOH A O   1 
HETATM 1370 O O   . HOH B 2 .   ? -16.076 3.882   -8.812  1.00 50.56 ? 2033 HOH A O   1 
HETATM 1371 O O   . HOH B 2 .   ? -17.612 7.926   -5.230  1.00 51.34 ? 2034 HOH A O   1 
HETATM 1372 O O   . HOH B 2 .   ? -19.369 5.611   -5.845  1.00 48.15 ? 2035 HOH A O   1 
HETATM 1373 O O   . HOH B 2 .   ? -21.135 0.975   -9.187  1.00 30.34 ? 2036 HOH A O   1 
HETATM 1374 O O   . HOH B 2 .   ? -24.172 -2.204  -12.313 1.00 56.52 ? 2037 HOH A O   1 
HETATM 1375 O O   . HOH B 2 .   ? -28.131 0.662   -7.024  1.00 37.31 ? 2038 HOH A O   1 
HETATM 1376 O O   . HOH B 2 .   ? -26.435 -0.802  -11.798 1.00 64.98 ? 2039 HOH A O   1 
HETATM 1377 O O   . HOH B 2 .   ? -37.057 -2.444  -5.836  1.00 37.95 ? 2040 HOH A O   1 
HETATM 1378 O O   . HOH B 2 .   ? -35.071 -5.034  -4.382  1.00 55.00 ? 2041 HOH A O   1 
HETATM 1379 O O   . HOH B 2 .   ? -29.099 -3.583  -1.911  1.00 35.56 ? 2042 HOH A O   1 
HETATM 1380 O O   . HOH B 2 .   ? -25.771 -1.382  0.774   1.00 43.33 ? 2043 HOH A O   1 
HETATM 1381 O O   . HOH B 2 .   ? -23.707 -3.882  1.592   1.00 41.20 ? 2044 HOH A O   1 
HETATM 1382 O O   . HOH B 2 .   ? -19.057 -5.344  3.692   1.00 40.87 ? 2045 HOH A O   1 
HETATM 1383 O O   . HOH B 2 .   ? -21.418 -2.158  4.488   1.00 52.26 ? 2046 HOH A O   1 
HETATM 1384 O O   . HOH B 2 .   ? -14.360 -0.367  -0.975  1.00 23.48 ? 2047 HOH A O   1 
HETATM 1385 O O   . HOH B 2 .   ? -11.582 8.383   -1.319  1.00 25.54 ? 2048 HOH A O   1 
HETATM 1386 O O   . HOH B 2 .   ? -9.902  -0.336  4.724   1.00 23.25 ? 2049 HOH A O   1 
HETATM 1387 O O   . HOH B 2 .   ? -7.595  0.962   4.159   1.00 25.42 ? 2050 HOH A O   1 
HETATM 1388 O O   . HOH B 2 .   ? -8.467  13.360  -1.245  1.00 39.09 ? 2051 HOH A O   1 
HETATM 1389 O O   . HOH B 2 .   ? -4.605  7.441   2.475   1.00 22.29 ? 2052 HOH A O   1 
HETATM 1390 O O   . HOH B 2 .   ? -6.906  17.832  3.922   1.00 55.48 ? 2053 HOH A O   1 
HETATM 1391 O O   . HOH B 2 .   ? 12.777  10.519  9.991   1.00 35.55 ? 2054 HOH A O   1 
HETATM 1392 O O   . HOH B 2 .   ? 9.189   11.317  12.735  1.00 36.36 ? 2055 HOH A O   1 
HETATM 1393 O O   . HOH B 2 .   ? 7.050   -7.326  13.471  1.00 41.51 ? 2056 HOH A O   1 
HETATM 1394 O O   . HOH B 2 .   ? 11.831  -9.886  7.820   1.00 48.33 ? 2057 HOH A O   1 
HETATM 1395 O O   . HOH B 2 .   ? 8.987   -10.162 7.189   1.00 40.13 ? 2058 HOH A O   1 
HETATM 1396 O O   . HOH B 2 .   ? 17.205  -5.253  8.472   1.00 50.35 ? 2059 HOH A O   1 
HETATM 1397 O O   . HOH B 2 .   ? 15.138  -3.674  9.465   1.00 46.76 ? 2060 HOH A O   1 
HETATM 1398 O O   . HOH B 2 .   ? 16.711  -1.803  10.925  1.00 44.82 ? 2061 HOH A O   1 
HETATM 1399 O O   . HOH B 2 .   ? 6.885   13.254  6.586   1.00 49.18 ? 2062 HOH A O   1 
HETATM 1400 O O   . HOH B 2 .   ? 3.350   13.814  3.803   1.00 37.98 ? 2063 HOH A O   1 
HETATM 1401 O O   . HOH B 2 .   ? -2.249  13.255  -2.933  1.00 37.04 ? 2064 HOH A O   1 
HETATM 1402 O O   . HOH B 2 .   ? 1.242   13.943  -3.035  1.00 42.04 ? 2065 HOH A O   1 
HETATM 1403 O O   . HOH B 2 .   ? -8.373  15.791  0.711   1.00 54.88 ? 2066 HOH A O   1 
HETATM 1404 O O   . HOH B 2 .   ? -3.965  15.385  -2.628  1.00 41.11 ? 2067 HOH A O   1 
HETATM 1405 O O   . HOH B 2 .   ? -4.778  17.426  0.805   1.00 40.11 ? 2068 HOH A O   1 
HETATM 1406 O O   . HOH B 2 .   ? -5.288  11.201  -3.337  1.00 34.44 ? 2069 HOH A O   1 
HETATM 1407 O O   . HOH B 2 .   ? -4.530  6.222   -5.335  1.00 43.66 ? 2070 HOH A O   1 
HETATM 1408 O O   . HOH B 2 .   ? -9.268  5.092   -6.928  1.00 24.13 ? 2071 HOH A O   1 
HETATM 1409 O O   . HOH B 2 .   ? -10.551 8.757   -3.847  1.00 28.50 ? 2072 HOH A O   1 
HETATM 1410 O O   . HOH B 2 .   ? 0.141   8.381   -9.030  1.00 39.03 ? 2073 HOH A O   1 
HETATM 1411 O O   . HOH B 2 .   ? 3.986   8.857   -8.370  1.00 30.91 ? 2074 HOH A O   1 
HETATM 1412 O O   . HOH B 2 .   ? 4.527   12.033  -4.563  1.00 47.51 ? 2075 HOH A O   1 
HETATM 1413 O O   . HOH B 2 .   ? 12.590  8.147   -0.216  1.00 30.75 ? 2076 HOH A O   1 
HETATM 1414 O O   . HOH B 2 .   ? 18.693  -1.763  4.475   1.00 30.85 ? 2077 HOH A O   1 
HETATM 1415 O O   . HOH B 2 .   ? 20.620  -4.038  3.376   1.00 39.83 ? 2078 HOH A O   1 
HETATM 1416 O O   . HOH B 2 .   ? 21.645  -7.514  4.838   1.00 36.30 ? 2079 HOH A O   1 
HETATM 1417 O O   . HOH B 2 .   ? 17.368  -11.661 2.352   1.00 48.94 ? 2080 HOH A O   1 
HETATM 1418 O O   . HOH B 2 .   ? 20.820  -11.052 3.031   1.00 32.56 ? 2081 HOH A O   1 
HETATM 1419 O O   . HOH B 2 .   ? 7.362   -10.311 0.611   1.00 30.72 ? 2082 HOH A O   1 
HETATM 1420 O O   . HOH B 2 .   ? 11.044  -10.387 3.386   1.00 39.48 ? 2083 HOH A O   1 
HETATM 1421 O O   . HOH B 2 .   ? 9.407   -9.178  -3.485  1.00 28.43 ? 2084 HOH A O   1 
HETATM 1422 O O   . HOH B 2 .   ? 7.133   -12.166 2.722   1.00 46.58 ? 2085 HOH A O   1 
HETATM 1423 O O   . HOH B 2 .   ? -10.049 -4.380  -0.669  1.00 22.08 ? 2086 HOH A O   1 
HETATM 1424 O O   . HOH B 2 .   ? -3.622  3.381   12.223  1.00 55.09 ? 2087 HOH A O   1 
HETATM 1425 O O   . HOH B 2 .   ? -2.615  4.997   -7.897  1.00 46.00 ? 2088 HOH A O   1 
HETATM 1426 O O   . HOH B 2 .   ? -3.993  2.297   -8.462  1.00 24.82 ? 2089 HOH A O   1 
HETATM 1427 O O   . HOH B 2 .   ? -4.658  -0.760  -11.163 1.00 36.14 ? 2090 HOH A O   1 
HETATM 1428 O O   . HOH B 2 .   ? -12.203 -1.552  0.339   1.00 22.03 ? 2091 HOH A O   1 
HETATM 1429 O O   . HOH B 2 .   ? -13.759 7.072   -7.608  1.00 38.45 ? 2092 HOH A O   1 
HETATM 1430 O O   . HOH B 2 .   ? -15.894 7.399   -2.861  1.00 32.32 ? 2093 HOH A O   1 
HETATM 1431 O O   . HOH B 2 .   ? -6.786  1.272   -11.729 1.00 33.29 ? 2094 HOH A O   1 
HETATM 1432 O O   . HOH B 2 .   ? -14.657 -1.103  -10.928 1.00 26.78 ? 2095 HOH A O   1 
HETATM 1433 O O   . HOH B 2 .   ? -17.692 -5.010  -11.304 1.00 32.49 ? 2096 HOH A O   1 
HETATM 1434 O O   . HOH B 2 .   ? -14.583 -7.527  -6.980  1.00 20.95 ? 2097 HOH A O   1 
HETATM 1435 O O   . HOH B 2 .   ? -8.892  -8.349  -11.386 1.00 47.52 ? 2098 HOH A O   1 
HETATM 1436 O O   . HOH B 2 .   ? -20.347 -10.446 -10.790 1.00 27.52 ? 2099 HOH A O   1 
HETATM 1437 O O   . HOH B 2 .   ? -18.502 -11.940 -5.389  1.00 24.40 ? 2100 HOH A O   1 
HETATM 1438 O O   . HOH B 2 .   ? -22.073 -10.184 1.896   1.00 45.54 ? 2101 HOH A O   1 
HETATM 1439 O O   . HOH B 2 .   ? -22.683 -6.849  1.513   1.00 40.62 ? 2102 HOH A O   1 
HETATM 1440 O O   . HOH B 2 .   ? -17.489 -10.562 1.827   1.00 31.52 ? 2103 HOH A O   1 
HETATM 1441 O O   . HOH B 2 .   ? -17.675 -8.668  5.057   1.00 34.12 ? 2104 HOH A O   1 
HETATM 1442 O O   . HOH B 2 .   ? -10.663 -11.057 4.459   1.00 36.07 ? 2105 HOH A O   1 
HETATM 1443 O O   . HOH B 2 .   ? -12.427 -14.764 0.107   1.00 41.20 ? 2106 HOH A O   1 
HETATM 1444 O O   . HOH B 2 .   ? -12.050 -15.174 4.335   1.00 35.36 ? 2107 HOH A O   1 
HETATM 1445 O O   . HOH B 2 .   ? -18.576 -12.954 0.752   1.00 39.30 ? 2108 HOH A O   1 
HETATM 1446 O O   . HOH B 2 .   ? -12.084 -13.199 -2.266  1.00 32.24 ? 2109 HOH A O   1 
HETATM 1447 O O   . HOH B 2 .   ? -14.035 -9.195  -4.613  1.00 25.49 ? 2110 HOH A O   1 
HETATM 1448 O O   . HOH B 2 .   ? -14.114 -14.221 -3.981  1.00 37.35 ? 2111 HOH A O   1 
HETATM 1449 O O   . HOH B 2 .   ? -15.613 -14.707 -8.352  1.00 44.86 ? 2112 HOH A O   1 
HETATM 1450 O O   . HOH B 2 .   ? -2.836  6.598   16.036  1.00 50.15 ? 2113 HOH A O   1 
HETATM 1451 O O   . HOH B 2 .   ? -6.074  -13.447 -0.234  1.00 31.17 ? 2114 HOH A O   1 
HETATM 1452 O O   . HOH B 2 .   ? -6.306  -11.837 2.869   1.00 47.19 ? 2115 HOH A O   1 
HETATM 1453 O O   . HOH B 2 .   ? -10.876 -16.933 0.511   1.00 55.31 ? 2116 HOH A O   1 
HETATM 1454 O O   . HOH B 2 .   ? -6.385  -7.900  6.359   1.00 48.22 ? 2117 HOH A O   1 
HETATM 1455 O O   . HOH B 2 .   ? -8.265  -11.408 -6.853  1.00 42.47 ? 2118 HOH A O   1 
HETATM 1456 O O   . HOH B 2 .   ? -10.618 -12.474 -6.122  1.00 31.88 ? 2119 HOH A O   1 
HETATM 1457 O O   . HOH B 2 .   ? -1.943  -14.561 -5.334  1.00 39.87 ? 2120 HOH A O   1 
HETATM 1458 O O   . HOH B 2 .   ? -9.557  -14.247 -3.412  1.00 33.13 ? 2121 HOH A O   1 
HETATM 1459 O O   . HOH B 2 .   ? -3.515  -10.526 -10.616 1.00 38.71 ? 2122 HOH A O   1 
HETATM 1460 O O   . HOH B 2 .   ? -8.173  -10.546 -9.698  1.00 44.46 ? 2123 HOH A O   1 
HETATM 1461 O O   . HOH B 2 .   ? -7.516  -5.943  -12.143 1.00 38.01 ? 2124 HOH A O   1 
HETATM 1462 O O   . HOH B 2 .   ? -3.364  -4.510  -11.011 1.00 26.33 ? 2125 HOH A O   1 
HETATM 1463 O O   . HOH B 2 .   ? -1.201  -4.641  -9.230  1.00 22.26 ? 2126 HOH A O   1 
HETATM 1464 O O   . HOH B 2 .   ? -11.058 -0.914  7.280   1.00 49.04 ? 2127 HOH A O   1 
HETATM 1465 O O   . HOH B 2 .   ? -18.285 1.869   -9.062  1.00 50.39 ? 2128 HOH A O   1 
HETATM 1466 O O   . HOH B 2 .   ? -15.848 10.346  0.739   1.00 55.58 ? 2129 HOH A O   1 
HETATM 1467 O O   . HOH B 2 .   ? 3.604   -13.606 -5.040  1.00 52.21 ? 2130 HOH A O   1 
HETATM 1468 O O   . HOH B 2 .   ? 4.042   -10.108 -7.749  1.00 30.05 ? 2131 HOH A O   1 
HETATM 1469 O O   . HOH B 2 .   ? 2.670   -14.351 -9.883  1.00 51.25 ? 2132 HOH A O   1 
HETATM 1470 O O   . HOH B 2 .   ? 4.708   -10.644 -10.496 1.00 48.90 ? 2133 HOH A O   1 
HETATM 1471 O O   . HOH B 2 .   ? 4.086   -7.860  -11.309 1.00 38.71 ? 2134 HOH A O   1 
HETATM 1472 O O   . HOH B 2 .   ? -18.362 -3.955  5.896   1.00 43.64 ? 2135 HOH A O   1 
HETATM 1473 O O   . HOH B 2 .   ? -14.246 9.486   -1.456  1.00 35.88 ? 2136 HOH A O   1 
HETATM 1474 O O   . HOH B 2 .   ? -1.598  2.393   -9.829  1.00 21.96 ? 2137 HOH A O   1 
HETATM 1475 O O   . HOH B 2 .   ? 5.197   3.305   -13.835 1.00 29.64 ? 2138 HOH A O   1 
HETATM 1476 O O   . HOH B 2 .   ? 3.434   5.577   -13.601 1.00 23.56 ? 2139 HOH A O   1 
HETATM 1477 O O   . HOH B 2 .   ? 0.935   7.125   -10.979 1.00 40.59 ? 2140 HOH A O   1 
HETATM 1478 O O   . HOH B 2 .   ? 13.227  -10.011 5.187   1.00 42.92 ? 2141 HOH A O   1 
HETATM 1479 O O   . HOH B 2 .   ? 7.810   9.238   -10.694 1.00 50.39 ? 2142 HOH A O   1 
HETATM 1480 O O   . HOH B 2 .   ? 5.263   9.050   -10.802 1.00 48.33 ? 2143 HOH A O   1 
HETATM 1481 O O   . HOH B 2 .   ? 7.318   5.619   -14.511 1.00 35.63 ? 2144 HOH A O   1 
HETATM 1482 O O   . HOH B 2 .   ? 12.003  6.281   -16.493 1.00 64.74 ? 2145 HOH A O   1 
HETATM 1483 O O   . HOH B 2 .   ? 14.013  8.384   -14.364 1.00 37.25 ? 2146 HOH A O   1 
HETATM 1484 O O   . HOH B 2 .   ? 12.945  8.746   -7.215  1.00 32.10 ? 2147 HOH A O   1 
HETATM 1485 O O   . HOH B 2 .   ? -2.196  18.222  2.128   1.00 47.90 ? 2148 HOH A O   1 
HETATM 1486 O O   . HOH B 2 .   ? -11.254 6.018   -8.534  1.00 45.04 ? 2149 HOH A O   1 
HETATM 1487 O O   . HOH B 2 .   ? -12.335 9.067   -6.000  1.00 45.79 ? 2150 HOH A O   1 
HETATM 1488 O O   . HOH B 2 .   ? 19.792  3.603   -16.215 1.00 36.95 ? 2151 HOH A O   1 
HETATM 1489 O O   . HOH B 2 .   ? 21.907  5.344   -12.786 1.00 38.80 ? 2152 HOH A O   1 
HETATM 1490 O O   . HOH B 2 .   ? 12.713  9.996   -2.286  1.00 47.98 ? 2153 HOH A O   1 
HETATM 1491 O O   . HOH B 2 .   ? 21.354  -1.803  -9.593  1.00 34.99 ? 2154 HOH A O   1 
HETATM 1492 O O   . HOH B 2 .   ? 23.776  4.523   -10.603 1.00 57.97 ? 2155 HOH A O   1 
HETATM 1493 O O   . HOH B 2 .   ? 20.163  7.068   -4.617  1.00 49.89 ? 2156 HOH A O   1 
HETATM 1494 O O   . HOH B 2 .   ? 15.081  -11.770 3.867   1.00 49.43 ? 2157 HOH A O   1 
HETATM 1495 O O   . HOH B 2 .   ? 20.000  -11.862 6.406   1.00 52.42 ? 2158 HOH A O   1 
HETATM 1496 O O   . HOH B 2 .   ? 18.549  -2.270  -6.202  1.00 27.14 ? 2159 HOH A O   1 
HETATM 1497 O O   . HOH B 2 .   ? 7.218   -12.204 -1.431  1.00 46.83 ? 2160 HOH A O   1 
HETATM 1498 O O   . HOH B 2 .   ? 8.145   -11.623 -3.846  1.00 32.19 ? 2161 HOH A O   1 
HETATM 1499 O O   . HOH B 2 .   ? 14.034  2.413   -5.004  1.00 19.60 ? 2162 HOH A O   1 
HETATM 1500 O O   . HOH B 2 .   ? 13.635  -6.823  -10.641 1.00 32.48 ? 2163 HOH A O   1 
HETATM 1501 O O   . HOH B 2 .   ? 8.567   -10.334 -7.398  1.00 35.66 ? 2164 HOH A O   1 
HETATM 1502 O O   . HOH B 2 .   ? -1.528  5.006   -10.403 1.00 38.65 ? 2165 HOH A O   1 
HETATM 1503 O O   . HOH B 2 .   ? -5.697  3.390   -10.269 1.00 29.14 ? 2166 HOH A O   1 
HETATM 1504 O O   . HOH B 2 .   ? -2.505  0.862   -11.959 1.00 25.19 ? 2167 HOH A O   1 
HETATM 1505 O O   . HOH B 2 .   ? 10.888  -11.875 -7.082  1.00 39.31 ? 2168 HOH A O   1 
HETATM 1506 O O   . HOH B 2 .   ? -15.807 -5.055  -13.914 1.00 47.19 ? 2169 HOH A O   1 
HETATM 1507 O O   . HOH B 2 .   ? -19.768 -8.907  -13.098 1.00 44.95 ? 2170 HOH A O   1 
HETATM 1508 O O   . HOH B 2 .   ? -19.222 -13.096 -10.461 1.00 34.36 ? 2171 HOH A O   1 
HETATM 1509 O O   . HOH B 2 .   ? -18.193 -13.691 -7.762  1.00 44.58 ? 2172 HOH A O   1 
HETATM 1510 O O   . HOH B 2 .   ? 18.376  -10.759 -9.399  1.00 45.14 ? 2173 HOH A O   1 
HETATM 1511 O O   . HOH B 2 .   ? 16.466  -7.373  -12.163 1.00 32.91 ? 2174 HOH A O   1 
HETATM 1512 O O   . HOH B 2 .   ? -13.352 -14.619 -6.895  1.00 53.45 ? 2175 HOH A O   1 
HETATM 1513 O O   . HOH B 2 .   ? 18.807  1.262   -17.250 1.00 30.16 ? 2176 HOH A O   1 
HETATM 1514 O O   . HOH B 2 .   ? 15.530  3.014   -16.755 1.00 32.56 ? 2177 HOH A O   1 
HETATM 1515 O O   . HOH B 2 .   ? -6.238  -10.347 5.295   1.00 48.26 ? 2178 HOH A O   1 
HETATM 1516 O O   . HOH B 2 .   ? 6.557   -11.675 -6.317  1.00 47.87 ? 2179 HOH A O   1 
HETATM 1517 O O   . HOH B 2 .   ? 5.936   -6.344  -12.580 1.00 47.43 ? 2180 HOH A O   1 
HETATM 1518 O O   . HOH B 2 .   ? 9.053   10.712  -8.611  1.00 35.87 ? 2181 HOH A O   1 
HETATM 1519 O O   . HOH B 2 .   ? 5.153   7.440   -13.641 1.00 42.83 ? 2182 HOH A O   1 
HETATM 1520 O O   . HOH B 2 .   ? 12.916  3.796   -16.439 1.00 47.44 ? 2183 HOH A O   1 
HETATM 1521 O O   . HOH B 2 .   ? 11.653  10.878  -8.058  1.00 46.14 ? 2184 HOH A O   1 
HETATM 1522 O O   . HOH B 2 .   ? 18.867  4.900   -0.662  1.00 27.04 ? 2185 HOH A O   1 
HETATM 1523 O O   . HOH B 2 .   ? 20.801  2.441   -0.825  1.00 44.92 ? 2186 HOH A O   1 
HETATM 1524 O O   . HOH B 2 .   ? 19.744  3.040   8.863   1.00 43.95 ? 2187 HOH A O   1 
HETATM 1525 O O   . HOH B 2 .   ? 17.532  8.827   11.483  1.00 43.71 ? 2188 HOH A O   1 
# 
